data_8E70
#
_entry.id   8E70
#
loop_
_entity.id
_entity.type
_entity.pdbx_description
1 polymer 'dC75 RNA'
2 polymer 'Transcription termination factor Rho'
3 non-polymer "ADENOSINE-5'-DIPHOSPHATE"
4 non-polymer 'MAGNESIUM ION'
5 non-polymer 'BERYLLIUM TRIFLUORIDE ION'
#
loop_
_entity_poly.entity_id
_entity_poly.type
_entity_poly.pdbx_seq_one_letter_code
_entity_poly.pdbx_strand_id
1 'polydeoxyribonucleotide'
;(DC)(DC)(DC)(DC)(DC)(DC)(DC)(DC)(DC)(DC)(DC)(DC)(DC)(DC)(DC)(DT)(DC)(DC)(DC)(DC)
(DC)(DC)(DC)(DC)(DC)(DC)(DC)(DC)(DC)(DC)(DC)(DT)(DC)(DC)(DC)(DC)(DC)(DC)(DC)(DC)
(DC)(DC)(DC)(DC)(DC)(DC)(DC)(DT)(DC)(DC)(DC)(DC)(DC)(DC)(DC)(DC)(DC)(DC)(DC)(DC)
(DC)(DC)(DC)(DT)(DC)(DC)(DC)(DC)(DC)(DC)(DC)(DC)(DC)(DC)(DC)(DC)(DC)(DC)(DC)
;
8
2 'polypeptide(L)'
;MNLTELKNTPVSELITLGENMGLENLARMRKQDIIFAILKQHAKSGEDIFGDGVLEILQDGFGFLRSADSSYLAGPDDIY
VSPSQIRRFNLRTGDTISGKIRPPKEGERYFALLKVNEVNFDKPENARNKILFENLTPLHANSRLRMERGNGSTEDLTAR
VLDLASPIGRGQRGLIVAPPKAGKTMLLQNIAQSIAYNHPDCVLMVLLIDERPEEVTEMQRLVKGEVVASTFDEPASRHV
QVAEMVIEKAKRLVEHKKDVIILLDSITRLARAYNTVVPASGKVLTGGVDANALHRPKRFFGAARNVEEGGSLTIIATAL
IDTGSKMDEVIYEEFKGTGNMELHLSRKIAEKRVFPAIDYNRSGTRKEELLTTQEELQKMWILRKIIHPMGEIDAMEFLI
NKLAMTKTNDDFFEMMKRS
;
e,f,c,b,a,d
#
# COMPACT_ATOMS: atom_id res chain seq x y z
N MET B 1 60.80 -17.61 4.50
CA MET B 1 60.02 -17.21 3.32
C MET B 1 58.53 -17.35 3.58
N ASN B 2 57.92 -16.30 4.11
CA ASN B 2 56.50 -16.27 4.42
C ASN B 2 55.82 -15.18 3.61
N LEU B 3 54.56 -15.42 3.24
CA LEU B 3 53.84 -14.45 2.41
C LEU B 3 53.52 -13.19 3.19
N THR B 4 53.03 -13.33 4.42
CA THR B 4 52.67 -12.17 5.22
C THR B 4 53.90 -11.31 5.56
N GLU B 5 55.05 -11.95 5.73
CA GLU B 5 56.27 -11.19 6.01
C GLU B 5 56.65 -10.30 4.84
N LEU B 6 56.51 -10.81 3.61
CA LEU B 6 56.79 -9.99 2.44
C LEU B 6 55.69 -8.96 2.21
N LYS B 7 54.45 -9.26 2.63
CA LYS B 7 53.38 -8.29 2.52
C LYS B 7 53.54 -7.14 3.49
N ASN B 8 54.14 -7.38 4.66
CA ASN B 8 54.33 -6.31 5.64
C ASN B 8 55.51 -5.42 5.30
N THR B 9 56.44 -5.91 4.48
CA THR B 9 57.60 -5.11 4.10
C THR B 9 57.18 -3.93 3.23
N PRO B 10 57.89 -2.81 3.32
CA PRO B 10 57.53 -1.65 2.49
C PRO B 10 57.90 -1.87 1.03
N VAL B 11 57.50 -0.89 0.20
CA VAL B 11 57.70 -1.01 -1.24
C VAL B 11 59.17 -0.78 -1.59
N SER B 12 59.81 0.17 -0.90
CA SER B 12 61.19 0.53 -1.24
C SER B 12 62.15 -0.63 -1.01
N GLU B 13 62.02 -1.30 0.15
CA GLU B 13 62.89 -2.42 0.44
C GLU B 13 62.64 -3.59 -0.52
N LEU B 14 61.40 -3.82 -0.91
CA LEU B 14 61.12 -4.88 -1.88
C LEU B 14 61.70 -4.56 -3.24
N ILE B 15 61.62 -3.29 -3.66
CA ILE B 15 62.22 -2.89 -4.93
C ILE B 15 63.73 -3.06 -4.88
N THR B 16 64.34 -2.68 -3.75
CA THR B 16 65.79 -2.83 -3.61
C THR B 16 66.19 -4.31 -3.65
N LEU B 17 65.44 -5.16 -2.96
CA LEU B 17 65.74 -6.59 -2.95
C LEU B 17 65.59 -7.19 -4.35
N GLY B 18 64.53 -6.80 -5.06
CA GLY B 18 64.35 -7.29 -6.42
C GLY B 18 65.43 -6.82 -7.38
N GLU B 19 65.89 -5.58 -7.23
CA GLU B 19 66.99 -5.10 -8.06
C GLU B 19 68.29 -5.82 -7.71
N ASN B 20 68.50 -6.16 -6.44
CA ASN B 20 69.68 -6.93 -6.07
C ASN B 20 69.61 -8.35 -6.60
N MET B 21 68.41 -8.92 -6.70
CA MET B 21 68.28 -10.28 -7.21
C MET B 21 68.51 -10.34 -8.71
N GLY B 22 68.52 -9.20 -9.40
CA GLY B 22 68.77 -9.17 -10.82
C GLY B 22 67.58 -9.58 -11.67
N LEU B 23 66.50 -8.80 -11.59
CA LEU B 23 65.29 -9.07 -12.36
C LEU B 23 64.93 -7.82 -13.16
N GLU B 24 63.75 -7.84 -13.77
CA GLU B 24 63.27 -6.69 -14.52
C GLU B 24 63.02 -5.52 -13.59
N ASN B 25 63.03 -4.31 -14.16
CA ASN B 25 62.83 -3.08 -13.39
C ASN B 25 61.54 -3.14 -12.59
N LEU B 26 61.67 -3.07 -11.27
CA LEU B 26 60.53 -3.19 -10.36
C LEU B 26 59.94 -1.85 -9.95
N ALA B 27 60.56 -0.74 -10.35
CA ALA B 27 60.01 0.57 -10.01
C ALA B 27 58.65 0.79 -10.65
N ARG B 28 58.51 0.42 -11.92
CA ARG B 28 57.22 0.47 -12.63
C ARG B 28 56.49 -0.87 -12.53
N MET B 29 56.33 -1.37 -11.31
CA MET B 29 55.69 -2.66 -11.10
C MET B 29 54.88 -2.62 -9.81
N ARG B 30 53.83 -3.42 -9.76
CA ARG B 30 53.01 -3.51 -8.56
C ARG B 30 53.75 -4.28 -7.47
N LYS B 31 53.40 -3.98 -6.22
CA LYS B 31 54.03 -4.65 -5.08
C LYS B 31 53.75 -6.15 -5.10
N GLN B 32 52.53 -6.54 -5.47
CA GLN B 32 52.21 -7.95 -5.56
C GLN B 32 53.03 -8.65 -6.64
N ASP B 33 53.21 -7.99 -7.79
CA ASP B 33 54.04 -8.55 -8.84
C ASP B 33 55.50 -8.62 -8.41
N ILE B 34 55.97 -7.64 -7.64
CA ILE B 34 57.32 -7.68 -7.11
C ILE B 34 57.50 -8.89 -6.20
N ILE B 35 56.54 -9.10 -5.29
CA ILE B 35 56.62 -10.24 -4.38
C ILE B 35 56.57 -11.55 -5.16
N PHE B 36 55.74 -11.60 -6.20
CA PHE B 36 55.65 -12.81 -7.02
C PHE B 36 56.96 -13.11 -7.71
N ALA B 37 57.59 -12.08 -8.29
CA ALA B 37 58.87 -12.27 -8.97
C ALA B 37 59.97 -12.66 -7.98
N ILE B 38 59.95 -12.08 -6.78
CA ILE B 38 60.94 -12.43 -5.76
C ILE B 38 60.77 -13.89 -5.34
N LEU B 39 59.51 -14.33 -5.16
CA LEU B 39 59.27 -15.72 -4.80
C LEU B 39 59.71 -16.66 -5.91
N LYS B 40 59.45 -16.30 -7.17
CA LYS B 40 59.91 -17.11 -8.29
C LYS B 40 61.43 -17.24 -8.30
N GLN B 41 62.13 -16.10 -8.15
CA GLN B 41 63.58 -16.11 -8.19
C GLN B 41 64.17 -16.88 -7.01
N HIS B 42 63.50 -16.81 -5.85
CA HIS B 42 64.00 -17.53 -4.69
C HIS B 42 63.73 -19.03 -4.79
N ALA B 43 62.64 -19.42 -5.44
CA ALA B 43 62.35 -20.83 -5.65
C ALA B 43 63.18 -21.44 -6.77
N LYS B 44 63.66 -20.62 -7.72
CA LYS B 44 64.56 -21.13 -8.74
C LYS B 44 65.88 -21.61 -8.15
N SER B 45 66.26 -21.08 -6.98
CA SER B 45 67.49 -21.52 -6.32
C SER B 45 67.30 -22.83 -5.57
N GLY B 46 66.07 -23.31 -5.41
CA GLY B 46 65.82 -24.55 -4.73
C GLY B 46 65.26 -24.43 -3.33
N GLU B 47 65.17 -23.21 -2.78
CA GLU B 47 64.66 -23.03 -1.44
C GLU B 47 63.14 -23.20 -1.41
N ASP B 48 62.62 -23.42 -0.20
CA ASP B 48 61.19 -23.63 -0.02
C ASP B 48 60.48 -22.32 0.28
N ILE B 49 59.20 -22.27 -0.07
CA ILE B 49 58.36 -21.10 0.18
C ILE B 49 57.16 -21.53 1.01
N PHE B 50 56.80 -20.70 1.99
CA PHE B 50 55.70 -20.98 2.89
C PHE B 50 54.65 -19.88 2.79
N GLY B 51 53.40 -20.24 3.02
CA GLY B 51 52.31 -19.31 2.97
C GLY B 51 51.22 -19.72 3.95
N ASP B 52 50.18 -18.89 4.03
CA ASP B 52 49.06 -19.14 4.94
C ASP B 52 47.86 -18.34 4.44
N GLY B 53 46.71 -18.63 5.03
CA GLY B 53 45.48 -17.94 4.67
C GLY B 53 44.28 -18.76 5.06
N VAL B 54 43.11 -18.13 4.91
CA VAL B 54 41.83 -18.75 5.22
C VAL B 54 41.31 -19.45 3.97
N LEU B 55 40.85 -20.68 4.14
CA LEU B 55 40.40 -21.49 3.01
C LEU B 55 39.00 -21.08 2.58
N GLU B 56 38.80 -20.98 1.26
CA GLU B 56 37.50 -20.66 0.66
C GLU B 56 37.22 -21.72 -0.41
N ILE B 57 36.50 -22.78 -0.02
CA ILE B 57 36.19 -23.85 -0.95
C ILE B 57 35.16 -23.38 -1.96
N LEU B 58 35.48 -23.53 -3.24
CA LEU B 58 34.55 -23.15 -4.30
C LEU B 58 33.49 -24.23 -4.50
N GLN B 59 32.51 -23.91 -5.36
CA GLN B 59 31.43 -24.86 -5.62
C GLN B 59 31.90 -26.04 -6.44
N ASP B 60 32.93 -25.87 -7.27
CA ASP B 60 33.40 -26.97 -8.10
C ASP B 60 34.11 -28.02 -7.26
N GLY B 61 34.86 -27.61 -6.25
CA GLY B 61 35.56 -28.55 -5.40
C GLY B 61 36.93 -28.09 -4.96
N PHE B 62 37.50 -27.13 -5.67
CA PHE B 62 38.80 -26.57 -5.34
C PHE B 62 38.61 -25.37 -4.41
N GLY B 63 39.70 -24.67 -4.11
CA GLY B 63 39.61 -23.51 -3.22
C GLY B 63 40.89 -22.71 -3.24
N PHE B 64 40.85 -21.58 -2.54
CA PHE B 64 41.98 -20.69 -2.42
C PHE B 64 42.19 -20.30 -0.97
N LEU B 65 43.33 -19.69 -0.69
CA LEU B 65 43.68 -19.21 0.65
C LEU B 65 43.66 -17.68 0.61
N ARG B 66 42.53 -17.11 1.02
CA ARG B 66 42.38 -15.66 1.04
C ARG B 66 43.26 -15.04 2.12
N SER B 67 43.55 -13.75 1.95
CA SER B 67 44.36 -13.00 2.89
C SER B 67 43.49 -12.02 3.67
N ALA B 68 43.88 -11.75 4.91
CA ALA B 68 43.10 -10.88 5.77
C ALA B 68 43.34 -9.40 5.50
N ASP B 69 44.53 -9.04 4.99
CA ASP B 69 44.85 -7.65 4.73
C ASP B 69 44.07 -7.09 3.54
N SER B 70 43.51 -7.95 2.70
CA SER B 70 42.76 -7.52 1.53
C SER B 70 41.26 -7.77 1.70
N SER B 71 40.80 -7.98 2.93
CA SER B 71 39.39 -8.21 3.22
C SER B 71 38.85 -9.41 2.45
N TYR B 72 39.67 -10.45 2.34
CA TYR B 72 39.30 -11.70 1.67
C TYR B 72 38.85 -11.46 0.23
N LEU B 73 39.61 -10.61 -0.47
CA LEU B 73 39.34 -10.32 -1.86
C LEU B 73 40.18 -11.23 -2.76
N ALA B 74 39.62 -11.56 -3.93
CA ALA B 74 40.31 -12.43 -4.87
C ALA B 74 41.59 -11.79 -5.38
N GLY B 75 42.73 -12.37 -4.99
CA GLY B 75 44.02 -11.84 -5.39
C GLY B 75 44.80 -12.80 -6.25
N PRO B 76 45.77 -12.27 -7.00
CA PRO B 76 46.60 -13.17 -7.83
C PRO B 76 47.51 -14.06 -7.03
N ASP B 77 47.83 -13.70 -5.78
CA ASP B 77 48.74 -14.47 -4.94
C ASP B 77 48.01 -15.48 -4.07
N ASP B 78 46.79 -15.88 -4.45
CA ASP B 78 46.06 -16.89 -3.70
C ASP B 78 46.66 -18.26 -3.93
N ILE B 79 46.70 -19.07 -2.88
CA ILE B 79 47.28 -20.40 -2.95
C ILE B 79 46.19 -21.39 -3.35
N TYR B 80 46.41 -22.08 -4.46
CA TYR B 80 45.45 -23.08 -4.93
C TYR B 80 45.48 -24.30 -4.03
N VAL B 81 44.30 -24.81 -3.70
CA VAL B 81 44.14 -26.00 -2.87
C VAL B 81 43.40 -27.04 -3.69
N SER B 82 44.06 -28.14 -4.01
CA SER B 82 43.46 -29.18 -4.82
C SER B 82 42.34 -29.87 -4.02
N PRO B 83 41.30 -30.36 -4.70
CA PRO B 83 40.24 -31.08 -3.98
C PRO B 83 40.70 -32.40 -3.39
N SER B 84 41.78 -32.97 -3.92
CA SER B 84 42.31 -34.22 -3.38
C SER B 84 42.77 -34.03 -1.94
N GLN B 85 43.52 -32.95 -1.66
CA GLN B 85 43.94 -32.69 -0.30
C GLN B 85 42.75 -32.35 0.59
N ILE B 86 41.74 -31.67 0.03
CA ILE B 86 40.54 -31.35 0.79
C ILE B 86 39.84 -32.63 1.24
N ARG B 87 39.77 -33.60 0.34
CA ARG B 87 39.12 -34.91 0.57
C ARG B 87 39.99 -35.77 1.49
N ARG B 88 41.31 -35.52 1.51
CA ARG B 88 42.28 -36.30 2.32
C ARG B 88 42.33 -35.80 3.77
N PHE B 89 42.13 -34.49 3.98
CA PHE B 89 42.20 -33.91 5.30
C PHE B 89 40.86 -33.39 5.80
N ASN B 90 39.78 -33.58 5.03
CA ASN B 90 38.44 -33.13 5.40
C ASN B 90 38.43 -31.63 5.71
N LEU B 91 38.97 -30.86 4.78
CA LEU B 91 39.02 -29.41 4.94
C LEU B 91 37.69 -28.78 4.57
N ARG B 92 37.37 -27.69 5.26
CA ARG B 92 36.13 -26.95 5.00
C ARG B 92 36.44 -25.46 4.96
N THR B 93 35.47 -24.69 4.50
CA THR B 93 35.62 -23.25 4.40
C THR B 93 35.82 -22.63 5.77
N GLY B 94 36.95 -21.94 5.96
CA GLY B 94 37.29 -21.31 7.21
C GLY B 94 38.51 -21.88 7.90
N ASP B 95 38.95 -23.08 7.51
CA ASP B 95 40.10 -23.71 8.14
C ASP B 95 41.37 -22.95 7.78
N THR B 96 42.10 -22.49 8.80
CA THR B 96 43.37 -21.81 8.57
C THR B 96 44.44 -22.85 8.22
N ILE B 97 45.04 -22.72 7.04
CA ILE B 97 46.03 -23.67 6.54
C ILE B 97 47.35 -22.93 6.35
N SER B 98 48.42 -23.53 6.86
CA SER B 98 49.76 -22.97 6.74
C SER B 98 50.71 -24.11 6.35
N GLY B 99 51.25 -24.03 5.13
CA GLY B 99 52.14 -25.08 4.67
C GLY B 99 53.03 -24.58 3.55
N LYS B 100 53.88 -25.48 3.07
CA LYS B 100 54.81 -25.14 1.99
C LYS B 100 54.05 -24.93 0.69
N ILE B 101 54.47 -23.93 -0.08
CA ILE B 101 53.87 -23.60 -1.36
C ILE B 101 54.96 -23.53 -2.42
N ARG B 102 54.55 -23.55 -3.68
CA ARG B 102 55.45 -23.48 -4.81
C ARG B 102 54.88 -22.52 -5.85
N PRO B 103 55.74 -21.81 -6.58
CA PRO B 103 55.26 -20.91 -7.63
C PRO B 103 54.58 -21.68 -8.74
N PRO B 104 53.67 -21.05 -9.48
CA PRO B 104 52.98 -21.76 -10.56
C PRO B 104 53.92 -22.07 -11.72
N LYS B 105 53.77 -23.27 -12.26
CA LYS B 105 54.58 -23.71 -13.40
C LYS B 105 53.99 -23.15 -14.69
N GLU B 106 54.47 -23.64 -15.82
CA GLU B 106 53.97 -23.20 -17.12
C GLU B 106 52.54 -23.69 -17.30
N GLY B 107 51.61 -22.76 -17.49
CA GLY B 107 50.21 -23.09 -17.62
C GLY B 107 49.40 -22.97 -16.35
N GLU B 108 50.01 -22.52 -15.26
CA GLU B 108 49.34 -22.32 -13.99
C GLU B 108 49.36 -20.84 -13.63
N ARG B 109 48.43 -20.44 -12.75
CA ARG B 109 48.29 -19.04 -12.38
C ARG B 109 48.33 -18.82 -10.87
N TYR B 110 48.37 -19.86 -10.06
CA TYR B 110 48.33 -19.72 -8.61
C TYR B 110 49.27 -20.71 -7.96
N PHE B 111 49.68 -20.39 -6.73
CA PHE B 111 50.58 -21.25 -5.98
C PHE B 111 49.87 -22.54 -5.57
N ALA B 112 50.62 -23.64 -5.58
CA ALA B 112 50.09 -24.94 -5.20
C ALA B 112 50.55 -25.31 -3.79
N LEU B 113 49.75 -26.14 -3.12
CA LEU B 113 50.03 -26.58 -1.76
C LEU B 113 50.56 -28.01 -1.81
N LEU B 114 51.76 -28.21 -1.27
CA LEU B 114 52.39 -29.53 -1.24
C LEU B 114 52.13 -30.26 0.06
N LYS B 115 52.50 -29.67 1.19
CA LYS B 115 52.34 -30.28 2.50
C LYS B 115 51.83 -29.26 3.49
N VAL B 116 50.77 -29.62 4.21
CA VAL B 116 50.18 -28.75 5.22
C VAL B 116 50.88 -28.99 6.55
N ASN B 117 51.31 -27.90 7.19
CA ASN B 117 52.07 -28.00 8.43
C ASN B 117 51.21 -27.74 9.67
N GLU B 118 50.30 -26.77 9.60
CA GLU B 118 49.50 -26.39 10.75
C GLU B 118 48.09 -26.07 10.31
N VAL B 119 47.10 -26.62 11.03
CA VAL B 119 45.69 -26.44 10.72
C VAL B 119 45.03 -25.72 11.89
N ASN B 120 44.42 -24.57 11.62
CA ASN B 120 43.71 -23.79 12.64
C ASN B 120 44.62 -23.46 13.81
N PHE B 121 45.87 -23.14 13.51
CA PHE B 121 46.88 -22.80 14.51
C PHE B 121 47.04 -23.95 15.52
N ASP B 122 46.97 -25.17 15.03
CA ASP B 122 47.08 -26.35 15.88
C ASP B 122 47.54 -27.52 15.02
N LYS B 123 47.83 -28.64 15.68
CA LYS B 123 48.28 -29.83 14.96
C LYS B 123 47.13 -30.44 14.18
N PRO B 124 47.39 -31.00 12.99
CA PRO B 124 46.32 -31.67 12.24
C PRO B 124 45.74 -32.87 12.97
N GLU B 125 46.49 -33.50 13.87
CA GLU B 125 45.97 -34.63 14.60
C GLU B 125 44.88 -34.21 15.58
N ASN B 126 44.88 -32.95 16.01
CA ASN B 126 43.81 -32.43 16.86
C ASN B 126 42.64 -31.90 16.05
N ALA B 127 42.85 -31.57 14.78
CA ALA B 127 41.79 -31.05 13.93
C ALA B 127 41.03 -32.16 13.20
N ARG B 128 41.69 -33.30 12.97
CA ARG B 128 41.01 -34.41 12.29
C ARG B 128 39.87 -34.95 13.14
N ASN B 129 40.00 -34.90 14.45
CA ASN B 129 38.95 -35.34 15.38
C ASN B 129 38.40 -34.10 16.09
N LYS B 130 37.20 -33.69 15.69
CA LYS B 130 36.59 -32.50 16.26
C LYS B 130 35.08 -32.58 16.10
N ILE B 131 34.37 -31.84 16.95
CA ILE B 131 32.92 -31.78 16.93
C ILE B 131 32.49 -30.57 16.13
N LEU B 132 31.52 -30.76 15.25
CA LEU B 132 31.03 -29.68 14.41
C LEU B 132 30.34 -28.61 15.25
N PHE B 133 30.26 -27.40 14.70
CA PHE B 133 29.62 -26.30 15.41
C PHE B 133 28.12 -26.50 15.53
N GLU B 134 27.51 -27.20 14.58
CA GLU B 134 26.07 -27.44 14.61
C GLU B 134 25.65 -28.42 15.70
N ASN B 135 26.61 -29.12 16.31
CA ASN B 135 26.29 -30.11 17.35
C ASN B 135 26.58 -29.60 18.75
N LEU B 136 27.22 -28.45 18.90
CA LEU B 136 27.54 -27.93 20.22
C LEU B 136 26.27 -27.49 20.95
N THR B 137 26.21 -27.77 22.24
CA THR B 137 25.03 -27.44 23.03
C THR B 137 25.02 -25.97 23.40
N PRO B 138 24.01 -25.20 22.97
CA PRO B 138 23.98 -23.78 23.32
C PRO B 138 23.68 -23.58 24.80
N LEU B 139 24.05 -22.40 25.31
CA LEU B 139 23.78 -22.03 26.68
C LEU B 139 23.68 -20.51 26.76
N HIS B 140 23.20 -20.03 27.91
CA HIS B 140 23.11 -18.60 28.15
C HIS B 140 24.46 -18.02 28.52
N ALA B 141 24.55 -16.69 28.54
CA ALA B 141 25.78 -16.02 28.92
C ALA B 141 26.10 -16.28 30.38
N ASN B 142 27.23 -16.95 30.61
CA ASN B 142 27.67 -17.29 31.97
C ASN B 142 28.82 -16.40 32.43
N SER B 143 29.89 -16.31 31.65
CA SER B 143 31.02 -15.48 32.01
C SER B 143 30.71 -14.01 31.80
N ARG B 144 31.15 -13.17 32.73
CA ARG B 144 30.89 -11.74 32.67
C ARG B 144 32.02 -11.05 31.91
N LEU B 145 31.68 -10.33 30.84
CA LEU B 145 32.63 -9.54 30.08
C LEU B 145 32.44 -8.07 30.46
N ARG B 146 33.10 -7.69 31.56
CA ARG B 146 32.98 -6.32 32.06
C ARG B 146 33.64 -5.35 31.10
N MET B 147 32.94 -4.25 30.81
CA MET B 147 33.41 -3.24 29.86
C MET B 147 34.02 -2.03 30.54
N GLU B 148 33.96 -1.94 31.86
CA GLU B 148 34.48 -0.79 32.59
C GLU B 148 36.00 -0.78 32.54
N ARG B 149 36.57 0.37 32.17
CA ARG B 149 38.03 0.51 32.13
C ARG B 149 38.63 0.42 33.52
N GLY B 150 38.20 1.29 34.42
CA GLY B 150 38.75 1.35 35.76
C GLY B 150 39.88 2.32 35.95
N ASN B 151 40.35 2.96 34.89
CA ASN B 151 41.44 3.93 34.97
C ASN B 151 40.97 5.34 35.34
N GLY B 152 39.67 5.52 35.53
CA GLY B 152 39.16 6.84 35.89
C GLY B 152 39.20 7.86 34.77
N SER B 153 39.23 7.41 33.52
CA SER B 153 39.26 8.32 32.39
C SER B 153 37.88 8.90 32.13
N THR B 154 37.87 10.05 31.45
CA THR B 154 36.59 10.70 31.14
C THR B 154 35.80 9.90 30.10
N GLU B 155 36.47 9.13 29.25
CA GLU B 155 35.78 8.32 28.27
C GLU B 155 35.18 7.06 28.88
N ASP B 156 35.55 6.72 30.12
CA ASP B 156 35.01 5.54 30.79
C ASP B 156 33.54 5.72 31.17
N LEU B 157 33.00 6.94 31.07
CA LEU B 157 31.59 7.16 31.40
C LEU B 157 30.67 6.36 30.50
N THR B 158 31.03 6.27 29.21
CA THR B 158 30.22 5.48 28.28
C THR B 158 30.19 4.01 28.67
N ALA B 159 31.37 3.46 29.00
CA ALA B 159 31.43 2.06 29.42
C ALA B 159 30.67 1.83 30.72
N ARG B 160 30.74 2.79 31.64
CA ARG B 160 30.01 2.66 32.91
C ARG B 160 28.51 2.67 32.66
N VAL B 161 28.03 3.57 31.80
CA VAL B 161 26.61 3.62 31.49
C VAL B 161 26.18 2.35 30.78
N LEU B 162 27.03 1.80 29.91
CA LEU B 162 26.70 0.57 29.21
C LEU B 162 26.60 -0.60 30.20
N ASP B 163 27.52 -0.65 31.17
CA ASP B 163 27.47 -1.71 32.17
C ASP B 163 26.24 -1.56 33.07
N LEU B 164 25.86 -0.33 33.41
CA LEU B 164 24.68 -0.12 34.23
C LEU B 164 23.40 -0.38 33.46
N ALA B 165 23.43 -0.27 32.13
CA ALA B 165 22.23 -0.46 31.34
C ALA B 165 22.09 -1.88 30.84
N SER B 166 23.15 -2.46 30.29
CA SER B 166 23.10 -3.78 29.69
C SER B 166 24.47 -4.43 29.76
N PRO B 167 24.73 -5.21 30.81
CA PRO B 167 25.99 -5.95 30.88
C PRO B 167 26.06 -6.99 29.77
N ILE B 168 27.28 -7.20 29.27
CA ILE B 168 27.53 -8.09 28.14
C ILE B 168 28.37 -9.27 28.62
N GLY B 169 27.97 -10.48 28.24
CA GLY B 169 28.71 -11.68 28.57
C GLY B 169 29.11 -12.44 27.32
N ARG B 170 29.80 -13.55 27.54
CA ARG B 170 30.25 -14.39 26.43
C ARG B 170 29.05 -15.09 25.79
N GLY B 171 29.00 -15.06 24.47
CA GLY B 171 27.90 -15.66 23.73
C GLY B 171 26.67 -14.80 23.59
N GLN B 172 26.74 -13.54 23.97
CA GLN B 172 25.59 -12.65 23.90
C GLN B 172 25.26 -12.32 22.45
N ARG B 173 23.96 -12.15 22.17
CA ARG B 173 23.45 -11.81 20.85
C ARG B 173 22.54 -10.60 20.99
N GLY B 174 23.13 -9.41 20.91
CA GLY B 174 22.43 -8.16 21.13
C GLY B 174 22.24 -7.35 19.86
N LEU B 175 21.62 -6.19 20.06
CA LEU B 175 21.33 -5.25 18.97
C LEU B 175 21.51 -3.82 19.46
N ILE B 176 22.16 -2.99 18.65
CA ILE B 176 22.34 -1.59 18.97
C ILE B 176 21.42 -0.81 18.04
N VAL B 177 20.22 -0.53 18.52
CA VAL B 177 19.21 0.20 17.74
C VAL B 177 19.42 1.69 17.94
N ALA B 178 19.58 2.42 16.83
CA ALA B 178 19.85 3.85 16.90
C ALA B 178 19.53 4.48 15.56
N PRO B 179 18.86 5.62 15.54
CA PRO B 179 18.66 6.36 14.28
C PRO B 179 19.98 6.92 13.79
N PRO B 180 20.04 7.35 12.53
CA PRO B 180 21.29 7.92 12.02
C PRO B 180 21.64 9.23 12.72
N LYS B 181 22.92 9.58 12.64
CA LYS B 181 23.47 10.78 13.28
C LYS B 181 23.22 10.79 14.79
N ALA B 182 23.42 9.64 15.44
CA ALA B 182 23.23 9.52 16.87
C ALA B 182 24.55 9.37 17.63
N GLY B 183 25.59 8.82 17.01
CA GLY B 183 26.84 8.59 17.68
C GLY B 183 27.24 7.13 17.71
N LYS B 184 26.77 6.37 16.72
CA LYS B 184 27.07 4.94 16.67
C LYS B 184 28.56 4.70 16.47
N THR B 185 29.23 5.57 15.71
CA THR B 185 30.65 5.38 15.43
C THR B 185 31.48 5.48 16.70
N MET B 186 31.30 6.57 17.47
CA MET B 186 32.04 6.75 18.70
C MET B 186 31.72 5.65 19.71
N LEU B 187 30.45 5.24 19.78
CA LEU B 187 30.07 4.19 20.70
C LEU B 187 30.73 2.86 20.33
N LEU B 188 30.77 2.53 19.05
CA LEU B 188 31.42 1.31 18.61
C LEU B 188 32.93 1.37 18.86
N GLN B 189 33.54 2.54 18.63
CA GLN B 189 34.96 2.70 18.91
C GLN B 189 35.25 2.49 20.39
N ASN B 190 34.42 3.07 21.26
CA ASN B 190 34.62 2.91 22.70
C ASN B 190 34.44 1.46 23.12
N ILE B 191 33.44 0.77 22.55
CA ILE B 191 33.22 -0.63 22.88
C ILE B 191 34.42 -1.46 22.45
N ALA B 192 34.94 -1.23 21.24
CA ALA B 192 36.08 -2.00 20.76
C ALA B 192 37.32 -1.73 21.60
N GLN B 193 37.55 -0.47 21.98
CA GLN B 193 38.70 -0.15 22.82
C GLN B 193 38.58 -0.78 24.20
N SER B 194 37.38 -0.75 24.78
CA SER B 194 37.19 -1.37 26.08
C SER B 194 37.36 -2.89 26.02
N ILE B 195 36.92 -3.51 24.93
CA ILE B 195 37.11 -4.96 24.77
C ILE B 195 38.59 -5.28 24.63
N ALA B 196 39.32 -4.48 23.83
CA ALA B 196 40.74 -4.74 23.64
C ALA B 196 41.54 -4.47 24.91
N TYR B 197 41.08 -3.56 25.76
CA TYR B 197 41.80 -3.23 26.98
C TYR B 197 41.50 -4.20 28.11
N ASN B 198 40.22 -4.51 28.34
CA ASN B 198 39.84 -5.36 29.47
C ASN B 198 40.08 -6.83 29.17
N HIS B 199 39.71 -7.29 27.97
CA HIS B 199 39.83 -8.70 27.59
C HIS B 199 40.65 -8.81 26.32
N PRO B 200 41.98 -8.71 26.44
CA PRO B 200 42.84 -8.84 25.25
C PRO B 200 42.96 -10.26 24.73
N ASP B 201 42.54 -11.27 25.50
CA ASP B 201 42.66 -12.66 25.07
C ASP B 201 41.61 -13.05 24.04
N CYS B 202 40.49 -12.33 23.99
CA CYS B 202 39.42 -12.67 23.05
C CYS B 202 39.77 -12.19 21.64
N VAL B 203 39.29 -12.95 20.65
CA VAL B 203 39.53 -12.62 19.25
C VAL B 203 38.48 -11.61 18.81
N LEU B 204 38.91 -10.37 18.58
CA LEU B 204 38.02 -9.29 18.17
C LEU B 204 38.01 -9.16 16.66
N MET B 205 36.82 -9.14 16.08
CA MET B 205 36.65 -8.99 14.63
C MET B 205 35.57 -7.96 14.38
N VAL B 206 35.94 -6.90 13.66
CA VAL B 206 35.02 -5.80 13.35
C VAL B 206 34.65 -5.89 11.88
N LEU B 207 33.38 -6.08 11.60
CA LEU B 207 32.87 -6.19 10.23
C LEU B 207 32.13 -4.90 9.87
N LEU B 208 32.59 -4.24 8.80
CA LEU B 208 31.99 -3.00 8.33
C LEU B 208 31.64 -3.18 6.86
N ILE B 209 30.36 -3.42 6.56
CA ILE B 209 29.88 -3.66 5.22
C ILE B 209 29.18 -2.40 4.71
N ASP B 210 29.52 -1.99 3.49
CA ASP B 210 28.86 -0.87 2.82
C ASP B 210 29.04 0.43 3.62
N GLU B 211 30.28 0.75 3.94
CA GLU B 211 30.58 1.98 4.72
C GLU B 211 31.52 2.87 3.90
N ARG B 212 31.65 4.14 4.29
CA ARG B 212 32.56 5.06 3.58
C ARG B 212 34.00 4.70 3.97
N PRO B 213 34.91 4.54 2.99
CA PRO B 213 36.28 4.08 3.30
C PRO B 213 37.00 4.92 4.36
N GLU B 214 36.96 6.26 4.30
CA GLU B 214 37.56 7.01 5.39
C GLU B 214 37.25 6.39 6.75
N GLU B 215 35.99 6.03 7.00
CA GLU B 215 35.66 5.35 8.24
C GLU B 215 36.34 4.00 8.36
N VAL B 216 36.51 3.29 7.24
CA VAL B 216 37.20 2.00 7.26
C VAL B 216 38.65 2.18 7.70
N THR B 217 39.36 3.10 7.07
CA THR B 217 40.78 3.29 7.41
C THR B 217 40.93 3.93 8.77
N GLU B 218 39.89 4.62 9.25
CA GLU B 218 39.91 5.14 10.62
C GLU B 218 39.79 4.00 11.63
N MET B 219 38.81 3.13 11.43
CA MET B 219 38.62 1.99 12.35
C MET B 219 39.82 1.05 12.32
N GLN B 220 40.44 0.90 11.14
CA GLN B 220 41.57 -0.01 11.03
C GLN B 220 42.78 0.49 11.80
N ARG B 221 42.95 1.80 11.91
CA ARG B 221 44.08 2.40 12.61
C ARG B 221 43.75 2.83 14.03
N LEU B 222 42.58 2.44 14.55
CA LEU B 222 42.15 2.84 15.88
C LEU B 222 42.00 1.68 16.85
N VAL B 223 41.40 0.58 16.41
CA VAL B 223 41.14 -0.56 17.29
C VAL B 223 42.34 -1.50 17.24
N LYS B 224 42.52 -2.25 18.33
CA LYS B 224 43.62 -3.22 18.43
C LYS B 224 43.08 -4.62 18.13
N GLY B 225 42.89 -4.87 16.85
CA GLY B 225 42.38 -6.16 16.42
C GLY B 225 42.30 -6.26 14.92
N GLU B 226 41.53 -7.23 14.44
CA GLU B 226 41.35 -7.48 13.03
C GLU B 226 40.15 -6.70 12.51
N VAL B 227 40.32 -6.08 11.34
CA VAL B 227 39.28 -5.27 10.73
C VAL B 227 39.07 -5.77 9.30
N VAL B 228 37.91 -6.38 9.05
CA VAL B 228 37.52 -6.82 7.72
C VAL B 228 36.32 -5.98 7.29
N ALA B 229 36.50 -5.18 6.24
CA ALA B 229 35.48 -4.25 5.80
C ALA B 229 35.30 -4.35 4.29
N SER B 230 34.17 -3.80 3.82
CA SER B 230 33.85 -3.78 2.39
C SER B 230 33.07 -2.50 2.12
N THR B 231 33.74 -1.56 1.43
CA THR B 231 33.15 -0.26 1.16
C THR B 231 31.97 -0.39 0.20
N PHE B 232 31.22 0.71 0.06
CA PHE B 232 30.05 0.72 -0.81
C PHE B 232 30.40 0.62 -2.28
N ASP B 233 31.66 0.86 -2.66
CA ASP B 233 32.08 0.75 -4.05
C ASP B 233 32.07 -0.70 -4.54
N GLU B 234 31.89 -1.66 -3.66
CA GLU B 234 31.87 -3.07 -4.05
C GLU B 234 30.42 -3.56 -4.15
N PRO B 235 30.15 -4.51 -5.04
CA PRO B 235 28.79 -5.03 -5.17
C PRO B 235 28.37 -5.85 -3.95
N ALA B 236 27.08 -6.16 -3.90
CA ALA B 236 26.54 -6.92 -2.78
C ALA B 236 27.08 -8.34 -2.75
N SER B 237 27.55 -8.85 -3.90
CA SER B 237 28.12 -10.19 -3.93
C SER B 237 29.36 -10.27 -3.04
N ARG B 238 30.23 -9.26 -3.10
CA ARG B 238 31.41 -9.26 -2.24
C ARG B 238 31.01 -9.12 -0.78
N HIS B 239 29.94 -8.37 -0.51
CA HIS B 239 29.43 -8.27 0.86
C HIS B 239 29.01 -9.64 1.39
N VAL B 240 28.25 -10.37 0.59
CA VAL B 240 27.80 -11.70 0.99
C VAL B 240 29.00 -12.63 1.19
N GLN B 241 29.97 -12.56 0.27
CA GLN B 241 31.15 -13.41 0.37
C GLN B 241 31.95 -13.11 1.64
N VAL B 242 32.13 -11.83 1.95
CA VAL B 242 32.87 -11.45 3.15
C VAL B 242 32.13 -11.90 4.40
N ALA B 243 30.81 -11.71 4.43
CA ALA B 243 30.04 -12.16 5.58
C ALA B 243 30.15 -13.68 5.78
N GLU B 244 30.05 -14.43 4.68
CA GLU B 244 30.17 -15.88 4.78
C GLU B 244 31.55 -16.30 5.27
N MET B 245 32.61 -15.69 4.72
CA MET B 245 33.96 -16.03 5.15
C MET B 245 34.16 -15.70 6.63
N VAL B 246 33.67 -14.55 7.08
CA VAL B 246 33.84 -14.16 8.48
C VAL B 246 33.09 -15.12 9.40
N ILE B 247 31.85 -15.47 9.05
CA ILE B 247 31.10 -16.35 9.94
C ILE B 247 31.67 -17.76 9.92
N GLU B 248 32.21 -18.21 8.78
CA GLU B 248 32.83 -19.53 8.74
C GLU B 248 34.11 -19.57 9.56
N LYS B 249 34.93 -18.51 9.48
CA LYS B 249 36.12 -18.44 10.31
C LYS B 249 35.76 -18.39 11.79
N ALA B 250 34.69 -17.66 12.13
CA ALA B 250 34.26 -17.60 13.53
C ALA B 250 33.82 -18.97 14.01
N LYS B 251 33.07 -19.70 13.19
CA LYS B 251 32.64 -21.05 13.58
C LYS B 251 33.84 -21.97 13.74
N ARG B 252 34.80 -21.91 12.82
CA ARG B 252 35.97 -22.77 12.91
C ARG B 252 36.80 -22.44 14.15
N LEU B 253 36.86 -21.16 14.53
CA LEU B 253 37.58 -20.80 15.75
C LEU B 253 36.85 -21.27 16.99
N VAL B 254 35.52 -21.12 17.02
CA VAL B 254 34.74 -21.58 18.17
C VAL B 254 34.84 -23.10 18.31
N GLU B 255 34.95 -23.80 17.19
CA GLU B 255 35.12 -25.26 17.26
C GLU B 255 36.39 -25.66 17.98
N HIS B 256 37.40 -24.78 18.04
CA HIS B 256 38.62 -25.03 18.79
C HIS B 256 38.62 -24.36 20.16
N LYS B 257 37.43 -24.12 20.72
CA LYS B 257 37.28 -23.54 22.06
C LYS B 257 37.93 -22.15 22.14
N LYS B 258 37.60 -21.29 21.19
CA LYS B 258 38.09 -19.91 21.18
C LYS B 258 36.92 -18.95 21.41
N ASP B 259 37.25 -17.79 21.99
CA ASP B 259 36.27 -16.76 22.29
C ASP B 259 36.30 -15.73 21.17
N VAL B 260 35.33 -15.81 20.26
CA VAL B 260 35.24 -14.91 19.12
C VAL B 260 34.24 -13.80 19.43
N ILE B 261 34.59 -12.58 19.07
CA ILE B 261 33.73 -11.41 19.25
C ILE B 261 33.61 -10.71 17.91
N ILE B 262 32.37 -10.56 17.44
CA ILE B 262 32.08 -9.94 16.15
C ILE B 262 31.26 -8.68 16.40
N LEU B 263 31.81 -7.53 16.03
CA LEU B 263 31.13 -6.24 16.19
C LEU B 263 30.61 -5.82 14.82
N LEU B 264 29.37 -6.22 14.53
CA LEU B 264 28.75 -5.90 13.25
C LEU B 264 28.12 -4.50 13.32
N ASP B 265 28.30 -3.73 12.25
CA ASP B 265 27.75 -2.38 12.17
C ASP B 265 26.85 -2.19 10.95
N SER B 266 26.50 -3.27 10.27
CA SER B 266 25.77 -3.17 9.01
C SER B 266 24.73 -4.27 8.82
N ILE B 267 24.09 -4.73 9.89
CA ILE B 267 23.08 -5.78 9.79
C ILE B 267 22.00 -5.37 8.79
N THR B 268 21.60 -4.10 8.83
CA THR B 268 20.64 -3.58 7.85
C THR B 268 21.21 -3.60 6.44
N ARG B 269 22.47 -3.17 6.30
CA ARG B 269 23.12 -3.19 4.99
C ARG B 269 23.32 -4.62 4.50
N LEU B 270 23.62 -5.55 5.43
CA LEU B 270 23.76 -6.94 5.05
C LEU B 270 22.44 -7.52 4.57
N ALA B 271 21.34 -7.18 5.25
CA ALA B 271 20.03 -7.63 4.82
C ALA B 271 19.66 -7.04 3.46
N ARG B 272 20.01 -5.77 3.23
CA ARG B 272 19.78 -5.17 1.92
C ARG B 272 20.58 -5.88 0.83
N ALA B 273 21.83 -6.23 1.13
CA ALA B 273 22.65 -6.95 0.16
C ALA B 273 22.07 -8.32 -0.15
N TYR B 274 21.60 -9.03 0.88
CA TYR B 274 20.99 -10.34 0.66
C TYR B 274 19.70 -10.23 -0.13
N ASN B 275 18.91 -9.18 0.13
CA ASN B 275 17.69 -8.96 -0.64
C ASN B 275 18.00 -8.54 -2.07
N THR B 276 19.17 -7.96 -2.33
CA THR B 276 19.54 -7.61 -3.68
C THR B 276 20.10 -8.80 -4.46
N VAL B 277 20.83 -9.70 -3.80
CA VAL B 277 21.44 -10.84 -4.49
C VAL B 277 20.50 -12.02 -4.65
N VAL B 278 19.33 -11.99 -4.01
CA VAL B 278 18.39 -13.11 -4.11
C VAL B 278 17.61 -12.98 -5.41
N PRO B 279 17.44 -14.06 -6.17
CA PRO B 279 16.65 -13.96 -7.41
C PRO B 279 15.20 -13.62 -7.13
N ALA B 280 14.59 -12.86 -8.03
CA ALA B 280 13.20 -12.46 -7.88
C ALA B 280 12.28 -13.66 -8.03
N SER B 281 11.31 -13.77 -7.13
CA SER B 281 10.35 -14.86 -7.13
C SER B 281 8.94 -14.42 -7.46
N GLY B 282 8.76 -13.17 -7.90
CA GLY B 282 7.44 -12.67 -8.23
C GLY B 282 6.54 -12.37 -7.04
N LYS B 283 7.09 -12.41 -5.82
CA LYS B 283 6.32 -12.13 -4.62
C LYS B 283 7.10 -11.17 -3.75
N VAL B 284 6.57 -9.96 -3.57
CA VAL B 284 7.22 -8.91 -2.80
C VAL B 284 6.33 -8.56 -1.62
N LEU B 285 6.92 -8.52 -0.42
CA LEU B 285 6.19 -8.18 0.78
C LEU B 285 6.11 -6.67 0.97
N THR B 286 5.54 -6.26 2.10
CA THR B 286 5.42 -4.84 2.40
C THR B 286 6.79 -4.22 2.64
N GLY B 287 7.08 -3.14 1.90
CA GLY B 287 8.35 -2.45 2.03
C GLY B 287 9.41 -2.84 1.03
N GLY B 288 9.16 -3.84 0.20
CA GLY B 288 10.15 -4.27 -0.76
C GLY B 288 11.10 -5.34 -0.28
N VAL B 289 10.63 -6.22 0.61
CA VAL B 289 11.45 -7.28 1.18
C VAL B 289 10.99 -8.61 0.61
N ASP B 290 11.93 -9.41 0.13
CA ASP B 290 11.60 -10.73 -0.40
C ASP B 290 11.29 -11.70 0.74
N ALA B 291 10.49 -12.72 0.44
CA ALA B 291 10.09 -13.67 1.47
C ALA B 291 11.26 -14.51 1.96
N ASN B 292 12.23 -14.79 1.08
CA ASN B 292 13.38 -15.62 1.41
C ASN B 292 14.67 -14.81 1.48
N ALA B 293 14.57 -13.50 1.64
CA ALA B 293 15.77 -12.67 1.70
C ALA B 293 16.33 -12.54 3.10
N LEU B 294 15.47 -12.58 4.12
CA LEU B 294 15.89 -12.41 5.51
C LEU B 294 16.37 -13.71 6.15
N HIS B 295 16.32 -14.83 5.43
CA HIS B 295 16.73 -16.11 6.02
C HIS B 295 18.23 -16.14 6.27
N ARG B 296 19.02 -15.71 5.29
CA ARG B 296 20.47 -15.70 5.46
C ARG B 296 20.93 -14.75 6.57
N PRO B 297 20.46 -13.50 6.64
CA PRO B 297 20.81 -12.69 7.82
C PRO B 297 20.28 -13.25 9.12
N LYS B 298 19.11 -13.91 9.08
CA LYS B 298 18.60 -14.57 10.28
C LYS B 298 19.57 -15.62 10.80
N ARG B 299 20.08 -16.47 9.90
CA ARG B 299 21.05 -17.48 10.31
C ARG B 299 22.37 -16.86 10.75
N PHE B 300 22.82 -15.82 10.03
CA PHE B 300 24.06 -15.14 10.41
C PHE B 300 23.96 -14.57 11.82
N PHE B 301 22.79 -14.03 12.17
CA PHE B 301 22.59 -13.48 13.50
C PHE B 301 22.49 -14.60 14.54
N GLY B 302 21.70 -15.63 14.24
CA GLY B 302 21.52 -16.73 15.18
C GLY B 302 22.73 -17.62 15.35
N ALA B 303 23.76 -17.46 14.53
CA ALA B 303 24.97 -18.24 14.69
C ALA B 303 25.62 -18.00 16.05
N ALA B 304 25.45 -16.79 16.60
CA ALA B 304 26.01 -16.47 17.91
C ALA B 304 25.37 -17.33 18.99
N ARG B 305 26.21 -17.95 19.80
CA ARG B 305 25.75 -18.82 20.88
C ARG B 305 26.92 -19.10 21.81
N ASN B 306 26.58 -19.49 23.04
CA ASN B 306 27.57 -19.86 24.04
C ASN B 306 27.69 -21.37 24.10
N VAL B 307 28.93 -21.87 24.04
CA VAL B 307 29.20 -23.30 23.99
C VAL B 307 29.59 -23.78 25.38
N GLU B 308 29.00 -24.90 25.82
CA GLU B 308 29.33 -25.45 27.12
C GLU B 308 30.67 -26.18 27.11
N GLU B 309 31.01 -26.85 26.01
CA GLU B 309 32.27 -27.57 25.94
C GLU B 309 33.46 -26.61 25.94
N GLY B 310 33.29 -25.40 25.42
CA GLY B 310 34.37 -24.44 25.39
C GLY B 310 34.20 -23.39 24.31
N GLY B 311 34.61 -22.15 24.61
CA GLY B 311 34.50 -21.08 23.64
C GLY B 311 33.13 -20.44 23.64
N SER B 312 33.01 -19.38 22.86
CA SER B 312 31.76 -18.63 22.73
C SER B 312 31.84 -17.78 21.47
N LEU B 313 30.67 -17.28 21.05
CA LEU B 313 30.56 -16.44 19.87
C LEU B 313 29.61 -15.29 20.18
N THR B 314 30.16 -14.07 20.22
CA THR B 314 29.38 -12.87 20.52
C THR B 314 29.24 -12.03 19.26
N ILE B 315 28.00 -11.64 18.95
CA ILE B 315 27.70 -10.83 17.77
C ILE B 315 26.88 -9.63 18.23
N ILE B 316 27.44 -8.44 18.09
CA ILE B 316 26.77 -7.19 18.45
C ILE B 316 26.54 -6.42 17.16
N ALA B 317 25.30 -6.44 16.67
CA ALA B 317 24.93 -5.77 15.43
C ALA B 317 24.20 -4.47 15.73
N THR B 318 24.46 -3.46 14.91
CA THR B 318 23.83 -2.15 15.06
C THR B 318 22.79 -1.98 13.95
N ALA B 319 21.52 -1.94 14.34
CA ALA B 319 20.42 -1.80 13.40
C ALA B 319 20.10 -0.33 13.16
N LEU B 320 19.62 -0.03 11.95
CA LEU B 320 19.27 1.32 11.56
C LEU B 320 17.75 1.49 11.52
N ILE B 321 17.28 2.57 12.13
CA ILE B 321 15.85 2.90 12.15
C ILE B 321 15.69 4.36 11.77
N ASP B 322 14.47 4.72 11.40
CA ASP B 322 14.10 6.10 11.04
C ASP B 322 14.98 6.62 9.90
N THR B 323 15.30 5.74 8.96
CA THR B 323 16.12 6.08 7.81
C THR B 323 15.30 6.55 6.61
N GLY B 324 13.98 6.65 6.75
CA GLY B 324 13.12 7.06 5.66
C GLY B 324 12.71 5.95 4.71
N SER B 325 13.28 4.75 4.85
CA SER B 325 12.96 3.62 3.99
C SER B 325 12.16 2.60 4.79
N LYS B 326 11.03 2.17 4.23
CA LYS B 326 10.18 1.20 4.91
C LYS B 326 10.84 -0.17 4.98
N MET B 327 11.74 -0.47 4.04
CA MET B 327 12.42 -1.76 4.05
C MET B 327 13.26 -1.93 5.31
N ASP B 328 14.02 -0.89 5.68
CA ASP B 328 14.81 -0.96 6.90
C ASP B 328 13.92 -1.07 8.14
N GLU B 329 12.76 -0.40 8.12
CA GLU B 329 11.83 -0.52 9.24
C GLU B 329 11.30 -1.94 9.37
N VAL B 330 10.97 -2.58 8.25
CA VAL B 330 10.50 -3.97 8.29
C VAL B 330 11.61 -4.88 8.78
N ILE B 331 12.85 -4.65 8.32
CA ILE B 331 13.98 -5.47 8.76
C ILE B 331 14.18 -5.33 10.26
N TYR B 332 14.49 -4.10 10.65
CA TYR B 332 14.92 -3.84 12.06
C TYR B 332 14.08 -4.63 13.06
N GLU B 333 12.77 -4.48 12.97
CA GLU B 333 11.92 -5.11 14.00
C GLU B 333 11.74 -6.61 13.68
N GLU B 334 11.66 -6.98 12.40
CA GLU B 334 11.62 -8.44 12.10
C GLU B 334 12.76 -9.03 12.94
N PHE B 335 13.86 -8.29 13.06
CA PHE B 335 15.00 -8.67 13.88
C PHE B 335 14.83 -8.28 15.35
N LYS B 336 13.89 -7.39 15.64
CA LYS B 336 13.74 -6.91 17.04
C LYS B 336 13.64 -8.14 17.94
N GLY B 337 12.74 -9.07 17.61
CA GLY B 337 12.67 -10.33 18.38
C GLY B 337 14.00 -11.05 18.29
N THR B 338 14.62 -11.08 17.11
CA THR B 338 15.95 -11.70 16.94
C THR B 338 16.97 -10.89 17.72
N GLY B 339 17.08 -11.12 19.02
CA GLY B 339 18.05 -10.38 19.86
C GLY B 339 17.59 -10.31 21.30
N ASN B 340 18.37 -10.89 22.22
CA ASN B 340 18.03 -10.83 23.63
C ASN B 340 18.66 -9.63 24.33
N MET B 341 19.01 -8.58 23.60
CA MET B 341 19.57 -7.37 24.18
C MET B 341 19.36 -6.22 23.22
N GLU B 342 18.73 -5.15 23.70
CA GLU B 342 18.47 -3.96 22.90
C GLU B 342 19.01 -2.74 23.62
N LEU B 343 19.92 -2.02 22.97
CA LEU B 343 20.50 -0.79 23.52
C LEU B 343 20.06 0.36 22.61
N HIS B 344 18.95 1.00 22.97
CA HIS B 344 18.38 2.06 22.15
C HIS B 344 19.08 3.38 22.42
N LEU B 345 19.25 4.18 21.36
CA LEU B 345 19.83 5.51 21.45
C LEU B 345 18.79 6.52 20.96
N SER B 346 18.69 7.64 21.68
CA SER B 346 17.69 8.65 21.40
C SER B 346 18.29 9.77 20.57
N ARG B 347 17.61 10.14 19.48
CA ARG B 347 18.07 11.24 18.65
C ARG B 347 17.84 12.58 19.35
N LYS B 348 16.78 12.68 20.15
CA LYS B 348 16.50 13.92 20.86
C LYS B 348 17.61 14.27 21.85
N ILE B 349 18.18 13.25 22.49
CA ILE B 349 19.28 13.49 23.41
C ILE B 349 20.57 13.80 22.65
N ALA B 350 20.75 13.21 21.47
CA ALA B 350 21.94 13.48 20.67
C ALA B 350 21.92 14.90 20.10
N GLU B 351 20.73 15.42 19.82
CA GLU B 351 20.62 16.79 19.33
C GLU B 351 21.00 17.80 20.39
N LYS B 352 20.86 17.46 21.66
CA LYS B 352 21.25 18.34 22.76
C LYS B 352 22.74 18.24 23.08
N ARG B 353 23.50 17.49 22.27
CA ARG B 353 24.95 17.31 22.47
C ARG B 353 25.25 16.73 23.85
N VAL B 354 24.44 15.77 24.27
CA VAL B 354 24.62 15.07 25.54
C VAL B 354 25.11 13.67 25.21
N PHE B 355 26.42 13.47 25.29
CA PHE B 355 27.03 12.18 24.98
C PHE B 355 27.40 11.45 26.26
N PRO B 356 27.08 10.15 26.37
CA PRO B 356 26.37 9.38 25.34
C PRO B 356 24.86 9.57 25.39
N ALA B 357 24.20 9.46 24.23
CA ALA B 357 22.76 9.59 24.13
C ALA B 357 22.14 8.19 24.12
N ILE B 358 22.04 7.61 25.30
CA ILE B 358 21.54 6.25 25.47
C ILE B 358 20.16 6.30 26.10
N ASP B 359 19.22 5.54 25.54
CA ASP B 359 17.88 5.42 26.10
C ASP B 359 17.93 4.36 27.19
N TYR B 360 18.10 4.81 28.44
CA TYR B 360 18.25 3.88 29.56
C TYR B 360 16.95 3.15 29.85
N ASN B 361 15.81 3.78 29.52
CA ASN B 361 14.52 3.18 29.86
C ASN B 361 14.26 1.91 29.05
N ARG B 362 14.41 1.99 27.72
CA ARG B 362 14.12 0.85 26.86
C ARG B 362 15.26 -0.16 26.81
N SER B 363 16.43 0.18 27.36
CA SER B 363 17.53 -0.77 27.38
C SER B 363 17.30 -1.83 28.45
N GLY B 364 18.11 -2.87 28.40
CA GLY B 364 18.00 -3.97 29.34
C GLY B 364 18.58 -5.25 28.78
N THR B 365 18.74 -6.23 29.68
CA THR B 365 19.28 -7.52 29.32
C THR B 365 18.48 -8.61 30.02
N ARG B 366 18.12 -9.65 29.26
CA ARG B 366 17.39 -10.78 29.82
C ARG B 366 18.34 -11.72 30.54
N LYS B 367 17.87 -12.31 31.64
CA LYS B 367 18.67 -13.21 32.47
C LYS B 367 19.94 -12.51 32.95
N GLU B 368 19.79 -11.25 33.38
CA GLU B 368 20.93 -10.48 33.85
C GLU B 368 21.47 -10.98 35.19
N GLU B 369 20.70 -11.78 35.92
CA GLU B 369 21.16 -12.30 37.20
C GLU B 369 22.29 -13.31 37.04
N LEU B 370 22.48 -13.85 35.84
CA LEU B 370 23.56 -14.80 35.59
C LEU B 370 24.91 -14.12 35.36
N LEU B 371 24.95 -12.80 35.26
CA LEU B 371 26.19 -12.06 35.06
C LEU B 371 26.50 -11.08 36.17
N THR B 372 25.58 -10.89 37.12
CA THR B 372 25.79 -9.95 38.22
C THR B 372 25.44 -10.63 39.53
N THR B 373 26.00 -10.10 40.61
CA THR B 373 25.74 -10.64 41.94
C THR B 373 24.36 -10.19 42.43
N GLN B 374 24.00 -10.67 43.63
CA GLN B 374 22.71 -10.34 44.19
C GLN B 374 22.62 -8.85 44.56
N GLU B 375 23.62 -8.35 45.27
CA GLU B 375 23.60 -6.94 45.68
C GLU B 375 23.74 -6.03 44.47
N GLU B 376 24.54 -6.42 43.47
CA GLU B 376 24.65 -5.61 42.27
C GLU B 376 23.34 -5.56 41.51
N LEU B 377 22.64 -6.70 41.40
CA LEU B 377 21.35 -6.72 40.75
C LEU B 377 20.32 -5.89 41.50
N GLN B 378 20.35 -5.95 42.83
CA GLN B 378 19.42 -5.14 43.62
C GLN B 378 19.69 -3.65 43.44
N LYS B 379 20.97 -3.26 43.42
CA LYS B 379 21.32 -1.86 43.19
C LYS B 379 20.91 -1.40 41.80
N MET B 380 21.09 -2.25 40.78
CA MET B 380 20.65 -1.89 39.44
C MET B 380 19.13 -1.76 39.37
N TRP B 381 18.41 -2.64 40.07
CA TRP B 381 16.96 -2.54 40.10
C TRP B 381 16.51 -1.24 40.77
N ILE B 382 17.16 -0.88 41.88
CA ILE B 382 16.82 0.37 42.56
C ILE B 382 17.13 1.57 41.67
N LEU B 383 18.27 1.54 40.97
CA LEU B 383 18.62 2.63 40.08
C LEU B 383 17.62 2.75 38.93
N ARG B 384 17.15 1.62 38.40
CA ARG B 384 16.15 1.66 37.34
C ARG B 384 14.82 2.20 37.86
N LYS B 385 14.42 1.80 39.06
CA LYS B 385 13.17 2.28 39.63
C LYS B 385 13.24 3.77 39.95
N ILE B 386 14.44 4.28 40.25
CA ILE B 386 14.58 5.72 40.51
C ILE B 386 14.62 6.49 39.19
N ILE B 387 15.26 5.92 38.16
CA ILE B 387 15.42 6.62 36.89
C ILE B 387 14.12 6.62 36.08
N HIS B 388 13.33 5.56 36.17
CA HIS B 388 12.12 5.40 35.35
C HIS B 388 11.16 6.59 35.42
N PRO B 389 10.84 7.16 36.58
CA PRO B 389 9.90 8.29 36.58
C PRO B 389 10.42 9.52 35.84
N MET B 390 11.72 9.79 35.93
CA MET B 390 12.27 10.97 35.30
C MET B 390 12.29 10.82 33.77
N GLY B 391 12.32 11.95 33.08
CA GLY B 391 12.40 11.94 31.63
C GLY B 391 13.76 11.48 31.14
N GLU B 392 13.81 11.20 29.84
CA GLU B 392 15.03 10.66 29.23
C GLU B 392 16.20 11.62 29.39
N ILE B 393 16.02 12.87 28.95
CA ILE B 393 17.10 13.85 29.03
C ILE B 393 17.45 14.13 30.48
N ASP B 394 16.43 14.28 31.33
CA ASP B 394 16.68 14.53 32.74
C ASP B 394 17.41 13.36 33.41
N ALA B 395 17.00 12.12 33.09
CA ALA B 395 17.68 10.96 33.66
C ALA B 395 19.12 10.87 33.19
N MET B 396 19.36 11.18 31.91
CA MET B 396 20.73 11.15 31.40
C MET B 396 21.60 12.21 32.07
N GLU B 397 21.05 13.42 32.24
CA GLU B 397 21.80 14.46 32.93
C GLU B 397 22.09 14.08 34.37
N PHE B 398 21.10 13.51 35.06
CA PHE B 398 21.30 13.06 36.44
C PHE B 398 22.39 11.99 36.51
N LEU B 399 22.33 11.01 35.61
CA LEU B 399 23.32 9.93 35.62
C LEU B 399 24.72 10.47 35.34
N ILE B 400 24.84 11.39 34.39
CA ILE B 400 26.15 11.96 34.08
C ILE B 400 26.69 12.75 35.27
N ASN B 401 25.84 13.57 35.89
CA ASN B 401 26.30 14.39 37.01
C ASN B 401 26.65 13.53 38.21
N LYS B 402 26.00 12.38 38.36
CA LYS B 402 26.31 11.51 39.49
C LYS B 402 27.52 10.62 39.22
N LEU B 403 27.79 10.27 37.96
CA LEU B 403 28.96 9.47 37.65
C LEU B 403 30.21 10.33 37.53
N ALA B 404 30.06 11.63 37.28
CA ALA B 404 31.22 12.52 37.22
C ALA B 404 31.82 12.77 38.61
N MET B 405 31.05 12.54 39.67
CA MET B 405 31.56 12.79 41.01
C MET B 405 32.57 11.75 41.47
N THR B 406 32.40 10.50 41.05
CA THR B 406 33.27 9.40 41.46
C THR B 406 33.88 8.73 40.25
N LYS B 407 34.76 7.77 40.52
CA LYS B 407 35.42 7.01 39.46
C LYS B 407 34.76 5.66 39.20
N THR B 408 34.32 4.97 40.25
CA THR B 408 33.70 3.67 40.14
C THR B 408 32.22 3.76 40.46
N ASN B 409 31.45 2.85 39.85
CA ASN B 409 30.00 2.83 40.07
C ASN B 409 29.64 2.30 41.46
N ASP B 410 30.56 1.58 42.10
CA ASP B 410 30.29 1.08 43.44
C ASP B 410 30.13 2.22 44.44
N ASP B 411 30.95 3.26 44.31
CA ASP B 411 30.80 4.42 45.18
C ASP B 411 29.47 5.13 44.94
N PHE B 412 29.04 5.23 43.68
CA PHE B 412 27.75 5.83 43.38
C PHE B 412 26.62 5.01 44.00
N PHE B 413 26.67 3.69 43.87
CA PHE B 413 25.64 2.83 44.47
C PHE B 413 25.64 2.95 45.98
N GLU B 414 26.82 3.07 46.60
CA GLU B 414 26.88 3.20 48.05
C GLU B 414 26.36 4.56 48.51
N MET B 415 26.57 5.60 47.70
CA MET B 415 26.07 6.93 48.06
C MET B 415 24.58 7.09 47.79
N MET B 416 24.02 6.27 46.88
CA MET B 416 22.59 6.34 46.62
C MET B 416 21.77 5.89 47.83
N LYS B 417 22.28 4.91 48.57
CA LYS B 417 21.58 4.42 49.75
C LYS B 417 21.71 5.40 50.91
N MET C 1 46.41 28.57 -32.65
CA MET C 1 45.20 27.89 -33.14
C MET C 1 44.66 26.94 -32.09
N ASN C 2 43.79 27.46 -31.22
CA ASN C 2 43.17 26.69 -30.16
C ASN C 2 41.66 26.67 -30.35
N LEU C 3 41.03 25.57 -29.95
CA LEU C 3 39.60 25.43 -30.14
C LEU C 3 38.82 26.37 -29.22
N THR C 4 39.21 26.44 -27.94
CA THR C 4 38.51 27.29 -27.00
C THR C 4 38.65 28.77 -27.35
N GLU C 5 39.80 29.16 -27.92
CA GLU C 5 39.98 30.55 -28.34
C GLU C 5 39.00 30.92 -29.44
N LEU C 6 38.78 30.02 -30.41
CA LEU C 6 37.81 30.30 -31.46
C LEU C 6 36.38 30.19 -30.94
N LYS C 7 36.16 29.37 -29.92
CA LYS C 7 34.83 29.28 -29.31
C LYS C 7 34.48 30.53 -28.52
N ASN C 8 35.47 31.20 -27.93
CA ASN C 8 35.19 32.41 -27.16
C ASN C 8 35.00 33.63 -28.04
N THR C 9 35.49 33.58 -29.28
CA THR C 9 35.33 34.71 -30.19
C THR C 9 33.86 34.88 -30.57
N PRO C 10 33.43 36.12 -30.82
CA PRO C 10 32.03 36.36 -31.20
C PRO C 10 31.75 35.87 -32.62
N VAL C 11 30.47 35.94 -32.98
CA VAL C 11 30.04 35.45 -34.30
C VAL C 11 30.46 36.41 -35.40
N SER C 12 30.39 37.71 -35.13
CA SER C 12 30.69 38.70 -36.17
C SER C 12 32.14 38.63 -36.61
N GLU C 13 33.07 38.55 -35.65
CA GLU C 13 34.48 38.47 -35.99
C GLU C 13 34.80 37.17 -36.72
N LEU C 14 34.16 36.06 -36.36
CA LEU C 14 34.39 34.81 -37.06
C LEU C 14 33.86 34.87 -38.49
N ILE C 15 32.70 35.50 -38.69
CA ILE C 15 32.15 35.67 -40.03
C ILE C 15 33.09 36.53 -40.87
N THR C 16 33.61 37.62 -40.27
CA THR C 16 34.53 38.49 -40.99
C THR C 16 35.81 37.75 -41.37
N LEU C 17 36.36 36.97 -40.44
CA LEU C 17 37.57 36.21 -40.72
C LEU C 17 37.33 35.19 -41.82
N GLY C 18 36.19 34.49 -41.77
CA GLY C 18 35.88 33.52 -42.80
C GLY C 18 35.68 34.15 -44.17
N GLU C 19 35.06 35.33 -44.21
CA GLU C 19 34.91 36.03 -45.49
C GLU C 19 36.26 36.52 -46.01
N ASN C 20 37.16 36.91 -45.11
CA ASN C 20 38.51 37.30 -45.55
C ASN C 20 39.30 36.10 -46.05
N MET C 21 39.06 34.91 -45.48
CA MET C 21 39.78 33.73 -45.93
C MET C 21 39.30 33.26 -47.30
N GLY C 22 38.15 33.76 -47.76
CA GLY C 22 37.65 33.40 -49.07
C GLY C 22 36.98 32.04 -49.12
N LEU C 23 35.89 31.89 -48.38
CA LEU C 23 35.12 30.65 -48.33
C LEU C 23 33.67 30.95 -48.67
N GLU C 24 32.81 29.93 -48.51
CA GLU C 24 31.39 30.11 -48.77
C GLU C 24 30.79 31.09 -47.76
N ASN C 25 29.66 31.68 -48.14
CA ASN C 25 28.97 32.66 -47.31
C ASN C 25 28.70 32.11 -45.91
N LEU C 26 29.29 32.75 -44.90
CA LEU C 26 29.18 32.29 -43.53
C LEU C 26 28.06 32.97 -42.74
N ALA C 27 27.38 33.95 -43.34
CA ALA C 27 26.27 34.60 -42.65
C ALA C 27 25.14 33.63 -42.38
N ARG C 28 24.79 32.80 -43.36
CA ARG C 28 23.79 31.75 -43.20
C ARG C 28 24.44 30.43 -42.81
N MET C 29 25.27 30.46 -41.76
CA MET C 29 25.98 29.26 -41.32
C MET C 29 26.09 29.28 -39.79
N ARG C 30 26.16 28.09 -39.21
CA ARG C 30 26.33 27.97 -37.77
C ARG C 30 27.75 28.35 -37.36
N LYS C 31 27.88 28.81 -36.11
CA LYS C 31 29.19 29.20 -35.61
C LYS C 31 30.16 28.02 -35.58
N GLN C 32 29.66 26.83 -35.22
CA GLN C 32 30.51 25.64 -35.21
C GLN C 32 30.97 25.29 -36.61
N ASP C 33 30.08 25.41 -37.60
CA ASP C 33 30.46 25.16 -38.98
C ASP C 33 31.47 26.21 -39.47
N ILE C 34 31.30 27.46 -39.03
CA ILE C 34 32.26 28.50 -39.38
C ILE C 34 33.64 28.18 -38.83
N ILE C 35 33.70 27.75 -37.56
CA ILE C 35 34.97 27.40 -36.94
C ILE C 35 35.59 26.20 -37.66
N PHE C 36 34.75 25.23 -38.04
CA PHE C 36 35.24 24.04 -38.74
C PHE C 36 35.85 24.42 -40.08
N ALA C 37 35.16 25.30 -40.84
CA ALA C 37 35.66 25.72 -42.13
C ALA C 37 36.95 26.53 -41.98
N ILE C 38 37.02 27.38 -40.95
CA ILE C 38 38.23 28.17 -40.71
C ILE C 38 39.40 27.26 -40.38
N LEU C 39 39.15 26.23 -39.57
CA LEU C 39 40.22 25.28 -39.23
C LEU C 39 40.67 24.51 -40.47
N LYS C 40 39.73 24.10 -41.31
CA LYS C 40 40.08 23.42 -42.55
C LYS C 40 40.95 24.31 -43.43
N GLN C 41 40.52 25.56 -43.63
CA GLN C 41 41.27 26.47 -44.50
C GLN C 41 42.65 26.78 -43.92
N HIS C 42 42.76 26.85 -42.59
CA HIS C 42 44.04 27.13 -41.98
C HIS C 42 44.98 25.93 -42.03
N ALA C 43 44.42 24.71 -41.96
CA ALA C 43 45.23 23.51 -42.08
C ALA C 43 45.62 23.21 -43.52
N LYS C 44 44.86 23.70 -44.50
CA LYS C 44 45.25 23.54 -45.89
C LYS C 44 46.55 24.28 -46.20
N SER C 45 46.85 25.33 -45.43
CA SER C 45 48.08 26.08 -45.62
C SER C 45 49.29 25.39 -45.00
N GLY C 46 49.09 24.33 -44.21
CA GLY C 46 50.17 23.60 -43.59
C GLY C 46 50.39 23.87 -42.12
N GLU C 47 49.68 24.83 -41.54
CA GLU C 47 49.86 25.14 -40.13
C GLU C 47 49.22 24.08 -39.25
N ASP C 48 49.63 24.05 -37.99
CA ASP C 48 49.14 23.07 -37.03
C ASP C 48 47.93 23.61 -36.29
N ILE C 49 47.07 22.69 -35.82
CA ILE C 49 45.88 23.03 -35.06
C ILE C 49 45.94 22.29 -33.73
N PHE C 50 45.57 23.00 -32.66
CA PHE C 50 45.60 22.45 -31.31
C PHE C 50 44.20 22.49 -30.72
N GLY C 51 43.93 21.52 -29.83
CA GLY C 51 42.64 21.42 -29.17
C GLY C 51 42.81 20.83 -27.78
N ASP C 52 41.69 20.76 -27.06
CA ASP C 52 41.69 20.23 -25.70
C ASP C 52 40.28 19.81 -25.36
N GLY C 53 40.15 19.10 -24.23
CA GLY C 53 38.85 18.65 -23.77
C GLY C 53 39.00 17.47 -22.83
N VAL C 54 37.88 17.09 -22.23
CA VAL C 54 37.82 15.97 -21.30
C VAL C 54 37.53 14.70 -22.08
N LEU C 55 38.29 13.65 -21.77
CA LEU C 55 38.15 12.39 -22.50
C LEU C 55 36.94 11.60 -22.02
N GLU C 56 36.21 11.03 -22.96
CA GLU C 56 35.04 10.18 -22.70
C GLU C 56 35.22 8.89 -23.48
N ILE C 57 35.80 7.88 -22.84
CA ILE C 57 36.05 6.61 -23.50
C ILE C 57 34.73 5.87 -23.70
N LEU C 58 34.45 5.47 -24.94
CA LEU C 58 33.24 4.74 -25.24
C LEU C 58 33.41 3.26 -24.88
N GLN C 59 32.30 2.51 -25.00
CA GLN C 59 32.32 1.11 -24.66
C GLN C 59 33.09 0.29 -25.69
N ASP C 60 33.14 0.74 -26.95
CA ASP C 60 33.84 -0.01 -27.98
C ASP C 60 35.35 0.06 -27.79
N GLY C 61 35.86 1.20 -27.35
CA GLY C 61 37.29 1.35 -27.14
C GLY C 61 37.83 2.71 -27.52
N PHE C 62 37.10 3.44 -28.36
CA PHE C 62 37.51 4.77 -28.79
C PHE C 62 36.92 5.81 -27.83
N GLY C 63 37.09 7.08 -28.15
CA GLY C 63 36.57 8.13 -27.29
C GLY C 63 36.63 9.48 -27.97
N PHE C 64 36.07 10.47 -27.28
CA PHE C 64 36.04 11.85 -27.78
C PHE C 64 36.48 12.79 -26.66
N LEU C 65 36.74 14.03 -27.05
CA LEU C 65 37.14 15.09 -26.13
C LEU C 65 35.97 16.08 -26.02
N ARG C 66 35.14 15.90 -25.00
CA ARG C 66 34.01 16.78 -24.79
C ARG C 66 34.46 18.17 -24.37
N SER C 67 33.58 19.15 -24.56
CA SER C 67 33.85 20.53 -24.20
C SER C 67 33.00 20.93 -23.00
N ALA C 68 33.54 21.84 -22.19
CA ALA C 68 32.86 22.25 -20.96
C ALA C 68 31.77 23.29 -21.21
N ASP C 69 31.91 24.08 -22.28
CA ASP C 69 30.92 25.12 -22.57
C ASP C 69 29.60 24.54 -23.06
N SER C 70 29.59 23.28 -23.49
CA SER C 70 28.38 22.63 -23.98
C SER C 70 27.86 21.57 -23.00
N SER C 71 28.31 21.61 -21.75
CA SER C 71 27.89 20.67 -20.72
C SER C 71 28.15 19.22 -21.13
N TYR C 72 29.30 19.01 -21.77
CA TYR C 72 29.76 17.69 -22.20
C TYR C 72 28.73 17.02 -23.11
N LEU C 73 28.19 17.79 -24.03
CA LEU C 73 27.23 17.28 -25.01
C LEU C 73 27.95 16.86 -26.29
N ALA C 74 27.41 15.84 -26.95
CA ALA C 74 28.00 15.33 -28.18
C ALA C 74 27.97 16.38 -29.28
N GLY C 75 29.14 16.87 -29.66
CA GLY C 75 29.25 17.89 -30.67
C GLY C 75 29.98 17.42 -31.90
N PRO C 76 29.78 18.11 -33.03
CA PRO C 76 30.49 17.73 -34.26
C PRO C 76 31.99 18.02 -34.19
N ASP C 77 32.42 18.93 -33.32
CA ASP C 77 33.82 19.33 -33.22
C ASP C 77 34.57 18.52 -32.17
N ASP C 78 34.07 17.34 -31.81
CA ASP C 78 34.76 16.49 -30.86
C ASP C 78 35.99 15.87 -31.50
N ILE C 79 37.07 15.76 -30.72
CA ILE C 79 38.33 15.21 -31.21
C ILE C 79 38.33 13.71 -30.99
N TYR C 80 38.47 12.96 -32.08
CA TYR C 80 38.52 11.50 -31.98
C TYR C 80 39.83 11.05 -31.37
N VAL C 81 39.74 10.08 -30.46
CA VAL C 81 40.90 9.52 -29.78
C VAL C 81 40.93 8.03 -30.10
N SER C 82 41.95 7.60 -30.85
CA SER C 82 42.06 6.20 -31.22
C SER C 82 42.35 5.34 -30.00
N PRO C 83 41.88 4.09 -29.99
CA PRO C 83 42.17 3.21 -28.85
C PRO C 83 43.65 2.85 -28.73
N SER C 84 44.40 2.96 -29.83
CA SER C 84 45.83 2.67 -29.79
C SER C 84 46.55 3.64 -28.85
N GLN C 85 46.26 4.93 -28.98
CA GLN C 85 46.86 5.92 -28.08
C GLN C 85 46.37 5.72 -26.65
N ILE C 86 45.12 5.32 -26.48
CA ILE C 86 44.58 5.06 -25.14
C ILE C 86 45.37 3.93 -24.48
N ARG C 87 45.66 2.89 -25.25
CA ARG C 87 46.40 1.69 -24.79
C ARG C 87 47.88 2.03 -24.61
N ARG C 88 48.39 3.04 -25.32
CA ARG C 88 49.81 3.45 -25.28
C ARG C 88 50.09 4.38 -24.08
N PHE C 89 49.11 5.21 -23.70
CA PHE C 89 49.28 6.16 -22.61
C PHE C 89 48.42 5.83 -21.40
N ASN C 90 47.68 4.72 -21.43
CA ASN C 90 46.82 4.30 -20.32
C ASN C 90 45.82 5.40 -19.94
N LEU C 91 45.13 5.92 -20.96
CA LEU C 91 44.16 6.97 -20.74
C LEU C 91 42.84 6.39 -20.23
N ARG C 92 42.16 7.19 -19.40
CA ARG C 92 40.87 6.79 -18.85
C ARG C 92 39.91 7.96 -18.95
N THR C 93 38.63 7.67 -18.70
CA THR C 93 37.60 8.70 -18.76
C THR C 93 37.84 9.78 -17.70
N GLY C 94 37.99 11.02 -18.15
CA GLY C 94 38.23 12.15 -17.27
C GLY C 94 39.58 12.80 -17.45
N ASP C 95 40.53 12.14 -18.11
CA ASP C 95 41.85 12.70 -18.31
C ASP C 95 41.79 13.88 -19.27
N THR C 96 42.26 15.04 -18.82
CA THR C 96 42.33 16.21 -19.68
C THR C 96 43.48 16.06 -20.66
N ILE C 97 43.19 16.08 -21.95
CA ILE C 97 44.18 15.89 -23.00
C ILE C 97 44.24 17.14 -23.86
N SER C 98 45.46 17.64 -24.10
CA SER C 98 45.68 18.82 -24.92
C SER C 98 46.83 18.52 -25.88
N GLY C 99 46.54 18.45 -27.17
CA GLY C 99 47.57 18.14 -28.15
C GLY C 99 47.17 18.61 -29.52
N LYS C 100 48.07 18.37 -30.47
CA LYS C 100 47.84 18.77 -31.85
C LYS C 100 46.73 17.92 -32.47
N ILE C 101 45.88 18.57 -33.26
CA ILE C 101 44.77 17.90 -33.94
C ILE C 101 44.82 18.24 -35.42
N ARG C 102 44.08 17.48 -36.21
CA ARG C 102 44.00 17.68 -37.65
C ARG C 102 42.55 17.54 -38.10
N PRO C 103 42.16 18.29 -39.12
CA PRO C 103 40.78 18.17 -39.64
C PRO C 103 40.54 16.80 -40.22
N PRO C 104 39.28 16.35 -40.26
CA PRO C 104 38.99 15.02 -40.79
C PRO C 104 39.19 14.96 -42.30
N LYS C 105 39.78 13.86 -42.76
CA LYS C 105 40.03 13.66 -44.18
C LYS C 105 38.75 13.15 -44.86
N GLU C 106 38.88 12.70 -46.10
CA GLU C 106 37.73 12.17 -46.83
C GLU C 106 37.29 10.86 -46.20
N GLY C 107 36.04 10.81 -45.75
CA GLY C 107 35.50 9.64 -45.07
C GLY C 107 35.54 9.71 -43.56
N GLU C 108 36.00 10.81 -42.99
CA GLU C 108 36.05 11.00 -41.55
C GLU C 108 35.12 12.14 -41.16
N ARG C 109 34.73 12.15 -39.88
CA ARG C 109 33.78 13.13 -39.38
C ARG C 109 34.27 13.89 -38.15
N TYR C 110 35.43 13.53 -37.59
CA TYR C 110 35.91 14.16 -36.38
C TYR C 110 37.42 14.36 -36.47
N PHE C 111 37.92 15.31 -35.67
CA PHE C 111 39.35 15.59 -35.65
C PHE C 111 40.11 14.43 -35.01
N ALA C 112 41.31 14.18 -35.52
CA ALA C 112 42.17 13.12 -35.01
C ALA C 112 43.28 13.71 -34.15
N LEU C 113 43.77 12.90 -33.22
CA LEU C 113 44.83 13.30 -32.30
C LEU C 113 46.14 12.68 -32.75
N LEU C 114 47.14 13.53 -33.01
CA LEU C 114 48.45 13.06 -33.45
C LEU C 114 49.42 12.90 -32.29
N LYS C 115 49.66 13.97 -31.53
CA LYS C 115 50.61 13.96 -30.43
C LYS C 115 50.01 14.69 -29.24
N VAL C 116 50.04 14.06 -28.07
CA VAL C 116 49.52 14.65 -26.84
C VAL C 116 50.63 15.45 -26.18
N ASN C 117 50.32 16.69 -25.82
CA ASN C 117 51.33 17.59 -25.25
C ASN C 117 51.22 17.69 -23.73
N GLU C 118 50.01 17.73 -23.19
CA GLU C 118 49.81 17.93 -21.76
C GLU C 118 48.66 17.05 -21.29
N VAL C 119 48.86 16.34 -20.19
CA VAL C 119 47.86 15.44 -19.61
C VAL C 119 47.51 15.94 -18.22
N ASN C 120 46.22 16.21 -18.01
CA ASN C 120 45.71 16.67 -16.71
C ASN C 120 46.44 17.93 -16.25
N PHE C 121 46.72 18.83 -17.19
CA PHE C 121 47.42 20.08 -16.91
C PHE C 121 48.78 19.81 -16.27
N ASP C 122 49.44 18.75 -16.73
CA ASP C 122 50.73 18.36 -16.19
C ASP C 122 51.47 17.54 -17.24
N LYS C 123 52.73 17.24 -16.96
CA LYS C 123 53.54 16.47 -17.88
C LYS C 123 53.05 15.02 -17.93
N PRO C 124 53.11 14.36 -19.08
CA PRO C 124 52.73 12.95 -19.13
C PRO C 124 53.63 12.04 -18.30
N GLU C 125 54.87 12.46 -18.05
CA GLU C 125 55.76 11.65 -17.23
C GLU C 125 55.31 11.61 -15.77
N ASN C 126 54.55 12.62 -15.33
CA ASN C 126 54.00 12.60 -13.99
C ASN C 126 52.64 11.91 -13.93
N ALA C 127 51.96 11.77 -15.07
CA ALA C 127 50.66 11.11 -15.11
C ALA C 127 50.78 9.61 -15.36
N ARG C 128 51.87 9.18 -16.01
CA ARG C 128 52.05 7.75 -16.26
C ARG C 128 52.22 6.98 -14.96
N ASN C 129 52.83 7.61 -13.96
CA ASN C 129 53.02 7.00 -12.63
C ASN C 129 52.12 7.74 -11.65
N LYS C 130 51.01 7.10 -11.26
CA LYS C 130 50.06 7.73 -10.35
C LYS C 130 49.29 6.64 -9.62
N ILE C 131 48.73 7.01 -8.47
CA ILE C 131 47.95 6.12 -7.64
C ILE C 131 46.47 6.34 -7.95
N LEU C 132 45.73 5.25 -8.13
CA LEU C 132 44.32 5.34 -8.46
C LEU C 132 43.55 5.93 -7.29
N PHE C 133 42.36 6.47 -7.61
CA PHE C 133 41.52 7.07 -6.58
C PHE C 133 40.95 6.03 -5.63
N GLU C 134 40.75 4.80 -6.11
CA GLU C 134 40.19 3.74 -5.28
C GLU C 134 41.18 3.24 -4.23
N ASN C 135 42.45 3.61 -4.33
CA ASN C 135 43.47 3.17 -3.38
C ASN C 135 43.85 4.22 -2.37
N LEU C 136 43.38 5.45 -2.52
CA LEU C 136 43.73 6.51 -1.58
C LEU C 136 43.07 6.27 -0.23
N THR C 137 43.80 6.55 0.84
CA THR C 137 43.30 6.31 2.18
C THR C 137 42.35 7.43 2.61
N PRO C 138 41.09 7.14 2.90
CA PRO C 138 40.16 8.20 3.32
C PRO C 138 40.50 8.70 4.71
N LEU C 139 40.02 9.91 5.00
CA LEU C 139 40.20 10.53 6.30
C LEU C 139 39.06 11.50 6.54
N HIS C 140 38.96 11.96 7.79
CA HIS C 140 37.94 12.94 8.14
C HIS C 140 38.37 14.34 7.72
N ALA C 141 37.44 15.28 7.79
CA ALA C 141 37.73 16.66 7.44
C ALA C 141 38.74 17.26 8.44
N ASN C 142 39.91 17.63 7.94
CA ASN C 142 40.97 18.19 8.76
C ASN C 142 41.10 19.70 8.54
N SER C 143 41.24 20.15 7.30
CA SER C 143 41.36 21.57 7.01
C SER C 143 40.02 22.26 7.13
N ARG C 144 40.03 23.46 7.71
CA ARG C 144 38.80 24.23 7.91
C ARG C 144 38.54 25.12 6.70
N LEU C 145 37.38 24.96 6.08
CA LEU C 145 36.95 25.81 4.97
C LEU C 145 35.93 26.81 5.51
N ARG C 146 36.45 27.91 6.04
CA ARG C 146 35.60 28.93 6.63
C ARG C 146 34.79 29.64 5.55
N MET C 147 33.50 29.81 5.80
CA MET C 147 32.59 30.41 4.84
C MET C 147 32.29 31.88 5.13
N GLU C 148 32.77 32.41 6.26
CA GLU C 148 32.49 33.79 6.63
C GLU C 148 33.25 34.75 5.72
N ARG C 149 32.52 35.74 5.19
CA ARG C 149 33.15 36.74 4.33
C ARG C 149 34.14 37.59 5.11
N GLY C 150 33.66 38.26 6.17
CA GLY C 150 34.48 39.16 6.95
C GLY C 150 34.41 40.61 6.53
N ASN C 151 33.72 40.92 5.44
CA ASN C 151 33.60 42.29 4.96
C ASN C 151 32.48 43.06 5.63
N GLY C 152 31.74 42.45 6.56
CA GLY C 152 30.67 43.13 7.24
C GLY C 152 29.45 43.40 6.38
N SER C 153 29.26 42.64 5.31
CA SER C 153 28.11 42.83 4.44
C SER C 153 26.86 42.24 5.05
N THR C 154 25.70 42.73 4.61
CA THR C 154 24.43 42.23 5.12
C THR C 154 24.17 40.80 4.67
N GLU C 155 24.73 40.39 3.53
CA GLU C 155 24.55 39.02 3.07
C GLU C 155 25.44 38.03 3.82
N ASP C 156 26.41 38.52 4.58
CA ASP C 156 27.28 37.65 5.35
C ASP C 156 26.57 36.97 6.52
N LEU C 157 25.35 37.40 6.84
CA LEU C 157 24.61 36.78 7.93
C LEU C 157 24.33 35.31 7.65
N THR C 158 24.02 34.98 6.39
CA THR C 158 23.79 33.59 6.04
C THR C 158 25.04 32.74 6.26
N ALA C 159 26.20 33.25 5.82
CA ALA C 159 27.45 32.51 6.02
C ALA C 159 27.78 32.38 7.49
N ARG C 160 27.51 33.41 8.28
CA ARG C 160 27.78 33.35 9.72
C ARG C 160 26.89 32.30 10.39
N VAL C 161 25.60 32.27 10.02
CA VAL C 161 24.70 31.27 10.58
C VAL C 161 25.12 29.87 10.15
N LEU C 162 25.59 29.72 8.91
CA LEU C 162 26.04 28.42 8.44
C LEU C 162 27.27 27.97 9.21
N ASP C 163 28.20 28.89 9.48
CA ASP C 163 29.38 28.54 10.24
C ASP C 163 29.04 28.19 11.68
N LEU C 164 28.08 28.91 12.27
CA LEU C 164 27.67 28.60 13.64
C LEU C 164 26.87 27.31 13.72
N ALA C 165 26.23 26.90 12.63
CA ALA C 165 25.40 25.70 12.65
C ALA C 165 26.18 24.47 12.22
N SER C 166 26.91 24.55 11.10
CA SER C 166 27.62 23.40 10.55
C SER C 166 28.83 23.88 9.78
N PRO C 167 29.99 23.92 10.43
CA PRO C 167 31.22 24.26 9.70
C PRO C 167 31.56 23.20 8.67
N ILE C 168 32.12 23.63 7.55
CA ILE C 168 32.42 22.76 6.42
C ILE C 168 33.93 22.71 6.23
N GLY C 169 34.46 21.50 6.06
CA GLY C 169 35.87 21.30 5.82
C GLY C 169 36.11 20.56 4.50
N ARG C 170 37.38 20.35 4.21
CA ARG C 170 37.75 19.65 2.98
C ARG C 170 37.39 18.17 3.09
N GLY C 171 36.76 17.65 2.04
CA GLY C 171 36.33 16.27 2.01
C GLY C 171 34.99 16.00 2.68
N GLN C 172 34.25 17.04 3.05
CA GLN C 172 32.98 16.85 3.72
C GLN C 172 31.94 16.31 2.74
N ARG C 173 31.03 15.49 3.28
CA ARG C 173 29.95 14.87 2.51
C ARG C 173 28.64 15.16 3.25
N GLY C 174 28.02 16.30 2.92
CA GLY C 174 26.84 16.77 3.60
C GLY C 174 25.59 16.70 2.74
N LEU C 175 24.49 17.16 3.35
CA LEU C 175 23.18 17.17 2.70
C LEU C 175 22.43 18.43 3.11
N ILE C 176 21.79 19.08 2.15
CA ILE C 176 20.98 20.26 2.40
C ILE C 176 19.53 19.82 2.22
N VAL C 177 18.91 19.43 3.33
CA VAL C 177 17.52 18.98 3.32
C VAL C 177 16.60 20.18 3.49
N ALA C 178 15.67 20.34 2.55
CA ALA C 178 14.78 21.49 2.57
C ALA C 178 13.57 21.19 1.70
N PRO C 179 12.36 21.51 2.15
CA PRO C 179 11.18 21.40 1.30
C PRO C 179 11.22 22.43 0.18
N PRO C 180 10.40 22.26 -0.85
CA PRO C 180 10.39 23.25 -1.94
C PRO C 180 9.90 24.61 -1.46
N LYS C 181 10.28 25.63 -2.23
CA LYS C 181 9.93 27.03 -1.93
C LYS C 181 10.45 27.46 -0.56
N ALA C 182 11.68 27.06 -0.23
CA ALA C 182 12.30 27.43 1.03
C ALA C 182 13.42 28.45 0.90
N GLY C 183 14.08 28.51 -0.25
CA GLY C 183 15.19 29.42 -0.45
C GLY C 183 16.49 28.71 -0.75
N LYS C 184 16.39 27.52 -1.37
CA LYS C 184 17.58 26.75 -1.68
C LYS C 184 18.44 27.46 -2.71
N THR C 185 17.81 28.18 -3.65
CA THR C 185 18.56 28.84 -4.70
C THR C 185 19.46 29.94 -4.14
N MET C 186 18.89 30.83 -3.31
CA MET C 186 19.68 31.90 -2.73
C MET C 186 20.75 31.36 -1.80
N LEU C 187 20.43 30.30 -1.05
CA LEU C 187 21.42 29.70 -0.16
C LEU C 187 22.58 29.11 -0.94
N LEU C 188 22.30 28.42 -2.04
CA LEU C 188 23.35 27.86 -2.87
C LEU C 188 24.19 28.95 -3.52
N GLN C 189 23.53 30.03 -3.97
CA GLN C 189 24.27 31.15 -4.54
C GLN C 189 25.21 31.77 -3.51
N ASN C 190 24.72 31.95 -2.28
CA ASN C 190 25.56 32.53 -1.23
C ASN C 190 26.72 31.61 -0.90
N ILE C 191 26.47 30.29 -0.84
CA ILE C 191 27.55 29.35 -0.56
C ILE C 191 28.60 29.39 -1.66
N ALA C 192 28.16 29.42 -2.92
CA ALA C 192 29.12 29.45 -4.03
C ALA C 192 29.93 30.75 -4.03
N GLN C 193 29.27 31.88 -3.75
CA GLN C 193 29.99 33.15 -3.71
C GLN C 193 30.99 33.18 -2.57
N SER C 194 30.60 32.65 -1.39
CA SER C 194 31.52 32.63 -0.26
C SER C 194 32.70 31.69 -0.53
N ILE C 195 32.47 30.58 -1.22
CA ILE C 195 33.57 29.69 -1.57
C ILE C 195 34.51 30.35 -2.56
N ALA C 196 33.95 31.05 -3.57
CA ALA C 196 34.79 31.71 -4.56
C ALA C 196 35.55 32.88 -3.97
N TYR C 197 35.00 33.52 -2.93
CA TYR C 197 35.65 34.67 -2.32
C TYR C 197 36.71 34.27 -1.29
N ASN C 198 36.38 33.34 -0.40
CA ASN C 198 37.30 32.97 0.66
C ASN C 198 38.39 32.02 0.17
N HIS C 199 38.02 31.02 -0.63
CA HIS C 199 38.95 30.00 -1.12
C HIS C 199 38.92 29.98 -2.64
N PRO C 200 39.59 30.93 -3.29
CA PRO C 200 39.61 30.95 -4.76
C PRO C 200 40.50 29.86 -5.37
N ASP C 201 41.36 29.22 -4.57
CA ASP C 201 42.26 28.21 -5.10
C ASP C 201 41.57 26.88 -5.37
N CYS C 202 40.44 26.62 -4.71
CA CYS C 202 39.74 25.36 -4.89
C CYS C 202 38.96 25.35 -6.21
N VAL C 203 38.85 24.16 -6.80
CA VAL C 203 38.12 23.99 -8.05
C VAL C 203 36.64 23.83 -7.74
N LEU C 204 35.84 24.84 -8.08
CA LEU C 204 34.41 24.83 -7.80
C LEU C 204 33.66 24.34 -9.03
N MET C 205 32.78 23.36 -8.83
CA MET C 205 31.97 22.79 -9.90
C MET C 205 30.53 22.70 -9.41
N VAL C 206 29.62 23.36 -10.12
CA VAL C 206 28.21 23.39 -9.77
C VAL C 206 27.46 22.53 -10.77
N LEU C 207 26.81 21.47 -10.27
CA LEU C 207 26.04 20.55 -11.11
C LEU C 207 24.56 20.80 -10.89
N LEU C 208 23.84 21.13 -11.96
CA LEU C 208 22.41 21.39 -11.92
C LEU C 208 21.73 20.47 -12.94
N ILE C 209 21.12 19.39 -12.46
CA ILE C 209 20.47 18.40 -13.31
C ILE C 209 18.97 18.59 -13.22
N ASP C 210 18.31 18.61 -14.38
CA ASP C 210 16.84 18.69 -14.46
C ASP C 210 16.32 19.97 -13.80
N GLU C 211 16.82 21.12 -14.27
CA GLU C 211 16.39 22.42 -13.70
C GLU C 211 15.88 23.33 -14.82
N ARG C 212 15.17 24.40 -14.46
CA ARG C 212 14.67 25.37 -15.48
C ARG C 212 15.87 26.14 -16.03
N PRO C 213 16.00 26.27 -17.36
CA PRO C 213 17.20 26.91 -17.95
C PRO C 213 17.41 28.33 -17.43
N GLU C 214 16.37 29.18 -17.34
CA GLU C 214 16.59 30.49 -16.73
C GLU C 214 17.47 30.39 -15.49
N GLU C 215 17.20 29.44 -14.59
CA GLU C 215 18.06 29.25 -13.44
C GLU C 215 19.47 28.84 -13.84
N VAL C 216 19.59 28.05 -14.91
CA VAL C 216 20.92 27.63 -15.38
C VAL C 216 21.73 28.84 -15.84
N THR C 217 21.13 29.67 -16.70
CA THR C 217 21.86 30.82 -17.21
C THR C 217 22.05 31.88 -16.13
N GLU C 218 21.22 31.86 -15.09
CA GLU C 218 21.44 32.74 -13.96
C GLU C 218 22.64 32.30 -13.15
N MET C 219 22.71 31.01 -12.82
CA MET C 219 23.85 30.50 -12.04
C MET C 219 25.15 30.61 -12.83
N GLN C 220 25.07 30.46 -14.16
CA GLN C 220 26.29 30.53 -14.96
C GLN C 220 26.87 31.93 -14.98
N ARG C 221 26.03 32.96 -14.88
CA ARG C 221 26.47 34.35 -14.93
C ARG C 221 26.58 34.97 -13.54
N LEU C 222 26.50 34.17 -12.48
CA LEU C 222 26.55 34.67 -11.11
C LEU C 222 27.75 34.18 -10.33
N VAL C 223 28.08 32.88 -10.42
CA VAL C 223 29.16 32.30 -9.66
C VAL C 223 30.46 32.42 -10.45
N LYS C 224 31.57 32.46 -9.73
CA LYS C 224 32.90 32.55 -10.34
C LYS C 224 33.53 31.16 -10.38
N GLY C 225 33.07 30.37 -11.34
CA GLY C 225 33.57 29.03 -11.50
C GLY C 225 32.97 28.33 -12.69
N GLU C 226 33.09 27.01 -12.71
CA GLU C 226 32.57 26.18 -13.78
C GLU C 226 31.14 25.75 -13.46
N VAL C 227 30.27 25.81 -14.46
CA VAL C 227 28.87 25.45 -14.31
C VAL C 227 28.52 24.44 -15.39
N VAL C 228 28.27 23.19 -14.98
CA VAL C 228 27.82 22.14 -15.87
C VAL C 228 26.40 21.76 -15.47
N ALA C 229 25.45 22.01 -16.37
CA ALA C 229 24.05 21.80 -16.07
C ALA C 229 23.37 21.05 -17.21
N SER C 230 22.18 20.51 -16.91
CA SER C 230 21.39 19.76 -17.89
C SER C 230 19.91 20.03 -17.57
N THR C 231 19.27 20.81 -18.43
CA THR C 231 17.88 21.19 -18.21
C THR C 231 16.96 19.98 -18.34
N PHE C 232 15.70 20.18 -17.94
CA PHE C 232 14.71 19.10 -17.97
C PHE C 232 14.34 18.70 -19.39
N ASP C 233 14.66 19.52 -20.40
CA ASP C 233 14.35 19.17 -21.78
C ASP C 233 15.20 18.02 -22.30
N GLU C 234 16.21 17.60 -21.54
CA GLU C 234 17.06 16.49 -21.95
C GLU C 234 16.65 15.20 -21.24
N PRO C 235 16.83 14.05 -21.89
CA PRO C 235 16.45 12.78 -21.27
C PRO C 235 17.37 12.45 -20.09
N ALA C 236 16.96 11.44 -19.34
CA ALA C 236 17.73 11.02 -18.16
C ALA C 236 19.08 10.42 -18.56
N SER C 237 19.20 9.94 -19.80
CA SER C 237 20.47 9.41 -20.26
C SER C 237 21.56 10.48 -20.25
N ARG C 238 21.22 11.68 -20.72
CA ARG C 238 22.19 12.77 -20.68
C ARG C 238 22.52 13.17 -19.25
N HIS C 239 21.53 13.09 -18.36
CA HIS C 239 21.78 13.37 -16.95
C HIS C 239 22.81 12.39 -16.39
N VAL C 240 22.62 11.10 -16.65
CA VAL C 240 23.55 10.08 -16.17
C VAL C 240 24.94 10.30 -16.77
N GLN C 241 24.98 10.63 -18.07
CA GLN C 241 26.27 10.85 -18.73
C GLN C 241 27.00 12.04 -18.13
N VAL C 242 26.28 13.13 -17.88
CA VAL C 242 26.89 14.32 -17.30
C VAL C 242 27.39 14.02 -15.89
N ALA C 243 26.60 13.32 -15.09
CA ALA C 243 27.02 12.97 -13.73
C ALA C 243 28.29 12.11 -13.77
N GLU C 244 28.33 11.13 -14.67
CA GLU C 244 29.51 10.27 -14.76
C GLU C 244 30.73 11.06 -15.19
N MET C 245 30.58 11.94 -16.19
CA MET C 245 31.72 12.74 -16.64
C MET C 245 32.22 13.65 -15.52
N VAL C 246 31.30 14.28 -14.78
CA VAL C 246 31.69 15.19 -13.72
C VAL C 246 32.42 14.42 -12.61
N ILE C 247 31.90 13.27 -12.20
CA ILE C 247 32.54 12.54 -11.12
C ILE C 247 33.89 11.96 -11.57
N GLU C 248 34.00 11.56 -12.84
CA GLU C 248 35.28 11.06 -13.33
C GLU C 248 36.32 12.18 -13.40
N LYS C 249 35.91 13.36 -13.85
CA LYS C 249 36.83 14.49 -13.85
C LYS C 249 37.25 14.87 -12.44
N ALA C 250 36.31 14.81 -11.50
CA ALA C 250 36.64 15.10 -10.10
C ALA C 250 37.65 14.10 -9.56
N LYS C 251 37.45 12.81 -9.85
CA LYS C 251 38.39 11.79 -9.40
C LYS C 251 39.76 12.00 -10.03
N ARG C 252 39.81 12.31 -11.33
CA ARG C 252 41.09 12.52 -11.98
C ARG C 252 41.81 13.75 -11.41
N LEU C 253 41.06 14.78 -11.03
CA LEU C 253 41.67 15.95 -10.44
C LEU C 253 42.18 15.64 -9.04
N VAL C 254 41.41 14.91 -8.23
CA VAL C 254 41.84 14.54 -6.89
C VAL C 254 43.08 13.66 -6.94
N GLU C 255 43.18 12.82 -7.97
CA GLU C 255 44.37 11.98 -8.13
C GLU C 255 45.64 12.81 -8.31
N HIS C 256 45.52 14.06 -8.75
CA HIS C 256 46.66 14.97 -8.87
C HIS C 256 46.76 15.94 -7.70
N LYS C 257 46.21 15.55 -6.54
CA LYS C 257 46.27 16.37 -5.32
C LYS C 257 45.61 17.73 -5.51
N LYS C 258 44.39 17.73 -6.04
CA LYS C 258 43.62 18.95 -6.22
C LYS C 258 42.40 18.94 -5.29
N ASP C 259 41.97 20.14 -4.91
CA ASP C 259 40.82 20.32 -4.03
C ASP C 259 39.60 20.60 -4.88
N VAL C 260 38.76 19.58 -5.07
CA VAL C 260 37.56 19.68 -5.88
C VAL C 260 36.36 19.89 -4.97
N ILE C 261 35.48 20.80 -5.37
CA ILE C 261 34.25 21.10 -4.64
C ILE C 261 33.08 20.97 -5.61
N ILE C 262 32.13 20.09 -5.28
CA ILE C 262 30.97 19.83 -6.11
C ILE C 262 29.73 20.25 -5.35
N LEU C 263 29.00 21.22 -5.87
CA LEU C 263 27.76 21.71 -5.26
C LEU C 263 26.59 21.12 -6.05
N LEU C 264 26.12 19.96 -5.60
CA LEU C 264 25.01 19.28 -6.26
C LEU C 264 23.69 19.84 -5.75
N ASP C 265 22.74 20.05 -6.65
CA ASP C 265 21.42 20.56 -6.31
C ASP C 265 20.29 19.65 -6.77
N SER C 266 20.62 18.45 -7.21
CA SER C 266 19.63 17.56 -7.82
C SER C 266 19.83 16.10 -7.46
N ILE C 267 20.30 15.79 -6.26
CA ILE C 267 20.52 14.40 -5.84
C ILE C 267 19.22 13.60 -6.00
N THR C 268 18.09 14.20 -5.66
CA THR C 268 16.79 13.57 -5.85
C THR C 268 16.50 13.38 -7.34
N ARG C 269 16.76 14.41 -8.13
CA ARG C 269 16.55 14.31 -9.57
C ARG C 269 17.51 13.29 -10.20
N LEU C 270 18.73 13.23 -9.69
CA LEU C 270 19.69 12.24 -10.19
C LEU C 270 19.24 10.82 -9.86
N ALA C 271 18.71 10.62 -8.65
CA ALA C 271 18.17 9.31 -8.29
C ALA C 271 16.97 8.94 -9.14
N ARG C 272 16.11 9.93 -9.43
CA ARG C 272 14.98 9.67 -10.32
C ARG C 272 15.45 9.29 -11.72
N ALA C 273 16.49 9.97 -12.23
CA ALA C 273 17.03 9.65 -13.54
C ALA C 273 17.60 8.24 -13.56
N TYR C 274 18.32 7.86 -12.51
CA TYR C 274 18.89 6.52 -12.45
C TYR C 274 17.81 5.46 -12.34
N ASN C 275 16.73 5.76 -11.60
CA ASN C 275 15.61 4.83 -11.51
C ASN C 275 14.85 4.74 -12.83
N THR C 276 14.90 5.79 -13.66
CA THR C 276 14.25 5.75 -14.96
C THR C 276 15.09 5.00 -15.99
N VAL C 277 16.43 5.12 -15.94
CA VAL C 277 17.27 4.49 -16.95
C VAL C 277 17.59 3.04 -16.63
N VAL C 278 17.26 2.55 -15.44
CA VAL C 278 17.56 1.17 -15.07
C VAL C 278 16.50 0.26 -15.67
N PRO C 279 16.88 -0.87 -16.27
CA PRO C 279 15.88 -1.78 -16.82
C PRO C 279 15.00 -2.37 -15.73
N ALA C 280 13.73 -2.59 -16.08
CA ALA C 280 12.79 -3.15 -15.12
C ALA C 280 13.15 -4.61 -14.81
N SER C 281 13.11 -4.95 -13.53
CA SER C 281 13.42 -6.29 -13.06
C SER C 281 12.22 -7.02 -12.49
N GLY C 282 11.02 -6.48 -12.65
CA GLY C 282 9.83 -7.11 -12.12
C GLY C 282 9.65 -7.02 -10.63
N LYS C 283 10.49 -6.24 -9.94
CA LYS C 283 10.40 -6.09 -8.49
C LYS C 283 10.47 -4.60 -8.16
N VAL C 284 9.37 -4.07 -7.61
CA VAL C 284 9.25 -2.66 -7.28
C VAL C 284 9.06 -2.54 -5.77
N LEU C 285 9.85 -1.67 -5.13
CA LEU C 285 9.74 -1.46 -3.71
C LEU C 285 8.65 -0.42 -3.40
N THR C 286 8.54 -0.08 -2.12
CA THR C 286 7.56 0.90 -1.69
C THR C 286 7.90 2.28 -2.23
N GLY C 287 6.95 2.91 -2.92
CA GLY C 287 7.13 4.22 -3.48
C GLY C 287 7.54 4.26 -4.93
N GLY C 288 7.80 3.11 -5.55
CA GLY C 288 8.20 3.09 -6.94
C GLY C 288 9.70 3.17 -7.16
N VAL C 289 10.49 2.63 -6.24
CA VAL C 289 11.94 2.66 -6.33
C VAL C 289 12.45 1.26 -6.63
N ASP C 290 13.32 1.14 -7.62
CA ASP C 290 13.89 -0.15 -7.96
C ASP C 290 14.94 -0.55 -6.93
N ALA C 291 15.17 -1.86 -6.79
CA ALA C 291 16.10 -2.35 -5.79
C ALA C 291 17.54 -1.97 -6.14
N ASN C 292 17.86 -1.88 -7.43
CA ASN C 292 19.22 -1.58 -7.88
C ASN C 292 19.32 -0.18 -8.50
N ALA C 293 18.36 0.69 -8.22
CA ALA C 293 18.39 2.03 -8.78
C ALA C 293 19.19 3.01 -7.95
N LEU C 294 19.21 2.82 -6.64
CA LEU C 294 19.90 3.74 -5.73
C LEU C 294 21.38 3.43 -5.58
N HIS C 295 21.88 2.38 -6.22
CA HIS C 295 23.29 2.01 -6.07
C HIS C 295 24.20 3.04 -6.73
N ARG C 296 23.85 3.46 -7.95
CA ARG C 296 24.67 4.46 -8.64
C ARG C 296 24.67 5.81 -7.92
N PRO C 297 23.54 6.37 -7.49
CA PRO C 297 23.63 7.59 -6.67
C PRO C 297 24.33 7.38 -5.35
N LYS C 298 24.21 6.18 -4.77
CA LYS C 298 24.94 5.87 -3.55
C LYS C 298 26.44 6.00 -3.77
N ARG C 299 26.95 5.41 -4.86
CA ARG C 299 28.38 5.52 -5.15
C ARG C 299 28.77 6.94 -5.50
N PHE C 300 27.93 7.65 -6.26
CA PHE C 300 28.24 9.03 -6.60
C PHE C 300 28.36 9.89 -5.36
N PHE C 301 27.50 9.63 -4.36
CA PHE C 301 27.58 10.39 -3.11
C PHE C 301 28.80 9.98 -2.30
N GLY C 302 29.04 8.67 -2.17
CA GLY C 302 30.16 8.19 -1.39
C GLY C 302 31.52 8.42 -2.01
N ALA C 303 31.57 8.88 -3.26
CA ALA C 303 32.85 9.20 -3.89
C ALA C 303 33.58 10.30 -3.12
N ALA C 304 32.84 11.19 -2.48
CA ALA C 304 33.45 12.27 -1.72
C ALA C 304 34.23 11.71 -0.53
N ARG C 305 35.47 12.15 -0.39
CA ARG C 305 36.34 11.69 0.68
C ARG C 305 37.55 12.61 0.75
N ASN C 306 38.20 12.61 1.91
CA ASN C 306 39.41 13.37 2.14
C ASN C 306 40.62 12.46 1.99
N VAL C 307 41.60 12.90 1.21
CA VAL C 307 42.78 12.11 0.90
C VAL C 307 43.93 12.57 1.78
N GLU C 308 44.64 11.62 2.39
CA GLU C 308 45.79 11.96 3.22
C GLU C 308 47.01 12.32 2.40
N GLU C 309 47.20 11.67 1.25
CA GLU C 309 48.36 11.97 0.41
C GLU C 309 48.27 13.37 -0.20
N GLY C 310 47.05 13.87 -0.43
CA GLY C 310 46.88 15.19 -0.99
C GLY C 310 45.55 15.36 -1.71
N GLY C 311 44.97 16.55 -1.61
CA GLY C 311 43.70 16.84 -2.25
C GLY C 311 42.52 16.38 -1.42
N SER C 312 41.33 16.72 -1.90
CA SER C 312 40.09 16.37 -1.23
C SER C 312 38.95 16.49 -2.24
N LEU C 313 37.80 15.93 -1.88
CA LEU C 313 36.61 15.96 -2.71
C LEU C 313 35.40 16.24 -1.83
N THR C 314 34.80 17.40 -2.00
CA THR C 314 33.64 17.83 -1.23
C THR C 314 32.40 17.82 -2.11
N ILE C 315 31.34 17.17 -1.63
CA ILE C 315 30.08 17.06 -2.36
C ILE C 315 28.97 17.52 -1.41
N ILE C 316 28.30 18.61 -1.76
CA ILE C 316 27.19 19.15 -0.98
C ILE C 316 25.94 19.02 -1.84
N ALA C 317 25.11 18.03 -1.54
CA ALA C 317 23.90 17.76 -2.29
C ALA C 317 22.69 18.27 -1.52
N THR C 318 21.71 18.81 -2.26
CA THR C 318 20.48 19.33 -1.69
C THR C 318 19.35 18.35 -1.98
N ALA C 319 18.82 17.71 -0.92
CA ALA C 319 17.75 16.74 -1.06
C ALA C 319 16.39 17.42 -0.96
N LEU C 320 15.41 16.85 -1.65
CA LEU C 320 14.05 17.37 -1.67
C LEU C 320 13.14 16.51 -0.81
N ILE C 321 12.34 17.16 0.04
CA ILE C 321 11.38 16.48 0.90
C ILE C 321 10.05 17.21 0.79
N ASP C 322 9.05 16.66 1.49
CA ASP C 322 7.69 17.28 1.44
C ASP C 322 7.21 17.03 0.01
N THR C 323 7.62 15.90 -0.56
CA THR C 323 7.16 15.53 -1.92
C THR C 323 6.37 14.23 -1.78
N GLY C 324 5.04 14.32 -1.65
CA GLY C 324 4.18 13.13 -1.58
C GLY C 324 4.58 12.14 -2.65
N SER C 325 5.38 12.57 -3.63
CA SER C 325 5.95 11.59 -4.57
C SER C 325 6.73 10.66 -3.65
N LYS C 326 6.02 9.86 -2.86
CA LYS C 326 6.61 8.95 -1.89
C LYS C 326 7.99 8.47 -2.32
N MET C 327 8.27 8.49 -3.63
CA MET C 327 9.58 8.06 -4.11
C MET C 327 10.69 8.98 -3.58
N ASP C 328 10.46 10.28 -3.63
CA ASP C 328 11.44 11.21 -3.09
C ASP C 328 11.59 11.05 -1.58
N GLU C 329 10.50 10.75 -0.88
CA GLU C 329 10.59 10.51 0.56
C GLU C 329 11.43 9.28 0.85
N VAL C 330 11.25 8.21 0.09
CA VAL C 330 12.06 7.00 0.28
C VAL C 330 13.52 7.28 -0.03
N ILE C 331 13.77 7.98 -1.14
CA ILE C 331 15.19 8.20 -1.61
C ILE C 331 15.96 9.05 -0.59
N TYR C 332 15.77 10.37 -0.62
CA TYR C 332 16.53 11.28 0.28
C TYR C 332 16.69 10.61 1.64
N GLU C 333 15.66 9.89 2.08
CA GLU C 333 15.69 9.22 3.41
C GLU C 333 16.77 8.12 3.36
N GLU C 334 16.55 7.01 2.66
CA GLU C 334 17.69 6.13 2.43
C GLU C 334 19.01 6.89 2.48
N PHE C 335 19.04 8.10 1.92
CA PHE C 335 20.27 8.89 1.91
C PHE C 335 20.52 9.61 3.22
N LYS C 336 19.56 9.62 4.14
CA LYS C 336 19.75 10.33 5.41
C LYS C 336 20.84 9.66 6.25
N GLY C 337 20.81 8.33 6.37
CA GLY C 337 21.80 7.62 7.15
C GLY C 337 23.14 7.43 6.47
N THR C 338 23.40 8.13 5.38
CA THR C 338 24.64 7.98 4.62
C THR C 338 25.63 9.10 4.87
N GLY C 339 25.22 10.35 4.74
CA GLY C 339 26.10 11.48 4.93
C GLY C 339 26.42 11.74 6.39
N ASN C 340 27.24 12.77 6.61
CA ASN C 340 27.63 13.14 7.96
C ASN C 340 27.36 14.62 8.27
N MET C 341 26.43 15.25 7.55
CA MET C 341 26.09 16.64 7.79
C MET C 341 24.71 16.90 7.22
N GLU C 342 23.80 17.41 8.06
CA GLU C 342 22.44 17.72 7.64
C GLU C 342 22.13 19.16 8.03
N LEU C 343 21.78 19.97 7.03
CA LEU C 343 21.40 21.36 7.23
C LEU C 343 19.94 21.50 6.83
N HIS C 344 19.04 21.36 7.81
CA HIS C 344 17.61 21.39 7.55
C HIS C 344 17.10 22.81 7.47
N LEU C 345 16.15 23.03 6.56
CA LEU C 345 15.49 24.33 6.42
C LEU C 345 14.00 24.16 6.69
N SER C 346 13.42 25.12 7.41
CA SER C 346 12.04 25.04 7.84
C SER C 346 11.15 25.86 6.91
N ARG C 347 10.08 25.23 6.43
CA ARG C 347 9.12 25.95 5.58
C ARG C 347 8.32 26.97 6.38
N LYS C 348 8.05 26.67 7.65
CA LYS C 348 7.28 27.59 8.49
C LYS C 348 8.03 28.90 8.68
N ILE C 349 9.36 28.84 8.81
CA ILE C 349 10.14 30.06 8.94
C ILE C 349 10.24 30.79 7.60
N ALA C 350 10.27 30.05 6.50
CA ALA C 350 10.34 30.70 5.18
C ALA C 350 9.02 31.41 4.85
N GLU C 351 7.90 30.87 5.33
CA GLU C 351 6.62 31.53 5.10
C GLU C 351 6.52 32.87 5.82
N LYS C 352 7.25 33.05 6.92
CA LYS C 352 7.27 34.30 7.66
C LYS C 352 8.25 35.31 7.05
N ARG C 353 8.85 34.98 5.91
CA ARG C 353 9.81 35.86 5.23
C ARG C 353 10.99 36.20 6.13
N VAL C 354 11.47 35.20 6.87
CA VAL C 354 12.62 35.35 7.75
C VAL C 354 13.78 34.59 7.10
N PHE C 355 14.64 35.33 6.39
CA PHE C 355 15.77 34.74 5.69
C PHE C 355 17.05 34.98 6.47
N PRO C 356 17.90 33.95 6.65
CA PRO C 356 17.66 32.60 6.14
C PRO C 356 16.77 31.77 7.06
N ALA C 357 16.01 30.83 6.48
CA ALA C 357 15.12 29.95 7.24
C ALA C 357 15.84 28.63 7.47
N ILE C 358 16.73 28.62 8.46
CA ILE C 358 17.56 27.46 8.76
C ILE C 358 17.09 26.86 10.08
N ASP C 359 16.92 25.54 10.10
CA ASP C 359 16.56 24.82 11.32
C ASP C 359 17.84 24.57 12.10
N TYR C 360 18.14 25.46 13.06
CA TYR C 360 19.38 25.36 13.81
C TYR C 360 19.37 24.16 14.74
N ASN C 361 18.19 23.72 15.18
CA ASN C 361 18.11 22.62 16.14
C ASN C 361 18.57 21.30 15.53
N ARG C 362 18.01 20.95 14.36
CA ARG C 362 18.34 19.67 13.74
C ARG C 362 19.66 19.71 12.96
N SER C 363 20.24 20.89 12.77
CA SER C 363 21.52 20.98 12.09
C SER C 363 22.66 20.52 13.02
N GLY C 364 23.82 20.33 12.42
CA GLY C 364 24.98 19.90 13.19
C GLY C 364 25.99 19.19 12.29
N THR C 365 27.18 18.99 12.84
CA THR C 365 28.27 18.33 12.15
C THR C 365 28.96 17.36 13.09
N ARG C 366 29.23 16.15 12.60
CA ARG C 366 29.92 15.15 13.39
C ARG C 366 31.42 15.41 13.36
N LYS C 367 32.09 15.13 14.47
CA LYS C 367 33.53 15.37 14.63
C LYS C 367 33.87 16.83 14.36
N GLU C 368 33.04 17.73 14.89
CA GLU C 368 33.25 19.16 14.67
C GLU C 368 34.47 19.68 15.41
N GLU C 369 34.98 18.94 16.40
CA GLU C 369 36.16 19.38 17.14
C GLU C 369 37.42 19.37 16.28
N LEU C 370 37.41 18.68 15.15
CA LEU C 370 38.56 18.63 14.25
C LEU C 370 38.66 19.85 13.35
N LEU C 371 37.65 20.72 13.35
CA LEU C 371 37.65 21.93 12.53
C LEU C 371 37.55 23.21 13.34
N THR C 372 37.36 23.11 14.65
CA THR C 372 37.24 24.29 15.49
C THR C 372 38.13 24.13 16.72
N THR C 373 38.50 25.25 17.32
CA THR C 373 39.33 25.24 18.51
C THR C 373 38.50 24.85 19.73
N GLN C 374 39.19 24.75 20.88
CA GLN C 374 38.51 24.37 22.11
C GLN C 374 37.53 25.44 22.58
N GLU C 375 37.98 26.69 22.63
CA GLU C 375 37.11 27.78 23.07
C GLU C 375 35.96 28.00 22.09
N GLU C 376 36.24 27.88 20.78
CA GLU C 376 35.19 28.02 19.79
C GLU C 376 34.14 26.92 19.93
N LEU C 377 34.59 25.68 20.15
CA LEU C 377 33.65 24.58 20.36
C LEU C 377 32.84 24.77 21.62
N GLN C 378 33.47 25.27 22.70
CA GLN C 378 32.73 25.53 23.93
C GLN C 378 31.69 26.61 23.74
N LYS C 379 32.04 27.68 23.02
CA LYS C 379 31.09 28.75 22.75
C LYS C 379 29.93 28.26 21.88
N MET C 380 30.23 27.41 20.88
CA MET C 380 29.15 26.85 20.06
C MET C 380 28.25 25.95 20.88
N TRP C 381 28.83 25.17 21.79
CA TRP C 381 28.02 24.31 22.67
C TRP C 381 27.11 25.15 23.57
N ILE C 382 27.65 26.24 24.13
CA ILE C 382 26.84 27.11 24.98
C ILE C 382 25.73 27.77 24.15
N LEU C 383 26.04 28.20 22.94
CA LEU C 383 25.03 28.82 22.09
C LEU C 383 23.93 27.82 21.73
N ARG C 384 24.31 26.56 21.48
CA ARG C 384 23.30 25.55 21.19
C ARG C 384 22.44 25.24 22.42
N LYS C 385 23.05 25.19 23.60
CA LYS C 385 22.29 24.93 24.81
C LYS C 385 21.36 26.09 25.16
N ILE C 386 21.72 27.31 24.76
CA ILE C 386 20.84 28.45 24.98
C ILE C 386 19.72 28.49 23.95
N ILE C 387 20.04 28.12 22.70
CA ILE C 387 19.05 28.20 21.63
C ILE C 387 18.03 27.06 21.71
N HIS C 388 18.46 25.88 22.16
CA HIS C 388 17.59 24.69 22.16
C HIS C 388 16.25 24.90 22.85
N PRO C 389 16.16 25.51 24.04
CA PRO C 389 14.83 25.67 24.66
C PRO C 389 13.87 26.54 23.86
N MET C 390 14.38 27.58 23.21
CA MET C 390 13.52 28.48 22.46
C MET C 390 12.98 27.80 21.20
N GLY C 391 11.86 28.32 20.70
CA GLY C 391 11.29 27.80 19.48
C GLY C 391 12.11 28.16 18.26
N GLU C 392 11.79 27.51 17.14
CA GLU C 392 12.56 27.69 15.91
C GLU C 392 12.51 29.14 15.44
N ILE C 393 11.30 29.69 15.28
CA ILE C 393 11.17 31.07 14.81
C ILE C 393 11.76 32.04 15.81
N ASP C 394 11.50 31.81 17.10
CA ASP C 394 12.06 32.69 18.14
C ASP C 394 13.58 32.62 18.17
N ALA C 395 14.15 31.42 18.04
CA ALA C 395 15.61 31.29 18.03
C ALA C 395 16.21 31.98 16.82
N MET C 396 15.56 31.84 15.65
CA MET C 396 16.06 32.50 14.45
C MET C 396 16.01 34.02 14.59
N GLU C 397 14.91 34.54 15.14
CA GLU C 397 14.81 35.98 15.35
C GLU C 397 15.87 36.47 16.33
N PHE C 398 16.08 35.72 17.41
CA PHE C 398 17.11 36.08 18.39
C PHE C 398 18.49 36.09 17.74
N LEU C 399 18.81 35.05 16.97
CA LEU C 399 20.11 34.96 16.32
C LEU C 399 20.31 36.11 15.34
N ILE C 400 19.28 36.44 14.56
CA ILE C 400 19.39 37.53 13.60
C ILE C 400 19.60 38.86 14.32
N ASN C 401 18.82 39.11 15.38
CA ASN C 401 18.93 40.37 16.10
C ASN C 401 20.26 40.49 16.82
N LYS C 402 20.85 39.36 17.22
CA LYS C 402 22.14 39.41 17.90
C LYS C 402 23.31 39.50 16.91
N LEU C 403 23.16 38.94 15.71
CA LEU C 403 24.22 39.05 14.72
C LEU C 403 24.18 40.37 13.97
N ALA C 404 23.02 41.04 13.95
CA ALA C 404 22.95 42.35 13.31
C ALA C 404 23.67 43.43 14.11
N MET C 405 23.90 43.20 15.41
CA MET C 405 24.55 44.21 16.24
C MET C 405 26.03 44.34 15.94
N THR C 406 26.69 43.24 15.60
CA THR C 406 28.13 43.22 15.36
C THR C 406 28.43 42.69 13.97
N LYS C 407 29.71 42.71 13.60
CA LYS C 407 30.15 42.22 12.31
C LYS C 407 30.70 40.81 12.37
N THR C 408 31.43 40.47 13.43
CA THR C 408 32.04 39.16 13.59
C THR C 408 31.34 38.40 14.70
N ASN C 409 31.37 37.07 14.58
CA ASN C 409 30.73 36.22 15.58
C ASN C 409 31.53 36.17 16.88
N ASP C 410 32.82 36.52 16.82
CA ASP C 410 33.63 36.53 18.03
C ASP C 410 33.12 37.56 19.02
N ASP C 411 32.73 38.74 18.54
CA ASP C 411 32.16 39.75 19.42
C ASP C 411 30.85 39.28 20.04
N PHE C 412 30.01 38.59 19.26
CA PHE C 412 28.78 38.04 19.81
C PHE C 412 29.06 37.02 20.90
N PHE C 413 30.03 36.12 20.66
CA PHE C 413 30.37 35.13 21.67
C PHE C 413 30.94 35.79 22.92
N GLU C 414 31.72 36.85 22.75
CA GLU C 414 32.28 37.54 23.91
C GLU C 414 31.20 38.28 24.69
N MET C 415 30.19 38.81 23.99
CA MET C 415 29.11 39.50 24.67
C MET C 415 28.11 38.56 25.32
N MET C 416 28.04 37.31 24.84
CA MET C 416 27.13 36.34 25.44
C MET C 416 27.57 35.98 26.86
N LYS C 417 28.87 35.94 27.11
CA LYS C 417 29.39 35.63 28.43
C LYS C 417 29.23 36.81 29.38
N MET D 1 -40.55 -48.23 6.14
CA MET D 1 -39.15 -48.23 5.73
C MET D 1 -38.72 -46.85 5.26
N ASN D 2 -38.25 -46.03 6.20
CA ASN D 2 -37.80 -44.68 5.92
C ASN D 2 -36.33 -44.54 6.29
N LEU D 3 -35.61 -43.70 5.54
CA LEU D 3 -34.18 -43.54 5.77
C LEU D 3 -33.91 -42.82 7.09
N THR D 4 -34.65 -41.74 7.35
CA THR D 4 -34.43 -40.98 8.59
C THR D 4 -34.79 -41.80 9.82
N GLU D 5 -35.78 -42.68 9.72
CA GLU D 5 -36.14 -43.52 10.85
C GLU D 5 -34.99 -44.47 11.21
N LEU D 6 -34.34 -45.04 10.20
CA LEU D 6 -33.20 -45.91 10.46
C LEU D 6 -31.97 -45.10 10.90
N LYS D 7 -31.87 -43.85 10.46
CA LYS D 7 -30.77 -42.99 10.90
C LYS D 7 -30.93 -42.57 12.36
N ASN D 8 -32.16 -42.43 12.84
CA ASN D 8 -32.37 -42.03 14.22
C ASN D 8 -32.22 -43.19 15.19
N THR D 9 -32.31 -44.43 14.71
CA THR D 9 -32.17 -45.58 15.57
C THR D 9 -30.72 -45.70 16.07
N PRO D 10 -30.51 -46.22 17.28
CA PRO D 10 -29.15 -46.37 17.79
C PRO D 10 -28.38 -47.48 17.08
N VAL D 11 -27.10 -47.59 17.41
CA VAL D 11 -26.23 -48.55 16.76
C VAL D 11 -26.53 -49.96 17.25
N SER D 12 -26.82 -50.11 18.55
CA SER D 12 -27.01 -51.44 19.12
C SER D 12 -28.24 -52.11 18.54
N GLU D 13 -29.36 -51.38 18.44
CA GLU D 13 -30.57 -51.97 17.88
C GLU D 13 -30.39 -52.32 16.40
N LEU D 14 -29.66 -51.50 15.65
CA LEU D 14 -29.41 -51.81 14.24
C LEU D 14 -28.54 -53.05 14.11
N ILE D 15 -27.52 -53.18 14.96
CA ILE D 15 -26.68 -54.39 14.94
C ILE D 15 -27.52 -55.62 15.27
N THR D 16 -28.39 -55.51 16.27
CA THR D 16 -29.24 -56.63 16.65
C THR D 16 -30.18 -57.02 15.51
N LEU D 17 -30.78 -56.02 14.86
CA LEU D 17 -31.68 -56.29 13.74
C LEU D 17 -30.94 -56.94 12.59
N GLY D 18 -29.73 -56.46 12.28
CA GLY D 18 -28.95 -57.06 11.22
C GLY D 18 -28.52 -58.48 11.53
N GLU D 19 -28.17 -58.77 12.78
CA GLU D 19 -27.84 -60.13 13.16
C GLU D 19 -29.06 -61.03 13.10
N ASN D 20 -30.24 -60.51 13.43
CA ASN D 20 -31.46 -61.31 13.30
C ASN D 20 -31.81 -61.56 11.84
N MET D 21 -31.49 -60.62 10.95
CA MET D 21 -31.78 -60.82 9.53
C MET D 21 -30.85 -61.84 8.89
N GLY D 22 -29.76 -62.20 9.58
CA GLY D 22 -28.86 -63.20 9.05
C GLY D 22 -27.92 -62.69 7.98
N LEU D 23 -27.07 -61.73 8.33
CA LEU D 23 -26.10 -61.15 7.41
C LEU D 23 -24.70 -61.27 8.02
N GLU D 24 -23.73 -60.64 7.36
CA GLU D 24 -22.37 -60.64 7.87
C GLU D 24 -22.29 -59.89 9.19
N ASN D 25 -21.26 -60.18 9.97
CA ASN D 25 -21.05 -59.58 11.28
C ASN D 25 -21.06 -58.06 11.19
N LEU D 26 -22.03 -57.43 11.86
CA LEU D 26 -22.20 -55.99 11.80
C LEU D 26 -21.52 -55.25 12.94
N ALA D 27 -20.91 -55.97 13.90
CA ALA D 27 -20.22 -55.30 14.99
C ALA D 27 -19.02 -54.52 14.47
N ARG D 28 -18.25 -55.10 13.57
CA ARG D 28 -17.13 -54.42 12.92
C ARG D 28 -17.57 -53.78 11.61
N MET D 29 -18.63 -52.99 11.64
CA MET D 29 -19.17 -52.35 10.45
C MET D 29 -19.69 -50.96 10.81
N ARG D 30 -19.67 -50.07 9.83
CA ARG D 30 -20.19 -48.73 10.02
C ARG D 30 -21.71 -48.75 10.07
N LYS D 31 -22.29 -47.77 10.77
CA LYS D 31 -23.74 -47.67 10.89
C LYS D 31 -24.39 -47.48 9.52
N GLN D 32 -23.78 -46.68 8.65
CA GLN D 32 -24.31 -46.48 7.31
C GLN D 32 -24.29 -47.77 6.52
N ASP D 33 -23.20 -48.54 6.62
CA ASP D 33 -23.14 -49.84 5.95
C ASP D 33 -24.16 -50.81 6.51
N ILE D 34 -24.39 -50.75 7.82
CA ILE D 34 -25.43 -51.59 8.44
C ILE D 34 -26.79 -51.26 7.87
N ILE D 35 -27.11 -49.96 7.78
CA ILE D 35 -28.39 -49.53 7.24
C ILE D 35 -28.52 -49.95 5.78
N PHE D 36 -27.43 -49.84 5.03
CA PHE D 36 -27.44 -50.22 3.62
C PHE D 36 -27.71 -51.72 3.46
N ALA D 37 -27.05 -52.54 4.28
CA ALA D 37 -27.27 -53.98 4.21
C ALA D 37 -28.67 -54.36 4.65
N ILE D 38 -29.21 -53.67 5.66
CA ILE D 38 -30.58 -53.94 6.11
C ILE D 38 -31.57 -53.59 5.00
N LEU D 39 -31.34 -52.46 4.32
CA LEU D 39 -32.23 -52.08 3.23
C LEU D 39 -32.15 -53.07 2.09
N LYS D 40 -30.93 -53.54 1.76
CA LYS D 40 -30.78 -54.56 0.72
C LYS D 40 -31.56 -55.83 1.08
N GLN D 41 -31.37 -56.30 2.31
CA GLN D 41 -32.02 -57.55 2.73
C GLN D 41 -33.53 -57.38 2.77
N HIS D 42 -34.02 -56.20 3.13
CA HIS D 42 -35.46 -55.98 3.18
C HIS D 42 -36.05 -55.84 1.79
N ALA D 43 -35.29 -55.29 0.83
CA ALA D 43 -35.77 -55.20 -0.53
C ALA D 43 -35.67 -56.52 -1.28
N LYS D 44 -34.78 -57.43 -0.85
CA LYS D 44 -34.74 -58.75 -1.46
C LYS D 44 -36.02 -59.52 -1.21
N SER D 45 -36.75 -59.19 -0.13
CA SER D 45 -38.01 -59.85 0.16
C SER D 45 -39.17 -59.31 -0.67
N GLY D 46 -38.97 -58.20 -1.39
CA GLY D 46 -40.00 -57.63 -2.23
C GLY D 46 -40.67 -56.39 -1.68
N GLU D 47 -40.36 -56.00 -0.44
CA GLU D 47 -40.99 -54.82 0.14
C GLU D 47 -40.40 -53.54 -0.46
N ASP D 48 -41.14 -52.45 -0.28
CA ASP D 48 -40.72 -51.16 -0.81
C ASP D 48 -39.91 -50.38 0.22
N ILE D 49 -39.04 -49.51 -0.28
CA ILE D 49 -38.21 -48.65 0.55
C ILE D 49 -38.48 -47.20 0.19
N PHE D 50 -38.57 -46.35 1.21
CA PHE D 50 -38.84 -44.93 1.02
C PHE D 50 -37.71 -44.10 1.60
N GLY D 51 -37.49 -42.93 1.00
CA GLY D 51 -36.45 -42.02 1.44
C GLY D 51 -36.87 -40.59 1.19
N ASP D 52 -36.00 -39.67 1.60
CA ASP D 52 -36.26 -38.24 1.44
C ASP D 52 -34.94 -37.50 1.55
N GLY D 53 -34.97 -36.21 1.20
CA GLY D 53 -33.79 -35.38 1.26
C GLY D 53 -33.93 -34.18 0.36
N VAL D 54 -32.97 -33.28 0.48
CA VAL D 54 -32.94 -32.06 -0.31
C VAL D 54 -32.17 -32.32 -1.59
N LEU D 55 -32.75 -31.87 -2.71
CA LEU D 55 -32.15 -32.13 -4.02
C LEU D 55 -30.98 -31.19 -4.29
N GLU D 56 -29.90 -31.74 -4.84
CA GLU D 56 -28.70 -31.00 -5.23
C GLU D 56 -28.38 -31.37 -6.68
N ILE D 57 -28.88 -30.57 -7.62
CA ILE D 57 -28.66 -30.85 -9.03
C ILE D 57 -27.21 -30.53 -9.38
N LEU D 58 -26.52 -31.50 -9.98
CA LEU D 58 -25.14 -31.32 -10.39
C LEU D 58 -25.08 -30.57 -11.73
N GLN D 59 -23.85 -30.22 -12.12
CA GLN D 59 -23.67 -29.47 -13.36
C GLN D 59 -23.93 -30.33 -14.59
N ASP D 60 -23.72 -31.65 -14.49
CA ASP D 60 -23.93 -32.52 -15.64
C ASP D 60 -25.41 -32.67 -15.96
N GLY D 61 -26.26 -32.73 -14.93
CA GLY D 61 -27.69 -32.86 -15.15
C GLY D 61 -28.39 -33.74 -14.14
N PHE D 62 -27.63 -34.60 -13.47
CA PHE D 62 -28.18 -35.49 -12.45
C PHE D 62 -28.11 -34.80 -11.08
N GLY D 63 -28.45 -35.53 -10.03
CA GLY D 63 -28.43 -34.95 -8.69
C GLY D 63 -28.59 -36.01 -7.63
N PHE D 64 -28.47 -35.56 -6.38
CA PHE D 64 -28.59 -36.44 -5.23
C PHE D 64 -29.51 -35.78 -4.20
N LEU D 65 -29.92 -36.58 -3.21
CA LEU D 65 -30.77 -36.13 -2.12
C LEU D 65 -29.92 -36.10 -0.85
N ARG D 66 -29.39 -34.93 -0.53
CA ARG D 66 -28.57 -34.77 0.67
C ARG D 66 -29.41 -34.90 1.93
N SER D 67 -28.75 -35.19 3.03
CA SER D 67 -29.39 -35.34 4.33
C SER D 67 -29.01 -34.18 5.23
N ALA D 68 -29.93 -33.81 6.13
CA ALA D 68 -29.72 -32.67 7.00
C ALA D 68 -28.85 -33.00 8.20
N ASP D 69 -28.86 -34.26 8.64
CA ASP D 69 -28.07 -34.65 9.81
C ASP D 69 -26.58 -34.66 9.53
N SER D 70 -26.17 -34.67 8.26
CA SER D 70 -24.77 -34.68 7.88
C SER D 70 -24.32 -33.35 7.30
N SER D 71 -25.10 -32.28 7.51
CA SER D 71 -24.79 -30.94 7.01
C SER D 71 -24.61 -30.94 5.49
N TYR D 72 -25.47 -31.70 4.81
CA TYR D 72 -25.50 -31.78 3.34
C TYR D 72 -24.14 -32.21 2.79
N LEU D 73 -23.54 -33.20 3.44
CA LEU D 73 -22.26 -33.76 3.00
C LEU D 73 -22.50 -34.96 2.09
N ALA D 74 -21.59 -35.15 1.14
CA ALA D 74 -21.69 -36.25 0.19
C ALA D 74 -21.59 -37.59 0.91
N GLY D 75 -22.69 -38.34 0.93
CA GLY D 75 -22.73 -39.61 1.60
C GLY D 75 -22.98 -40.77 0.65
N PRO D 76 -22.62 -41.98 1.07
CA PRO D 76 -22.88 -43.15 0.21
C PRO D 76 -24.35 -43.48 0.07
N ASP D 77 -25.19 -43.04 1.02
CA ASP D 77 -26.61 -43.35 1.01
C ASP D 77 -27.44 -42.28 0.31
N ASP D 78 -26.82 -41.49 -0.56
CA ASP D 78 -27.55 -40.48 -1.31
C ASP D 78 -28.39 -41.13 -2.40
N ILE D 79 -29.58 -40.59 -2.62
CA ILE D 79 -30.51 -41.13 -3.60
C ILE D 79 -30.25 -40.47 -4.93
N TYR D 80 -29.92 -41.28 -5.94
CA TYR D 80 -29.68 -40.74 -7.27
C TYR D 80 -30.98 -40.30 -7.92
N VAL D 81 -30.94 -39.14 -8.57
CA VAL D 81 -32.09 -38.57 -9.26
C VAL D 81 -31.73 -38.41 -10.72
N SER D 82 -32.38 -39.18 -11.60
CA SER D 82 -32.08 -39.13 -13.01
C SER D 82 -32.50 -37.77 -13.59
N PRO D 83 -31.79 -37.29 -14.62
CA PRO D 83 -32.20 -36.01 -15.24
C PRO D 83 -33.53 -36.09 -15.96
N SER D 84 -33.95 -37.30 -16.35
CA SER D 84 -35.25 -37.47 -17.00
C SER D 84 -36.39 -37.04 -16.08
N GLN D 85 -36.36 -37.50 -14.82
CA GLN D 85 -37.38 -37.09 -13.87
C GLN D 85 -37.28 -35.60 -13.55
N ILE D 86 -36.06 -35.06 -13.54
CA ILE D 86 -35.88 -33.64 -13.30
C ILE D 86 -36.55 -32.82 -14.39
N ARG D 87 -36.39 -33.28 -15.63
CA ARG D 87 -36.96 -32.63 -16.84
C ARG D 87 -38.47 -32.86 -16.90
N ARG D 88 -38.95 -33.95 -16.29
CA ARG D 88 -40.40 -34.31 -16.31
C ARG D 88 -41.19 -33.55 -15.23
N PHE D 89 -40.55 -33.25 -14.09
CA PHE D 89 -41.21 -32.56 -13.00
C PHE D 89 -40.67 -31.16 -12.74
N ASN D 90 -39.72 -30.69 -13.58
CA ASN D 90 -39.14 -29.37 -13.44
C ASN D 90 -38.55 -29.16 -12.05
N LEU D 91 -37.73 -30.12 -11.63
CA LEU D 91 -37.10 -30.04 -10.32
C LEU D 91 -35.89 -29.12 -10.35
N ARG D 92 -35.64 -28.45 -9.23
CA ARG D 92 -34.51 -27.56 -9.09
C ARG D 92 -33.82 -27.81 -7.75
N THR D 93 -32.64 -27.24 -7.60
CA THR D 93 -31.86 -27.40 -6.37
C THR D 93 -32.61 -26.80 -5.18
N GLY D 94 -32.90 -27.63 -4.18
CA GLY D 94 -33.61 -27.20 -2.98
C GLY D 94 -34.97 -27.85 -2.81
N ASP D 95 -35.53 -28.46 -3.85
CA ASP D 95 -36.84 -29.08 -3.76
C ASP D 95 -36.76 -30.32 -2.89
N THR D 96 -37.57 -30.36 -1.83
CA THR D 96 -37.65 -31.54 -0.98
C THR D 96 -38.44 -32.63 -1.68
N ILE D 97 -37.80 -33.78 -1.89
CA ILE D 97 -38.40 -34.90 -2.61
C ILE D 97 -38.49 -36.09 -1.67
N SER D 98 -39.67 -36.71 -1.63
CA SER D 98 -39.90 -37.90 -0.80
C SER D 98 -40.66 -38.91 -1.64
N GLY D 99 -40.02 -40.04 -1.94
CA GLY D 99 -40.65 -41.06 -2.76
C GLY D 99 -40.00 -42.41 -2.55
N LYS D 100 -40.53 -43.40 -3.26
CA LYS D 100 -40.01 -44.75 -3.16
C LYS D 100 -38.62 -44.84 -3.78
N ILE D 101 -37.74 -45.60 -3.14
CA ILE D 101 -36.37 -45.81 -3.60
C ILE D 101 -36.09 -47.30 -3.66
N ARG D 102 -35.01 -47.65 -4.36
CA ARG D 102 -34.58 -49.03 -4.51
C ARG D 102 -33.08 -49.11 -4.33
N PRO D 103 -32.57 -50.21 -3.78
CA PRO D 103 -31.13 -50.38 -3.62
C PRO D 103 -30.44 -50.44 -4.97
N PRO D 104 -29.15 -50.09 -5.03
CA PRO D 104 -28.45 -50.11 -6.32
C PRO D 104 -28.22 -51.53 -6.80
N LYS D 105 -28.41 -51.74 -8.09
CA LYS D 105 -28.20 -53.05 -8.71
C LYS D 105 -26.71 -53.26 -8.98
N GLU D 106 -26.39 -54.30 -9.74
CA GLU D 106 -25.01 -54.59 -10.09
C GLU D 106 -24.47 -53.50 -11.02
N GLY D 107 -23.41 -52.82 -10.60
CA GLY D 107 -22.85 -51.73 -11.36
C GLY D 107 -23.32 -50.35 -10.95
N GLU D 108 -24.15 -50.25 -9.91
CA GLU D 108 -24.63 -48.98 -9.39
C GLU D 108 -24.11 -48.77 -7.98
N ARG D 109 -24.10 -47.51 -7.54
CA ARG D 109 -23.55 -47.16 -6.24
C ARG D 109 -24.52 -46.35 -5.38
N TYR D 110 -25.67 -45.96 -5.90
CA TYR D 110 -26.60 -45.12 -5.16
C TYR D 110 -28.04 -45.57 -5.42
N PHE D 111 -28.92 -45.22 -4.50
CA PHE D 111 -30.33 -45.57 -4.63
C PHE D 111 -30.97 -44.78 -5.75
N ALA D 112 -31.90 -45.42 -6.47
CA ALA D 112 -32.62 -44.79 -7.56
C ALA D 112 -34.03 -44.40 -7.12
N LEU D 113 -34.57 -43.38 -7.78
CA LEU D 113 -35.90 -42.87 -7.47
C LEU D 113 -36.87 -43.37 -8.54
N LEU D 114 -37.92 -44.07 -8.11
CA LEU D 114 -38.92 -44.60 -9.01
C LEU D 114 -40.12 -43.67 -9.16
N LYS D 115 -40.78 -43.35 -8.04
CA LYS D 115 -41.98 -42.51 -8.05
C LYS D 115 -41.89 -41.51 -6.92
N VAL D 116 -42.11 -40.23 -7.23
CA VAL D 116 -42.09 -39.16 -6.24
C VAL D 116 -43.48 -39.03 -5.63
N ASN D 117 -43.56 -39.01 -4.31
CA ASN D 117 -44.85 -38.96 -3.62
C ASN D 117 -45.19 -37.56 -3.13
N GLU D 118 -44.21 -36.82 -2.60
CA GLU D 118 -44.46 -35.51 -2.02
C GLU D 118 -43.31 -34.57 -2.39
N VAL D 119 -43.67 -33.37 -2.84
CA VAL D 119 -42.70 -32.35 -3.25
C VAL D 119 -42.85 -31.14 -2.34
N ASN D 120 -41.76 -30.77 -1.67
CA ASN D 120 -41.74 -29.61 -0.77
C ASN D 120 -42.82 -29.70 0.30
N PHE D 121 -43.02 -30.92 0.81
CA PHE D 121 -44.02 -31.19 1.85
C PHE D 121 -45.42 -30.79 1.37
N ASP D 122 -45.68 -31.02 0.09
CA ASP D 122 -46.96 -30.66 -0.51
C ASP D 122 -47.18 -31.53 -1.74
N LYS D 123 -48.37 -31.44 -2.31
CA LYS D 123 -48.70 -32.22 -3.48
C LYS D 123 -47.94 -31.71 -4.70
N PRO D 124 -47.53 -32.59 -5.60
CA PRO D 124 -46.85 -32.13 -6.82
C PRO D 124 -47.73 -31.26 -7.71
N GLU D 125 -49.05 -31.40 -7.62
CA GLU D 125 -49.95 -30.57 -8.42
C GLU D 125 -49.91 -29.12 -7.96
N ASN D 126 -49.54 -28.87 -6.71
CA ASN D 126 -49.38 -27.50 -6.23
C ASN D 126 -47.98 -26.96 -6.48
N ALA D 127 -47.00 -27.83 -6.69
CA ALA D 127 -45.63 -27.40 -6.94
C ALA D 127 -45.35 -27.19 -8.43
N ARG D 128 -46.10 -27.89 -9.31
CA ARG D 128 -45.89 -27.71 -10.74
C ARG D 128 -46.25 -26.30 -11.19
N ASN D 129 -47.23 -25.69 -10.53
CA ASN D 129 -47.64 -24.32 -10.82
C ASN D 129 -47.23 -23.44 -9.64
N LYS D 130 -46.17 -22.66 -9.81
CA LYS D 130 -45.66 -21.81 -8.75
C LYS D 130 -44.90 -20.64 -9.35
N ILE D 131 -44.78 -19.58 -8.57
CA ILE D 131 -44.08 -18.37 -8.98
C ILE D 131 -42.66 -18.43 -8.43
N LEU D 132 -41.69 -18.11 -9.27
CA LEU D 132 -40.29 -18.15 -8.86
C LEU D 132 -40.00 -17.09 -7.80
N PHE D 133 -38.92 -17.31 -7.05
CA PHE D 133 -38.55 -16.38 -5.99
C PHE D 133 -38.05 -15.06 -6.57
N GLU D 134 -37.47 -15.08 -7.77
CA GLU D 134 -36.95 -13.87 -8.39
C GLU D 134 -38.06 -12.94 -8.88
N ASN D 135 -39.31 -13.40 -8.92
CA ASN D 135 -40.42 -12.60 -9.39
C ASN D 135 -41.29 -12.05 -8.27
N LEU D 136 -41.07 -12.48 -7.03
CA LEU D 136 -41.88 -12.00 -5.92
C LEU D 136 -41.57 -10.53 -5.62
N THR D 137 -42.62 -9.78 -5.31
CA THR D 137 -42.47 -8.35 -5.05
C THR D 137 -41.93 -8.13 -3.65
N PRO D 138 -40.77 -7.50 -3.49
CA PRO D 138 -40.24 -7.25 -2.14
C PRO D 138 -41.05 -6.18 -1.42
N LEU D 139 -40.94 -6.20 -0.09
CA LEU D 139 -41.60 -5.21 0.75
C LEU D 139 -40.81 -5.05 2.03
N HIS D 140 -41.16 -4.02 2.80
CA HIS D 140 -40.51 -3.78 4.08
C HIS D 140 -41.10 -4.69 5.14
N ALA D 141 -40.45 -4.72 6.30
CA ALA D 141 -40.92 -5.53 7.41
C ALA D 141 -42.26 -5.01 7.92
N ASN D 142 -43.30 -5.82 7.81
CA ASN D 142 -44.64 -5.45 8.24
C ASN D 142 -45.03 -6.14 9.55
N SER D 143 -44.92 -7.45 9.61
CA SER D 143 -45.26 -8.19 10.82
C SER D 143 -44.17 -8.02 11.88
N ARG D 144 -44.60 -7.86 13.12
CA ARG D 144 -43.67 -7.66 14.24
C ARG D 144 -43.29 -9.01 14.83
N LEU D 145 -41.98 -9.29 14.86
CA LEU D 145 -41.46 -10.50 15.50
C LEU D 145 -40.87 -10.10 16.85
N ARG D 146 -41.74 -10.04 17.86
CA ARG D 146 -41.32 -9.64 19.19
C ARG D 146 -40.43 -10.70 19.81
N MET D 147 -39.32 -10.26 20.39
CA MET D 147 -38.33 -11.16 20.98
C MET D 147 -38.45 -11.27 22.50
N GLU D 148 -39.32 -10.48 23.13
CA GLU D 148 -39.45 -10.51 24.57
C GLU D 148 -40.12 -11.80 25.02
N ARG D 149 -39.51 -12.45 26.02
CA ARG D 149 -40.07 -13.70 26.56
C ARG D 149 -41.39 -13.43 27.26
N GLY D 150 -41.38 -12.56 28.27
CA GLY D 150 -42.55 -12.27 29.05
C GLY D 150 -42.69 -13.10 30.32
N ASN D 151 -41.80 -14.07 30.55
CA ASN D 151 -41.86 -14.91 31.73
C ASN D 151 -41.16 -14.30 32.93
N GLY D 152 -40.59 -13.10 32.79
CA GLY D 152 -39.91 -12.46 33.90
C GLY D 152 -38.59 -13.09 34.29
N SER D 153 -37.96 -13.82 33.36
CA SER D 153 -36.69 -14.45 33.66
C SER D 153 -35.55 -13.44 33.62
N THR D 154 -34.45 -13.77 34.29
CA THR D 154 -33.29 -12.88 34.32
C THR D 154 -32.61 -12.80 32.95
N GLU D 155 -32.74 -13.85 32.14
CA GLU D 155 -32.15 -13.83 30.80
C GLU D 155 -32.98 -13.00 29.82
N ASP D 156 -34.21 -12.64 30.18
CA ASP D 156 -35.05 -11.83 29.31
C ASP D 156 -34.56 -10.40 29.18
N LEU D 157 -33.59 -9.99 30.00
CA LEU D 157 -33.07 -8.63 29.90
C LEU D 157 -32.41 -8.38 28.54
N THR D 158 -31.71 -9.38 28.01
CA THR D 158 -31.09 -9.24 26.71
C THR D 158 -32.14 -9.02 25.63
N ALA D 159 -33.22 -9.81 25.66
CA ALA D 159 -34.28 -9.67 24.67
C ALA D 159 -34.98 -8.32 24.81
N ARG D 160 -35.16 -7.85 26.05
CA ARG D 160 -35.79 -6.56 26.27
C ARG D 160 -34.93 -5.43 25.72
N VAL D 161 -33.60 -5.50 25.96
CA VAL D 161 -32.70 -4.49 25.43
C VAL D 161 -32.68 -4.53 23.90
N LEU D 162 -32.74 -5.74 23.33
CA LEU D 162 -32.75 -5.86 21.88
C LEU D 162 -34.03 -5.26 21.29
N ASP D 163 -35.16 -5.49 21.94
CA ASP D 163 -36.42 -4.90 21.48
C ASP D 163 -36.41 -3.39 21.62
N LEU D 164 -35.82 -2.87 22.69
CA LEU D 164 -35.75 -1.41 22.86
C LEU D 164 -34.75 -0.78 21.91
N ALA D 165 -33.77 -1.55 21.44
CA ALA D 165 -32.74 -0.98 20.57
C ALA D 165 -33.08 -1.16 19.10
N SER D 166 -33.49 -2.37 18.70
CA SER D 166 -33.73 -2.68 17.29
C SER D 166 -34.77 -3.78 17.21
N PRO D 167 -36.05 -3.43 17.07
CA PRO D 167 -37.07 -4.46 16.86
C PRO D 167 -36.87 -5.16 15.53
N ILE D 168 -37.18 -6.45 15.49
CA ILE D 168 -36.97 -7.29 14.33
C ILE D 168 -38.32 -7.75 13.80
N GLY D 169 -38.51 -7.65 12.49
CA GLY D 169 -39.72 -8.09 11.83
C GLY D 169 -39.42 -9.13 10.77
N ARG D 170 -40.49 -9.61 10.13
CA ARG D 170 -40.35 -10.60 9.07
C ARG D 170 -39.72 -9.98 7.83
N GLY D 171 -38.73 -10.67 7.27
CA GLY D 171 -38.02 -10.17 6.11
C GLY D 171 -36.90 -9.20 6.40
N GLN D 172 -36.53 -9.03 7.67
CA GLN D 172 -35.47 -8.10 8.02
C GLN D 172 -34.12 -8.61 7.58
N ARG D 173 -33.23 -7.68 7.21
CA ARG D 173 -31.88 -7.98 6.76
C ARG D 173 -30.92 -7.12 7.57
N GLY D 174 -30.50 -7.65 8.73
CA GLY D 174 -29.68 -6.93 9.66
C GLY D 174 -28.25 -7.45 9.74
N LEU D 175 -27.48 -6.80 10.63
CA LEU D 175 -26.09 -7.15 10.85
C LEU D 175 -25.77 -7.00 12.33
N ILE D 176 -25.04 -7.97 12.88
CA ILE D 176 -24.60 -7.94 14.26
C ILE D 176 -23.10 -7.67 14.23
N VAL D 177 -22.74 -6.40 14.32
CA VAL D 177 -21.34 -5.98 14.28
C VAL D 177 -20.78 -6.01 15.70
N ALA D 178 -19.68 -6.74 15.89
CA ALA D 178 -19.10 -6.89 17.21
C ALA D 178 -17.66 -7.37 17.06
N PRO D 179 -16.73 -6.80 17.82
CA PRO D 179 -15.36 -7.32 17.83
C PRO D 179 -15.31 -8.68 18.50
N PRO D 180 -14.22 -9.43 18.33
CA PRO D 180 -14.13 -10.74 18.98
C PRO D 180 -14.09 -10.62 20.50
N LYS D 181 -14.44 -11.72 21.15
CA LYS D 181 -14.50 -11.81 22.62
C LYS D 181 -15.46 -10.77 23.20
N ALA D 182 -16.63 -10.60 22.56
CA ALA D 182 -17.62 -9.66 23.04
C ALA D 182 -18.85 -10.33 23.63
N GLY D 183 -19.17 -11.55 23.22
CA GLY D 183 -20.35 -12.23 23.70
C GLY D 183 -21.33 -12.56 22.60
N LYS D 184 -20.81 -12.75 21.38
CA LYS D 184 -21.68 -13.04 20.24
C LYS D 184 -22.36 -14.39 20.39
N THR D 185 -21.66 -15.35 21.02
CA THR D 185 -22.22 -16.70 21.16
C THR D 185 -23.45 -16.69 22.07
N MET D 186 -23.33 -16.08 23.25
CA MET D 186 -24.46 -16.03 24.17
C MET D 186 -25.61 -15.21 23.58
N LEU D 187 -25.29 -14.13 22.88
CA LEU D 187 -26.33 -13.32 22.26
C LEU D 187 -27.08 -14.09 21.20
N LEU D 188 -26.35 -14.84 20.36
CA LEU D 188 -27.00 -15.66 19.33
C LEU D 188 -27.84 -16.76 19.95
N GLN D 189 -27.33 -17.38 21.03
CA GLN D 189 -28.10 -18.41 21.72
C GLN D 189 -29.40 -17.83 22.29
N ASN D 190 -29.33 -16.65 22.89
CA ASN D 190 -30.52 -16.02 23.44
C ASN D 190 -31.51 -15.66 22.34
N ILE D 191 -31.00 -15.15 21.21
CA ILE D 191 -31.88 -14.82 20.09
C ILE D 191 -32.58 -16.08 19.57
N ALA D 192 -31.84 -17.16 19.41
CA ALA D 192 -32.43 -18.39 18.90
C ALA D 192 -33.46 -18.96 19.87
N GLN D 193 -33.16 -18.92 21.16
CA GLN D 193 -34.12 -19.42 22.15
C GLN D 193 -35.37 -18.56 22.18
N SER D 194 -35.23 -17.24 22.09
CA SER D 194 -36.40 -16.37 22.07
C SER D 194 -37.23 -16.56 20.82
N ILE D 195 -36.59 -16.82 19.67
CA ILE D 195 -37.33 -17.08 18.45
C ILE D 195 -38.08 -18.40 18.56
N ALA D 196 -37.43 -19.44 19.11
CA ALA D 196 -38.08 -20.73 19.24
C ALA D 196 -39.21 -20.70 20.26
N TYR D 197 -39.12 -19.82 21.27
CA TYR D 197 -40.13 -19.74 22.30
C TYR D 197 -41.32 -18.89 21.87
N ASN D 198 -41.07 -17.69 21.32
CA ASN D 198 -42.14 -16.78 20.98
C ASN D 198 -42.81 -17.16 19.67
N HIS D 199 -42.03 -17.52 18.66
CA HIS D 199 -42.56 -17.85 17.33
C HIS D 199 -42.10 -19.25 16.94
N PRO D 200 -42.76 -20.29 17.47
CA PRO D 200 -42.37 -21.66 17.12
C PRO D 200 -42.81 -22.08 15.73
N ASP D 201 -43.70 -21.31 15.08
CA ASP D 201 -44.18 -21.67 13.75
C ASP D 201 -43.17 -21.37 12.65
N CYS D 202 -42.24 -20.45 12.88
CA CYS D 202 -41.26 -20.09 11.87
C CYS D 202 -40.18 -21.16 11.76
N VAL D 203 -39.64 -21.31 10.56
CA VAL D 203 -38.59 -22.29 10.29
C VAL D 203 -37.25 -21.64 10.63
N LEU D 204 -36.63 -22.10 11.71
CA LEU D 204 -35.36 -21.56 12.18
C LEU D 204 -34.21 -22.39 11.63
N MET D 205 -33.24 -21.72 11.03
CA MET D 205 -32.05 -22.38 10.47
C MET D 205 -30.82 -21.60 10.91
N VAL D 206 -29.92 -22.28 11.61
CA VAL D 206 -28.69 -21.67 12.13
C VAL D 206 -27.52 -22.18 11.30
N LEU D 207 -26.83 -21.27 10.63
CA LEU D 207 -25.69 -21.61 9.78
C LEU D 207 -24.40 -21.17 10.48
N LEU D 208 -23.51 -22.13 10.73
CA LEU D 208 -22.23 -21.88 11.38
C LEU D 208 -21.12 -22.40 10.49
N ILE D 209 -20.45 -21.50 9.77
CA ILE D 209 -19.39 -21.85 8.83
C ILE D 209 -18.05 -21.52 9.46
N ASP D 210 -17.12 -22.47 9.38
CA ASP D 210 -15.74 -22.28 9.85
C ASP D 210 -15.71 -21.95 11.34
N GLU D 211 -16.34 -22.82 12.13
CA GLU D 211 -16.42 -22.57 13.60
C GLU D 211 -15.81 -23.74 14.35
N ARG D 212 -15.60 -23.58 15.66
CA ARG D 212 -14.99 -24.66 16.48
C ARG D 212 -16.04 -25.73 16.74
N PRO D 213 -15.79 -27.01 16.38
CA PRO D 213 -16.80 -28.07 16.51
C PRO D 213 -17.50 -28.08 17.89
N GLU D 214 -16.74 -28.09 19.00
CA GLU D 214 -17.40 -27.97 20.29
C GLU D 214 -18.55 -26.97 20.26
N GLU D 215 -18.34 -25.80 19.67
CA GLU D 215 -19.43 -24.83 19.54
C GLU D 215 -20.55 -25.37 18.65
N VAL D 216 -20.21 -26.14 17.62
CA VAL D 216 -21.23 -26.72 16.74
C VAL D 216 -22.11 -27.68 17.53
N THR D 217 -21.50 -28.62 18.26
CA THR D 217 -22.29 -29.60 18.99
C THR D 217 -22.99 -28.96 20.18
N GLU D 218 -22.49 -27.82 20.65
CA GLU D 218 -23.19 -27.08 21.69
C GLU D 218 -24.47 -26.44 21.13
N MET D 219 -24.34 -25.74 20.00
CA MET D 219 -25.50 -25.10 19.39
C MET D 219 -26.52 -26.13 18.94
N GLN D 220 -26.06 -27.30 18.49
CA GLN D 220 -26.99 -28.32 18.02
C GLN D 220 -27.83 -28.89 19.15
N ARG D 221 -27.29 -28.94 20.36
CA ARG D 221 -27.98 -29.50 21.51
C ARG D 221 -28.61 -28.42 22.40
N LEU D 222 -28.65 -27.18 21.93
CA LEU D 222 -29.18 -26.07 22.72
C LEU D 222 -30.42 -25.43 22.11
N VAL D 223 -30.42 -25.19 20.81
CA VAL D 223 -31.53 -24.52 20.14
C VAL D 223 -32.54 -25.55 19.69
N LYS D 224 -33.80 -25.11 19.59
CA LYS D 224 -34.89 -25.98 19.14
C LYS D 224 -35.17 -25.72 17.66
N GLY D 225 -34.31 -26.28 16.83
CA GLY D 225 -34.44 -26.11 15.40
C GLY D 225 -33.41 -26.88 14.64
N GLU D 226 -33.23 -26.51 13.37
CA GLU D 226 -32.27 -27.15 12.49
C GLU D 226 -30.94 -26.42 12.57
N VAL D 227 -29.85 -27.20 12.63
CA VAL D 227 -28.50 -26.66 12.73
C VAL D 227 -27.66 -27.28 11.63
N VAL D 228 -27.27 -26.46 10.65
CA VAL D 228 -26.38 -26.88 9.57
C VAL D 228 -25.08 -26.11 9.73
N ALA D 229 -23.99 -26.82 10.01
CA ALA D 229 -22.70 -26.20 10.29
C ALA D 229 -21.61 -26.88 9.50
N SER D 230 -20.46 -26.20 9.42
CA SER D 230 -19.28 -26.71 8.70
C SER D 230 -18.04 -26.20 9.44
N THR D 231 -17.38 -27.12 10.14
CA THR D 231 -16.21 -26.76 10.94
C THR D 231 -15.06 -26.30 10.05
N PHE D 232 -14.04 -25.73 10.69
CA PHE D 232 -12.87 -25.24 9.97
C PHE D 232 -12.04 -26.36 9.35
N ASP D 233 -12.22 -27.61 9.77
CA ASP D 233 -11.49 -28.72 9.20
C ASP D 233 -11.90 -29.02 7.76
N GLU D 234 -12.96 -28.40 7.27
CA GLU D 234 -13.41 -28.61 5.91
C GLU D 234 -12.94 -27.47 5.00
N PRO D 235 -12.69 -27.75 3.74
CA PRO D 235 -12.24 -26.70 2.81
C PRO D 235 -13.35 -25.69 2.53
N ALA D 236 -12.95 -24.60 1.89
CA ALA D 236 -13.91 -23.54 1.58
C ALA D 236 -14.94 -23.99 0.54
N SER D 237 -14.60 -25.02 -0.25
CA SER D 237 -15.56 -25.55 -1.21
C SER D 237 -16.80 -26.08 -0.52
N ARG D 238 -16.63 -26.83 0.57
CA ARG D 238 -17.77 -27.34 1.32
C ARG D 238 -18.56 -26.19 1.94
N HIS D 239 -17.86 -25.13 2.37
CA HIS D 239 -18.55 -23.96 2.90
C HIS D 239 -19.45 -23.34 1.84
N VAL D 240 -18.92 -23.15 0.63
CA VAL D 240 -19.72 -22.58 -0.46
C VAL D 240 -20.90 -23.49 -0.79
N GLN D 241 -20.65 -24.80 -0.82
CA GLN D 241 -21.72 -25.74 -1.15
C GLN D 241 -22.83 -25.70 -0.11
N VAL D 242 -22.45 -25.66 1.18
CA VAL D 242 -23.45 -25.61 2.24
C VAL D 242 -24.24 -24.30 2.18
N ALA D 243 -23.55 -23.18 1.95
CA ALA D 243 -24.26 -21.91 1.84
C ALA D 243 -25.24 -21.93 0.67
N GLU D 244 -24.83 -22.46 -0.48
CA GLU D 244 -25.72 -22.54 -1.63
C GLU D 244 -26.92 -23.42 -1.35
N MET D 245 -26.69 -24.60 -0.75
CA MET D 245 -27.80 -25.49 -0.44
C MET D 245 -28.78 -24.83 0.55
N VAL D 246 -28.25 -24.15 1.57
CA VAL D 246 -29.12 -23.52 2.56
C VAL D 246 -29.94 -22.41 1.92
N ILE D 247 -29.31 -21.56 1.10
CA ILE D 247 -30.06 -20.46 0.51
C ILE D 247 -31.06 -20.98 -0.52
N GLU D 248 -30.74 -22.06 -1.23
CA GLU D 248 -31.70 -22.61 -2.18
C GLU D 248 -32.89 -23.24 -1.46
N LYS D 249 -32.64 -23.93 -0.36
CA LYS D 249 -33.74 -24.48 0.43
C LYS D 249 -34.61 -23.36 1.00
N ALA D 250 -33.97 -22.27 1.45
CA ALA D 250 -34.73 -21.13 1.97
C ALA D 250 -35.60 -20.52 0.89
N LYS D 251 -35.06 -20.36 -0.32
CA LYS D 251 -35.85 -19.83 -1.42
C LYS D 251 -37.01 -20.74 -1.78
N ARG D 252 -36.76 -22.05 -1.82
CA ARG D 252 -37.83 -22.99 -2.15
C ARG D 252 -38.91 -22.99 -1.09
N LEU D 253 -38.53 -22.80 0.18
CA LEU D 253 -39.54 -22.73 1.24
C LEU D 253 -40.33 -21.44 1.16
N VAL D 254 -39.66 -20.30 0.89
CA VAL D 254 -40.37 -19.03 0.77
C VAL D 254 -41.32 -19.07 -0.42
N GLU D 255 -40.96 -19.79 -1.49
CA GLU D 255 -41.85 -19.92 -2.64
C GLU D 255 -43.17 -20.59 -2.28
N HIS D 256 -43.21 -21.37 -1.19
CA HIS D 256 -44.42 -21.99 -0.70
C HIS D 256 -45.04 -21.22 0.46
N LYS D 257 -44.77 -19.91 0.54
CA LYS D 257 -45.33 -19.03 1.57
C LYS D 257 -44.96 -19.50 2.98
N LYS D 258 -43.68 -19.74 3.20
CA LYS D 258 -43.17 -20.13 4.50
C LYS D 258 -42.28 -19.03 5.08
N ASP D 259 -42.23 -18.95 6.40
CA ASP D 259 -41.44 -17.95 7.11
C ASP D 259 -40.11 -18.58 7.51
N VAL D 260 -39.06 -18.27 6.75
CA VAL D 260 -37.73 -18.81 6.98
C VAL D 260 -36.91 -17.80 7.75
N ILE D 261 -36.16 -18.27 8.75
CA ILE D 261 -35.28 -17.43 9.55
C ILE D 261 -33.89 -18.05 9.52
N ILE D 262 -32.90 -17.28 9.05
CA ILE D 262 -31.52 -17.74 8.94
C ILE D 262 -30.66 -16.90 9.86
N LEU D 263 -30.04 -17.54 10.85
CA LEU D 263 -29.15 -16.87 11.79
C LEU D 263 -27.72 -17.18 11.40
N LEU D 264 -27.15 -16.32 10.56
CA LEU D 264 -25.77 -16.50 10.08
C LEU D 264 -24.81 -15.92 11.10
N ASP D 265 -23.71 -16.64 11.35
CA ASP D 265 -22.68 -16.21 12.29
C ASP D 265 -21.30 -16.13 11.65
N SER D 266 -21.22 -16.23 10.33
CA SER D 266 -19.94 -16.32 9.64
C SER D 266 -19.91 -15.58 8.31
N ILE D 267 -20.62 -14.46 8.19
CA ILE D 267 -20.64 -13.69 6.94
C ILE D 267 -19.21 -13.34 6.53
N THR D 268 -18.38 -12.97 7.50
CA THR D 268 -16.97 -12.69 7.22
C THR D 268 -16.25 -13.95 6.77
N ARG D 269 -16.49 -15.06 7.46
CA ARG D 269 -15.88 -16.33 7.06
C ARG D 269 -16.38 -16.79 5.70
N LEU D 270 -17.66 -16.54 5.42
CA LEU D 270 -18.20 -16.90 4.11
C LEU D 270 -17.56 -16.06 3.01
N ALA D 271 -17.36 -14.76 3.26
CA ALA D 271 -16.69 -13.92 2.29
C ALA D 271 -15.24 -14.36 2.09
N ARG D 272 -14.56 -14.76 3.17
CA ARG D 272 -13.21 -15.28 3.04
C ARG D 272 -13.18 -16.56 2.21
N ALA D 273 -14.15 -17.45 2.42
CA ALA D 273 -14.23 -18.67 1.64
C ALA D 273 -14.45 -18.37 0.16
N TYR D 274 -15.35 -17.42 -0.13
CA TYR D 274 -15.61 -17.07 -1.52
C TYR D 274 -14.39 -16.42 -2.17
N ASN D 275 -13.66 -15.60 -1.41
CA ASN D 275 -12.43 -15.01 -1.92
C ASN D 275 -11.34 -16.06 -2.11
N THR D 276 -11.39 -17.15 -1.36
CA THR D 276 -10.41 -18.22 -1.54
C THR D 276 -10.74 -19.12 -2.72
N VAL D 277 -12.03 -19.38 -2.97
CA VAL D 277 -12.42 -20.29 -4.04
C VAL D 277 -12.50 -19.62 -5.41
N VAL D 278 -12.41 -18.29 -5.46
CA VAL D 278 -12.50 -17.59 -6.74
C VAL D 278 -11.13 -17.65 -7.43
N PRO D 279 -11.09 -17.94 -8.73
CA PRO D 279 -9.80 -17.97 -9.43
C PRO D 279 -9.15 -16.60 -9.46
N ALA D 280 -7.82 -16.58 -9.39
CA ALA D 280 -7.08 -15.33 -9.42
C ALA D 280 -7.19 -14.66 -10.78
N SER D 281 -7.43 -13.36 -10.78
CA SER D 281 -7.57 -12.58 -12.00
C SER D 281 -6.45 -11.57 -12.19
N GLY D 282 -5.39 -11.65 -11.37
CA GLY D 282 -4.28 -10.72 -11.50
C GLY D 282 -4.55 -9.33 -10.99
N LYS D 283 -5.70 -9.10 -10.34
CA LYS D 283 -6.04 -7.79 -9.82
C LYS D 283 -6.51 -7.94 -8.39
N VAL D 284 -5.75 -7.38 -7.45
CA VAL D 284 -6.05 -7.48 -6.02
C VAL D 284 -6.29 -6.08 -5.48
N LEU D 285 -7.39 -5.91 -4.75
CA LEU D 285 -7.73 -4.63 -4.17
C LEU D 285 -7.03 -4.44 -2.82
N THR D 286 -7.34 -3.34 -2.15
CA THR D 286 -6.74 -3.04 -0.86
C THR D 286 -7.22 -4.04 0.19
N GLY D 287 -6.27 -4.68 0.87
CA GLY D 287 -6.57 -5.64 1.90
C GLY D 287 -6.55 -7.09 1.46
N GLY D 288 -6.38 -7.36 0.17
CA GLY D 288 -6.38 -8.73 -0.32
C GLY D 288 -7.73 -9.26 -0.72
N VAL D 289 -8.61 -8.40 -1.21
CA VAL D 289 -9.96 -8.79 -1.62
C VAL D 289 -10.04 -8.73 -3.13
N ASP D 290 -10.56 -9.80 -3.74
CA ASP D 290 -10.73 -9.83 -5.18
C ASP D 290 -11.92 -8.96 -5.60
N ALA D 291 -11.88 -8.47 -6.83
CA ALA D 291 -12.94 -7.59 -7.32
C ALA D 291 -14.27 -8.32 -7.46
N ASN D 292 -14.23 -9.62 -7.79
CA ASN D 292 -15.44 -10.40 -8.00
C ASN D 292 -15.66 -11.42 -6.89
N ALA D 293 -15.03 -11.23 -5.73
CA ALA D 293 -15.18 -12.19 -4.63
C ALA D 293 -16.38 -11.86 -3.75
N LEU D 294 -16.72 -10.59 -3.61
CA LEU D 294 -17.80 -10.17 -2.73
C LEU D 294 -19.17 -10.25 -3.40
N HIS D 295 -19.24 -10.61 -4.68
CA HIS D 295 -20.51 -10.65 -5.38
C HIS D 295 -21.41 -11.76 -4.85
N ARG D 296 -20.85 -12.95 -4.65
CA ARG D 296 -21.63 -14.07 -4.13
C ARG D 296 -22.13 -13.82 -2.71
N PRO D 297 -21.30 -13.36 -1.76
CA PRO D 297 -21.86 -13.00 -0.45
C PRO D 297 -22.85 -11.85 -0.53
N LYS D 298 -22.63 -10.91 -1.46
CA LYS D 298 -23.60 -9.83 -1.65
C LYS D 298 -24.96 -10.37 -2.02
N ARG D 299 -25.02 -11.30 -2.98
CA ARG D 299 -26.29 -11.90 -3.36
C ARG D 299 -26.87 -12.75 -2.23
N PHE D 300 -26.03 -13.50 -1.53
CA PHE D 300 -26.51 -14.31 -0.42
C PHE D 300 -27.16 -13.44 0.65
N PHE D 301 -26.58 -12.26 0.90
CA PHE D 301 -27.15 -11.35 1.89
C PHE D 301 -28.44 -10.72 1.36
N GLY D 302 -28.41 -10.24 0.12
CA GLY D 302 -29.57 -9.59 -0.47
C GLY D 302 -30.73 -10.52 -0.78
N ALA D 303 -30.53 -11.83 -0.68
CA ALA D 303 -31.62 -12.76 -0.90
C ALA D 303 -32.75 -12.55 0.10
N ALA D 304 -32.42 -12.08 1.30
CA ALA D 304 -33.44 -11.82 2.31
C ALA D 304 -34.37 -10.70 1.86
N ARG D 305 -35.67 -10.97 1.95
CA ARG D 305 -36.68 -10.00 1.53
C ARG D 305 -38.03 -10.46 2.07
N ASN D 306 -38.96 -9.51 2.17
CA ASN D 306 -40.33 -9.79 2.59
C ASN D 306 -41.23 -9.88 1.37
N VAL D 307 -42.01 -10.95 1.29
CA VAL D 307 -42.87 -11.23 0.15
C VAL D 307 -44.29 -10.80 0.47
N GLU D 308 -44.92 -10.08 -0.47
CA GLU D 308 -46.29 -9.64 -0.28
C GLU D 308 -47.30 -10.77 -0.48
N GLU D 309 -47.02 -11.68 -1.42
CA GLU D 309 -47.93 -12.78 -1.68
C GLU D 309 -47.98 -13.77 -0.51
N GLY D 310 -46.89 -13.88 0.25
CA GLY D 310 -46.84 -14.78 1.38
C GLY D 310 -45.44 -15.22 1.73
N GLY D 311 -45.19 -15.38 3.03
CA GLY D 311 -43.87 -15.80 3.50
C GLY D 311 -42.90 -14.64 3.61
N SER D 312 -41.73 -14.97 4.14
CA SER D 312 -40.67 -13.98 4.34
C SER D 312 -39.35 -14.72 4.53
N LEU D 313 -38.26 -13.98 4.43
CA LEU D 313 -36.91 -14.53 4.58
C LEU D 313 -36.09 -13.55 5.41
N THR D 314 -35.72 -13.95 6.62
CA THR D 314 -34.94 -13.13 7.52
C THR D 314 -33.54 -13.69 7.65
N ILE D 315 -32.53 -12.82 7.47
CA ILE D 315 -31.13 -13.20 7.55
C ILE D 315 -30.45 -12.25 8.52
N ILE D 316 -29.97 -12.78 9.64
CA ILE D 316 -29.25 -12.01 10.64
C ILE D 316 -27.82 -12.51 10.67
N ALA D 317 -26.91 -11.75 10.06
CA ALA D 317 -25.51 -12.11 9.97
C ALA D 317 -24.69 -11.32 10.98
N THR D 318 -23.69 -11.96 11.56
CA THR D 318 -22.80 -11.34 12.54
C THR D 318 -21.45 -11.08 11.88
N ALA D 319 -21.12 -9.81 11.71
CA ALA D 319 -19.87 -9.41 11.08
C ALA D 319 -18.77 -9.26 12.11
N LEU D 320 -17.53 -9.51 11.70
CA LEU D 320 -16.37 -9.43 12.56
C LEU D 320 -15.56 -8.17 12.23
N ILE D 321 -15.20 -7.42 13.26
CA ILE D 321 -14.38 -6.22 13.13
C ILE D 321 -13.26 -6.27 14.15
N ASP D 322 -12.24 -5.44 13.91
CA ASP D 322 -11.09 -5.33 14.82
C ASP D 322 -10.40 -6.67 15.02
N THR D 323 -10.35 -7.48 13.97
CA THR D 323 -9.72 -8.79 14.02
C THR D 323 -8.25 -8.76 13.63
N GLY D 324 -7.69 -7.58 13.37
CA GLY D 324 -6.30 -7.46 12.98
C GLY D 324 -6.02 -7.68 11.51
N SER D 325 -7.02 -8.07 10.73
CA SER D 325 -6.86 -8.31 9.30
C SER D 325 -7.60 -7.21 8.54
N LYS D 326 -6.91 -6.59 7.59
CA LYS D 326 -7.52 -5.52 6.81
C LYS D 326 -8.60 -6.05 5.87
N MET D 327 -8.51 -7.33 5.49
CA MET D 327 -9.51 -7.92 4.60
C MET D 327 -10.88 -7.93 5.26
N ASP D 328 -10.94 -8.33 6.53
CA ASP D 328 -12.21 -8.31 7.25
C ASP D 328 -12.74 -6.89 7.42
N GLU D 329 -11.85 -5.92 7.63
CA GLU D 329 -12.28 -4.53 7.73
C GLU D 329 -12.89 -4.04 6.42
N VAL D 330 -12.27 -4.40 5.29
CA VAL D 330 -12.82 -4.01 3.99
C VAL D 330 -14.17 -4.68 3.77
N ILE D 331 -14.28 -5.95 4.15
CA ILE D 331 -15.54 -6.67 3.98
C ILE D 331 -16.64 -6.01 4.81
N TYR D 332 -16.39 -5.98 6.13
CA TYR D 332 -17.44 -5.53 7.08
C TYR D 332 -18.19 -4.31 6.57
N GLU D 333 -17.45 -3.23 6.30
CA GLU D 333 -18.15 -1.98 5.92
C GLU D 333 -18.63 -2.08 4.47
N GLU D 334 -17.88 -2.72 3.57
CA GLU D 334 -18.43 -2.91 2.20
C GLU D 334 -19.85 -3.40 2.41
N PHE D 335 -20.05 -4.24 3.43
CA PHE D 335 -21.36 -4.74 3.81
C PHE D 335 -22.12 -3.79 4.73
N LYS D 336 -21.47 -2.75 5.23
CA LYS D 336 -22.15 -1.82 6.14
C LYS D 336 -23.26 -1.06 5.43
N GLY D 337 -22.98 -0.59 4.21
CA GLY D 337 -24.04 0.06 3.42
C GLY D 337 -25.19 -0.91 3.18
N THR D 338 -25.08 -2.14 3.68
CA THR D 338 -26.14 -3.17 3.45
C THR D 338 -27.04 -3.28 4.69
N GLY D 339 -27.02 -4.43 5.37
CA GLY D 339 -27.86 -4.67 6.57
C GLY D 339 -28.74 -3.49 6.97
N ASN D 340 -30.04 -3.55 6.66
CA ASN D 340 -30.99 -2.47 7.08
C ASN D 340 -31.15 -2.51 8.60
N MET D 341 -30.06 -2.71 9.33
CA MET D 341 -30.10 -2.85 10.79
C MET D 341 -28.71 -3.17 11.28
N GLU D 342 -28.19 -2.36 12.20
CA GLU D 342 -26.87 -2.57 12.78
C GLU D 342 -26.99 -2.60 14.30
N LEU D 343 -26.56 -3.71 14.90
CA LEU D 343 -26.57 -3.87 16.36
C LEU D 343 -25.11 -3.98 16.81
N HIS D 344 -24.51 -2.85 17.16
CA HIS D 344 -23.10 -2.82 17.53
C HIS D 344 -22.91 -3.23 18.98
N LEU D 345 -21.82 -3.94 19.23
CA LEU D 345 -21.43 -4.34 20.58
C LEU D 345 -20.08 -3.73 20.92
N SER D 346 -19.94 -3.25 22.15
CA SER D 346 -18.75 -2.53 22.58
C SER D 346 -17.83 -3.48 23.36
N ARG D 347 -16.56 -3.52 22.98
CA ARG D 347 -15.59 -4.33 23.69
C ARG D 347 -15.28 -3.74 25.06
N LYS D 348 -15.30 -2.41 25.17
CA LYS D 348 -15.02 -1.76 26.45
C LYS D 348 -16.05 -2.14 27.50
N ILE D 349 -17.31 -2.27 27.10
CA ILE D 349 -18.35 -2.68 28.03
C ILE D 349 -18.22 -4.17 28.36
N ALA D 350 -17.79 -4.98 27.40
CA ALA D 350 -17.63 -6.41 27.64
C ALA D 350 -16.47 -6.68 28.60
N GLU D 351 -15.43 -5.84 28.54
CA GLU D 351 -14.31 -5.99 29.46
C GLU D 351 -14.70 -5.71 30.91
N LYS D 352 -15.72 -4.90 31.12
CA LYS D 352 -16.22 -4.60 32.47
C LYS D 352 -17.18 -5.68 32.97
N ARG D 353 -17.36 -6.76 32.22
CA ARG D 353 -18.25 -7.85 32.58
C ARG D 353 -19.69 -7.36 32.79
N VAL D 354 -20.12 -6.46 31.91
CA VAL D 354 -21.48 -5.93 31.94
C VAL D 354 -22.22 -6.53 30.75
N PHE D 355 -22.99 -7.59 31.02
CA PHE D 355 -23.73 -8.29 29.98
C PHE D 355 -25.19 -7.90 30.02
N PRO D 356 -25.82 -7.59 28.88
CA PRO D 356 -25.16 -7.59 27.56
C PRO D 356 -24.40 -6.30 27.28
N ALA D 357 -23.34 -6.40 26.48
CA ALA D 357 -22.53 -5.24 26.10
C ALA D 357 -22.98 -4.76 24.72
N ILE D 358 -24.07 -4.02 24.71
CA ILE D 358 -24.69 -3.55 23.49
C ILE D 358 -24.49 -2.04 23.38
N ASP D 359 -24.05 -1.58 22.20
CA ASP D 359 -23.90 -0.15 21.94
C ASP D 359 -25.26 0.40 21.54
N TYR D 360 -25.98 0.94 22.51
CA TYR D 360 -27.34 1.42 22.25
C TYR D 360 -27.33 2.66 21.36
N ASN D 361 -26.25 3.44 21.40
CA ASN D 361 -26.21 4.69 20.65
C ASN D 361 -26.18 4.43 19.14
N ARG D 362 -25.27 3.56 18.69
CA ARG D 362 -25.13 3.32 17.26
C ARG D 362 -26.16 2.33 16.72
N SER D 363 -26.90 1.67 17.60
CA SER D 363 -27.93 0.74 17.16
C SER D 363 -29.15 1.51 16.64
N GLY D 364 -30.04 0.79 15.99
CA GLY D 364 -31.25 1.38 15.43
C GLY D 364 -31.79 0.56 14.29
N THR D 365 -33.01 0.91 13.90
CA THR D 365 -33.71 0.24 12.81
C THR D 365 -34.41 1.28 11.94
N ARG D 366 -34.26 1.14 10.62
CA ARG D 366 -34.92 2.04 9.70
C ARG D 366 -36.37 1.63 9.49
N LYS D 367 -37.24 2.62 9.33
CA LYS D 367 -38.68 2.39 9.17
C LYS D 367 -39.24 1.61 10.36
N GLU D 368 -38.81 2.00 11.56
CA GLU D 368 -39.25 1.32 12.77
C GLU D 368 -40.71 1.60 13.10
N GLU D 369 -41.30 2.64 12.50
CA GLU D 369 -42.70 2.95 12.76
C GLU D 369 -43.65 1.91 12.18
N LEU D 370 -43.18 1.07 11.26
CA LEU D 370 -44.00 0.01 10.68
C LEU D 370 -44.11 -1.22 11.57
N LEU D 371 -43.34 -1.28 12.66
CA LEU D 371 -43.37 -2.41 13.55
C LEU D 371 -43.79 -2.04 14.98
N THR D 372 -43.93 -0.76 15.28
CA THR D 372 -44.31 -0.31 16.61
C THR D 372 -45.45 0.70 16.50
N THR D 373 -46.20 0.84 17.59
CA THR D 373 -47.30 1.78 17.62
C THR D 373 -46.78 3.21 17.80
N GLN D 374 -47.72 4.16 17.80
CA GLN D 374 -47.34 5.56 17.94
C GLN D 374 -46.79 5.86 19.32
N GLU D 375 -47.49 5.42 20.37
CA GLU D 375 -47.02 5.69 21.73
C GLU D 375 -45.73 4.93 22.03
N GLU D 376 -45.60 3.70 21.50
CA GLU D 376 -44.37 2.95 21.70
C GLU D 376 -43.19 3.63 21.01
N LEU D 377 -43.41 4.13 19.79
CA LEU D 377 -42.35 4.85 19.08
C LEU D 377 -41.97 6.13 19.80
N GLN D 378 -42.97 6.85 20.35
CA GLN D 378 -42.68 8.07 21.09
C GLN D 378 -41.88 7.77 22.36
N LYS D 379 -42.24 6.69 23.06
CA LYS D 379 -41.49 6.30 24.26
C LYS D 379 -40.08 5.88 23.92
N MET D 380 -39.89 5.16 22.81
CA MET D 380 -38.54 4.78 22.39
C MET D 380 -37.73 6.02 22.02
N TRP D 381 -38.35 6.99 21.35
CA TRP D 381 -37.65 8.22 21.01
C TRP D 381 -37.23 8.99 22.26
N ILE D 382 -38.12 9.07 23.26
CA ILE D 382 -37.78 9.74 24.50
C ILE D 382 -36.66 9.01 25.22
N LEU D 383 -36.71 7.67 25.24
CA LEU D 383 -35.64 6.91 25.88
C LEU D 383 -34.32 7.11 25.19
N ARG D 384 -34.32 7.19 23.85
CA ARG D 384 -33.09 7.43 23.12
C ARG D 384 -32.55 8.83 23.38
N LYS D 385 -33.45 9.82 23.45
CA LYS D 385 -33.00 11.19 23.73
C LYS D 385 -32.48 11.34 25.15
N ILE D 386 -32.97 10.51 26.08
CA ILE D 386 -32.46 10.56 27.44
C ILE D 386 -31.13 9.80 27.54
N ILE D 387 -30.99 8.70 26.81
CA ILE D 387 -29.79 7.87 26.89
C ILE D 387 -28.62 8.51 26.16
N HIS D 388 -28.89 9.21 25.05
CA HIS D 388 -27.82 9.75 24.20
C HIS D 388 -26.80 10.61 24.94
N PRO D 389 -27.18 11.54 25.83
CA PRO D 389 -26.14 12.34 26.50
C PRO D 389 -25.21 11.51 27.38
N MET D 390 -25.72 10.49 28.04
CA MET D 390 -24.89 9.68 28.94
C MET D 390 -23.91 8.83 28.15
N GLY D 391 -22.83 8.44 28.82
CA GLY D 391 -21.84 7.58 28.21
C GLY D 391 -22.35 6.17 28.01
N GLU D 392 -21.60 5.39 27.21
CA GLU D 392 -22.03 4.04 26.87
C GLU D 392 -22.16 3.16 28.11
N ILE D 393 -21.11 3.09 28.92
CA ILE D 393 -21.14 2.25 30.12
C ILE D 393 -22.18 2.76 31.10
N ASP D 394 -22.25 4.09 31.27
CA ASP D 394 -23.24 4.66 32.18
C ASP D 394 -24.66 4.41 31.69
N ALA D 395 -24.90 4.54 30.39
CA ALA D 395 -26.23 4.28 29.85
C ALA D 395 -26.61 2.82 30.02
N MET D 396 -25.65 1.91 29.80
CA MET D 396 -25.94 0.49 29.96
C MET D 396 -26.24 0.16 31.42
N GLU D 397 -25.48 0.72 32.35
CA GLU D 397 -25.76 0.51 33.78
C GLU D 397 -27.12 1.05 34.16
N PHE D 398 -27.46 2.25 33.67
CA PHE D 398 -28.77 2.83 33.96
C PHE D 398 -29.88 1.95 33.41
N LEU D 399 -29.75 1.49 32.17
CA LEU D 399 -30.77 0.65 31.56
C LEU D 399 -30.93 -0.67 32.33
N ILE D 400 -29.82 -1.29 32.73
CA ILE D 400 -29.91 -2.53 33.48
C ILE D 400 -30.58 -2.32 34.83
N ASN D 401 -30.19 -1.25 35.54
CA ASN D 401 -30.77 -0.99 36.86
C ASN D 401 -32.24 -0.63 36.76
N LYS D 402 -32.66 -0.03 35.65
CA LYS D 402 -34.07 0.32 35.50
C LYS D 402 -34.91 -0.85 35.01
N LEU D 403 -34.32 -1.76 34.23
CA LEU D 403 -35.06 -2.94 33.78
C LEU D 403 -35.10 -4.03 34.84
N ALA D 404 -34.16 -4.03 35.79
CA ALA D 404 -34.19 -5.01 36.86
C ALA D 404 -35.31 -4.75 37.85
N MET D 405 -35.84 -3.51 37.89
CA MET D 405 -36.89 -3.19 38.85
C MET D 405 -38.23 -3.81 38.47
N THR D 406 -38.51 -3.92 37.18
CA THR D 406 -39.80 -4.42 36.69
C THR D 406 -39.57 -5.62 35.78
N LYS D 407 -40.68 -6.22 35.35
CA LYS D 407 -40.63 -7.36 34.45
C LYS D 407 -40.86 -6.98 33.00
N THR D 408 -41.77 -6.04 32.75
CA THR D 408 -42.10 -5.61 31.39
C THR D 408 -41.59 -4.20 31.15
N ASN D 409 -41.29 -3.90 29.89
CA ASN D 409 -40.79 -2.58 29.53
C ASN D 409 -41.88 -1.53 29.57
N ASP D 410 -43.15 -1.94 29.51
CA ASP D 410 -44.26 -0.99 29.59
C ASP D 410 -44.27 -0.28 30.94
N ASP D 411 -44.01 -1.02 32.02
CA ASP D 411 -43.95 -0.40 33.34
C ASP D 411 -42.79 0.59 33.43
N PHE D 412 -41.64 0.25 32.83
CA PHE D 412 -40.51 1.18 32.81
C PHE D 412 -40.86 2.45 32.04
N PHE D 413 -41.50 2.31 30.89
CA PHE D 413 -41.89 3.48 30.11
C PHE D 413 -42.91 4.33 30.87
N GLU D 414 -43.84 3.69 31.59
CA GLU D 414 -44.82 4.43 32.36
C GLU D 414 -44.19 5.14 33.54
N MET D 415 -43.16 4.54 34.15
CA MET D 415 -42.48 5.18 35.27
C MET D 415 -41.52 6.27 34.82
N MET D 416 -41.05 6.22 33.57
CA MET D 416 -40.17 7.27 33.09
C MET D 416 -40.88 8.61 32.98
N LYS D 417 -42.16 8.58 32.63
CA LYS D 417 -42.95 9.80 32.51
C LYS D 417 -43.31 10.37 33.89
N MET E 1 -55.14 -1.97 -31.16
CA MET E 1 -54.17 -3.03 -30.90
C MET E 1 -52.79 -2.45 -30.57
N ASN E 2 -52.57 -2.18 -29.29
CA ASN E 2 -51.31 -1.62 -28.81
C ASN E 2 -50.66 -2.58 -27.83
N LEU E 3 -49.33 -2.61 -27.82
CA LEU E 3 -48.61 -3.54 -26.96
C LEU E 3 -48.76 -3.15 -25.49
N THR E 4 -48.61 -1.86 -25.18
CA THR E 4 -48.70 -1.42 -23.78
C THR E 4 -50.11 -1.62 -23.23
N GLU E 5 -51.14 -1.48 -24.08
CA GLU E 5 -52.51 -1.72 -23.62
C GLU E 5 -52.71 -3.16 -23.20
N LEU E 6 -52.16 -4.11 -23.96
CA LEU E 6 -52.26 -5.51 -23.59
C LEU E 6 -51.36 -5.83 -22.40
N LYS E 7 -50.25 -5.11 -22.24
CA LYS E 7 -49.39 -5.30 -21.08
C LYS E 7 -50.03 -4.80 -19.79
N ASN E 8 -50.86 -3.76 -19.87
CA ASN E 8 -51.51 -3.24 -18.67
C ASN E 8 -52.71 -4.07 -18.25
N THR E 9 -53.27 -4.85 -19.16
CA THR E 9 -54.41 -5.68 -18.84
C THR E 9 -54.01 -6.79 -17.85
N PRO E 10 -54.92 -7.21 -16.97
CA PRO E 10 -54.58 -8.27 -16.03
C PRO E 10 -54.50 -9.63 -16.70
N VAL E 11 -54.07 -10.62 -15.92
CA VAL E 11 -53.87 -11.96 -16.45
C VAL E 11 -55.20 -12.65 -16.72
N SER E 12 -56.17 -12.45 -15.82
CA SER E 12 -57.45 -13.14 -15.94
C SER E 12 -58.20 -12.75 -17.21
N GLU E 13 -58.25 -11.44 -17.49
CA GLU E 13 -58.94 -10.99 -18.69
C GLU E 13 -58.24 -11.46 -19.96
N LEU E 14 -56.91 -11.49 -19.95
CA LEU E 14 -56.18 -11.99 -21.12
C LEU E 14 -56.43 -13.48 -21.32
N ILE E 15 -56.47 -14.26 -20.23
CA ILE E 15 -56.78 -15.68 -20.35
C ILE E 15 -58.19 -15.87 -20.90
N THR E 16 -59.13 -15.08 -20.41
CA THR E 16 -60.52 -15.18 -20.90
C THR E 16 -60.60 -14.84 -22.38
N LEU E 17 -59.91 -13.77 -22.79
CA LEU E 17 -59.92 -13.37 -24.20
C LEU E 17 -59.29 -14.45 -25.08
N GLY E 18 -58.17 -15.02 -24.63
CA GLY E 18 -57.54 -16.08 -25.39
C GLY E 18 -58.40 -17.33 -25.49
N GLU E 19 -59.11 -17.69 -24.42
CA GLU E 19 -60.02 -18.82 -24.49
C GLU E 19 -61.20 -18.54 -25.41
N ASN E 20 -61.67 -17.29 -25.44
CA ASN E 20 -62.74 -16.94 -26.37
C ASN E 20 -62.26 -16.95 -27.81
N MET E 21 -60.99 -16.63 -28.05
CA MET E 21 -60.46 -16.64 -29.41
C MET E 21 -60.27 -18.06 -29.93
N GLY E 22 -60.30 -19.05 -29.04
CA GLY E 22 -60.17 -20.43 -29.45
C GLY E 22 -58.74 -20.86 -29.75
N LEU E 23 -57.90 -20.82 -28.73
CA LEU E 23 -56.50 -21.21 -28.84
C LEU E 23 -56.18 -22.27 -27.80
N GLU E 24 -54.91 -22.61 -27.68
CA GLU E 24 -54.47 -23.58 -26.68
C GLU E 24 -54.70 -23.03 -25.28
N ASN E 25 -54.79 -23.94 -24.31
CA ASN E 25 -55.04 -23.59 -22.92
C ASN E 25 -54.03 -22.57 -22.42
N LEU E 26 -54.52 -21.39 -22.04
CA LEU E 26 -53.67 -20.29 -21.62
C LEU E 26 -53.49 -20.21 -20.11
N ALA E 27 -54.17 -21.07 -19.34
CA ALA E 27 -53.99 -21.06 -17.90
C ALA E 27 -52.58 -21.45 -17.51
N ARG E 28 -52.04 -22.48 -18.13
CA ARG E 28 -50.65 -22.88 -17.94
C ARG E 28 -49.73 -22.24 -18.96
N MET E 29 -49.80 -20.92 -19.08
CA MET E 29 -49.00 -20.18 -20.04
C MET E 29 -48.60 -18.83 -19.45
N ARG E 30 -47.46 -18.32 -19.91
CA ARG E 30 -47.00 -17.02 -19.46
C ARG E 30 -47.83 -15.91 -20.08
N LYS E 31 -47.89 -14.77 -19.38
CA LYS E 31 -48.67 -13.64 -19.87
C LYS E 31 -48.12 -13.12 -21.19
N GLN E 32 -46.79 -13.10 -21.34
CA GLN E 32 -46.19 -12.66 -22.59
C GLN E 32 -46.54 -13.61 -23.73
N ASP E 33 -46.53 -14.92 -23.46
CA ASP E 33 -46.93 -15.88 -24.48
C ASP E 33 -48.39 -15.75 -24.82
N ILE E 34 -49.23 -15.44 -23.83
CA ILE E 34 -50.66 -15.21 -24.08
C ILE E 34 -50.84 -14.01 -25.00
N ILE E 35 -50.13 -12.91 -24.72
CA ILE E 35 -50.23 -11.72 -25.56
C ILE E 35 -49.73 -12.02 -26.97
N PHE E 36 -48.65 -12.79 -27.07
CA PHE E 36 -48.10 -13.15 -28.38
C PHE E 36 -49.11 -13.96 -29.19
N ALA E 37 -49.75 -14.95 -28.55
CA ALA E 37 -50.74 -15.76 -29.25
C ALA E 37 -51.96 -14.94 -29.63
N ILE E 38 -52.38 -14.02 -28.77
CA ILE E 38 -53.51 -13.16 -29.09
C ILE E 38 -53.18 -12.27 -30.29
N LEU E 39 -51.97 -11.72 -30.33
CA LEU E 39 -51.57 -10.89 -31.46
C LEU E 39 -51.50 -11.71 -32.74
N LYS E 40 -50.99 -12.94 -32.66
CA LYS E 40 -50.96 -13.81 -33.83
C LYS E 40 -52.37 -14.07 -34.34
N GLN E 41 -53.28 -14.44 -33.44
CA GLN E 41 -54.65 -14.76 -33.85
C GLN E 41 -55.37 -13.54 -34.40
N HIS E 42 -55.06 -12.35 -33.87
CA HIS E 42 -55.71 -11.15 -34.35
C HIS E 42 -55.14 -10.71 -35.69
N ALA E 43 -53.86 -10.97 -35.94
CA ALA E 43 -53.27 -10.66 -37.24
C ALA E 43 -53.63 -11.68 -38.31
N LYS E 44 -53.99 -12.90 -37.92
CA LYS E 44 -54.47 -13.87 -38.90
C LYS E 44 -55.77 -13.43 -39.54
N SER E 45 -56.55 -12.60 -38.85
CA SER E 45 -57.80 -12.08 -39.40
C SER E 45 -57.59 -10.93 -40.36
N GLY E 46 -56.37 -10.39 -40.45
CA GLY E 46 -56.06 -9.30 -41.36
C GLY E 46 -55.94 -7.94 -40.73
N GLU E 47 -56.23 -7.80 -39.43
CA GLU E 47 -56.14 -6.52 -38.77
C GLU E 47 -54.69 -6.13 -38.53
N ASP E 48 -54.48 -4.84 -38.28
CA ASP E 48 -53.14 -4.31 -38.05
C ASP E 48 -52.81 -4.32 -36.56
N ILE E 49 -51.51 -4.40 -36.27
CA ILE E 49 -51.00 -4.39 -34.90
C ILE E 49 -50.02 -3.23 -34.77
N PHE E 50 -50.10 -2.52 -33.65
CA PHE E 50 -49.24 -1.38 -33.38
C PHE E 50 -48.45 -1.61 -32.10
N GLY E 51 -47.25 -1.03 -32.05
CA GLY E 51 -46.38 -1.15 -30.90
C GLY E 51 -45.53 0.09 -30.75
N ASP E 52 -44.73 0.11 -29.68
CA ASP E 52 -43.88 1.25 -29.38
C ASP E 52 -42.77 0.78 -28.45
N GLY E 53 -41.78 1.65 -28.27
CA GLY E 53 -40.66 1.34 -27.40
C GLY E 53 -39.46 2.19 -27.73
N VAL E 54 -38.45 2.08 -26.87
CA VAL E 54 -37.21 2.83 -27.05
C VAL E 54 -36.25 2.00 -27.88
N LEU E 55 -35.62 2.64 -28.86
CA LEU E 55 -34.73 1.94 -29.78
C LEU E 55 -33.37 1.69 -29.14
N GLU E 56 -32.85 0.47 -29.35
CA GLU E 56 -31.52 0.07 -28.87
C GLU E 56 -30.77 -0.53 -30.05
N ILE E 57 -29.99 0.31 -30.74
CA ILE E 57 -29.26 -0.15 -31.91
C ILE E 57 -28.10 -1.02 -31.46
N LEU E 58 -28.01 -2.23 -32.02
CA LEU E 58 -26.94 -3.14 -31.70
C LEU E 58 -25.67 -2.79 -32.48
N GLN E 59 -24.58 -3.49 -32.15
CA GLN E 59 -23.31 -3.20 -32.80
C GLN E 59 -23.30 -3.68 -34.26
N ASP E 60 -24.08 -4.71 -34.58
CA ASP E 60 -24.09 -5.23 -35.94
C ASP E 60 -24.78 -4.26 -36.89
N GLY E 61 -25.85 -3.60 -36.44
CA GLY E 61 -26.56 -2.65 -37.28
C GLY E 61 -28.05 -2.67 -37.08
N PHE E 62 -28.58 -3.75 -36.53
CA PHE E 62 -30.01 -3.86 -36.27
C PHE E 62 -30.31 -3.36 -34.86
N GLY E 63 -31.56 -3.52 -34.42
CA GLY E 63 -31.92 -3.04 -33.09
C GLY E 63 -33.29 -3.57 -32.69
N PHE E 64 -33.65 -3.27 -31.44
CA PHE E 64 -34.93 -3.68 -30.88
C PHE E 64 -35.57 -2.48 -30.19
N LEU E 65 -36.86 -2.64 -29.86
CA LEU E 65 -37.64 -1.63 -29.15
C LEU E 65 -37.90 -2.15 -27.74
N ARG E 66 -37.06 -1.73 -26.80
CA ARG E 66 -37.20 -2.14 -25.41
C ARG E 66 -38.44 -1.51 -24.79
N SER E 67 -38.91 -2.14 -23.70
CA SER E 67 -40.07 -1.66 -22.98
C SER E 67 -39.66 -1.09 -21.63
N ALA E 68 -40.41 -0.09 -21.15
CA ALA E 68 -40.06 0.59 -19.91
C ALA E 68 -40.50 -0.20 -18.68
N ASP E 69 -41.56 -1.01 -18.80
CA ASP E 69 -42.05 -1.76 -17.65
C ASP E 69 -41.12 -2.89 -17.24
N SER E 70 -40.20 -3.29 -18.12
CA SER E 70 -39.25 -4.35 -17.84
C SER E 70 -37.83 -3.83 -17.62
N SER E 71 -37.68 -2.53 -17.37
CA SER E 71 -36.38 -1.90 -17.14
C SER E 71 -35.43 -2.13 -18.31
N TYR E 72 -35.98 -2.06 -19.52
CA TYR E 72 -35.21 -2.20 -20.76
C TYR E 72 -34.46 -3.53 -20.80
N LEU E 73 -35.15 -4.59 -20.39
CA LEU E 73 -34.58 -5.94 -20.42
C LEU E 73 -34.95 -6.63 -21.72
N ALA E 74 -34.05 -7.50 -22.18
CA ALA E 74 -34.27 -8.24 -23.42
C ALA E 74 -35.47 -9.16 -23.30
N GLY E 75 -36.54 -8.85 -24.03
CA GLY E 75 -37.75 -9.63 -23.98
C GLY E 75 -38.07 -10.29 -25.31
N PRO E 76 -38.89 -11.35 -25.28
CA PRO E 76 -39.28 -12.00 -26.53
C PRO E 76 -40.19 -11.14 -27.40
N ASP E 77 -40.88 -10.17 -26.82
CA ASP E 77 -41.83 -9.32 -27.55
C ASP E 77 -41.17 -8.05 -28.07
N ASP E 78 -39.85 -8.05 -28.22
CA ASP E 78 -39.17 -6.88 -28.76
C ASP E 78 -39.40 -6.77 -30.26
N ILE E 79 -39.57 -5.54 -30.74
CA ILE E 79 -39.84 -5.29 -32.15
C ILE E 79 -38.51 -5.14 -32.89
N TYR E 80 -38.29 -6.00 -33.88
CA TYR E 80 -37.07 -5.93 -34.67
C TYR E 80 -37.10 -4.70 -35.58
N VAL E 81 -35.97 -4.00 -35.66
CA VAL E 81 -35.83 -2.82 -36.50
C VAL E 81 -34.70 -3.10 -37.48
N SER E 82 -35.04 -3.18 -38.77
CA SER E 82 -34.04 -3.47 -39.78
C SER E 82 -33.07 -2.29 -39.92
N PRO E 83 -31.82 -2.57 -40.28
CA PRO E 83 -30.87 -1.46 -40.48
C PRO E 83 -31.21 -0.58 -41.67
N SER E 84 -31.98 -1.11 -42.63
CA SER E 84 -32.38 -0.32 -43.78
C SER E 84 -33.23 0.87 -43.35
N GLN E 85 -34.22 0.64 -42.48
CA GLN E 85 -35.04 1.73 -41.98
C GLN E 85 -34.22 2.69 -41.12
N ILE E 86 -33.24 2.15 -40.37
CA ILE E 86 -32.38 2.99 -39.55
C ILE E 86 -31.59 3.95 -40.43
N ARG E 87 -31.10 3.44 -41.56
CA ARG E 87 -30.29 4.20 -42.54
C ARG E 87 -31.20 5.16 -43.33
N ARG E 88 -32.50 4.83 -43.44
CA ARG E 88 -33.48 5.65 -44.22
C ARG E 88 -34.02 6.82 -43.37
N PHE E 89 -34.13 6.63 -42.05
CA PHE E 89 -34.67 7.67 -41.18
C PHE E 89 -33.63 8.22 -40.21
N ASN E 90 -32.37 7.79 -40.31
CA ASN E 90 -31.29 8.25 -39.44
C ASN E 90 -31.65 8.06 -37.97
N LEU E 91 -32.06 6.84 -37.64
CA LEU E 91 -32.43 6.52 -36.27
C LEU E 91 -31.19 6.25 -35.43
N ARG E 92 -31.28 6.59 -34.14
CA ARG E 92 -30.20 6.37 -33.20
C ARG E 92 -30.76 5.79 -31.91
N THR E 93 -29.86 5.32 -31.06
CA THR E 93 -30.26 4.73 -29.79
C THR E 93 -30.94 5.77 -28.90
N GLY E 94 -32.18 5.50 -28.53
CA GLY E 94 -32.96 6.39 -27.68
C GLY E 94 -34.19 6.97 -28.36
N ASP E 95 -34.26 6.90 -29.69
CA ASP E 95 -35.41 7.46 -30.41
C ASP E 95 -36.66 6.63 -30.13
N THR E 96 -37.70 7.28 -29.63
CA THR E 96 -38.97 6.60 -29.42
C THR E 96 -39.68 6.40 -30.75
N ILE E 97 -39.96 5.14 -31.08
CA ILE E 97 -40.57 4.79 -32.35
C ILE E 97 -41.91 4.11 -32.07
N SER E 98 -42.95 4.56 -32.78
CA SER E 98 -44.29 4.01 -32.65
C SER E 98 -44.86 3.81 -34.05
N GLY E 99 -45.06 2.57 -34.44
CA GLY E 99 -45.58 2.28 -35.77
C GLY E 99 -46.21 0.91 -35.84
N LYS E 100 -46.72 0.59 -37.02
CA LYS E 100 -47.37 -0.71 -37.24
C LYS E 100 -46.33 -1.83 -37.18
N ILE E 101 -46.73 -2.94 -36.57
CA ILE E 101 -45.88 -4.13 -36.44
C ILE E 101 -46.64 -5.34 -36.94
N ARG E 102 -45.91 -6.42 -37.17
CA ARG E 102 -46.46 -7.67 -37.65
C ARG E 102 -45.84 -8.83 -36.88
N PRO E 103 -46.59 -9.90 -36.64
CA PRO E 103 -46.02 -11.06 -35.95
C PRO E 103 -44.93 -11.71 -36.78
N PRO E 104 -44.00 -12.42 -36.15
CA PRO E 104 -42.92 -13.04 -36.92
C PRO E 104 -43.43 -14.21 -37.75
N LYS E 105 -42.92 -14.30 -38.98
CA LYS E 105 -43.30 -15.38 -39.89
C LYS E 105 -42.50 -16.64 -39.55
N GLU E 106 -42.56 -17.63 -40.44
CA GLU E 106 -41.81 -18.87 -40.24
C GLU E 106 -40.32 -18.60 -40.36
N GLY E 107 -39.58 -18.90 -39.30
CA GLY E 107 -38.15 -18.62 -39.28
C GLY E 107 -37.76 -17.33 -38.61
N GLU E 108 -38.71 -16.58 -38.08
CA GLU E 108 -38.45 -15.33 -37.37
C GLU E 108 -38.85 -15.47 -35.91
N ARG E 109 -38.29 -14.60 -35.07
CA ARG E 109 -38.53 -14.66 -33.63
C ARG E 109 -39.01 -13.35 -33.03
N TYR E 110 -39.06 -12.27 -33.80
CA TYR E 110 -39.44 -10.97 -33.28
C TYR E 110 -40.33 -10.24 -34.27
N PHE E 111 -41.10 -9.28 -33.76
CA PHE E 111 -41.98 -8.50 -34.61
C PHE E 111 -41.17 -7.58 -35.51
N ALA E 112 -41.67 -7.37 -36.73
CA ALA E 112 -41.02 -6.49 -37.69
C ALA E 112 -41.76 -5.17 -37.79
N LEU E 113 -41.02 -4.12 -38.17
CA LEU E 113 -41.56 -2.78 -38.30
C LEU E 113 -41.79 -2.47 -39.78
N LEU E 114 -43.03 -2.15 -40.14
CA LEU E 114 -43.37 -1.82 -41.52
C LEU E 114 -43.33 -0.33 -41.79
N LYS E 115 -44.10 0.46 -41.04
CA LYS E 115 -44.18 1.89 -41.23
C LYS E 115 -44.15 2.59 -39.88
N VAL E 116 -43.28 3.59 -39.75
CA VAL E 116 -43.16 4.36 -38.52
C VAL E 116 -44.14 5.52 -38.58
N ASN E 117 -44.93 5.68 -37.51
CA ASN E 117 -45.96 6.72 -37.48
C ASN E 117 -45.53 7.95 -36.69
N GLU E 118 -44.84 7.76 -35.57
CA GLU E 118 -44.47 8.87 -34.69
C GLU E 118 -43.07 8.63 -34.15
N VAL E 119 -42.23 9.67 -34.21
CA VAL E 119 -40.84 9.61 -33.74
C VAL E 119 -40.68 10.60 -32.60
N ASN E 120 -40.24 10.10 -31.45
CA ASN E 120 -40.00 10.93 -30.26
C ASN E 120 -41.24 11.73 -29.87
N PHE E 121 -42.40 11.10 -30.00
CA PHE E 121 -43.69 11.74 -29.69
C PHE E 121 -43.89 12.99 -30.52
N ASP E 122 -43.45 12.94 -31.78
CA ASP E 122 -43.55 14.09 -32.68
C ASP E 122 -43.53 13.57 -34.11
N LYS E 123 -43.78 14.48 -35.05
CA LYS E 123 -43.78 14.10 -36.46
C LYS E 123 -42.36 13.80 -36.93
N PRO E 124 -42.19 12.83 -37.83
CA PRO E 124 -40.84 12.56 -38.37
C PRO E 124 -40.25 13.73 -39.14
N GLU E 125 -41.09 14.61 -39.68
CA GLU E 125 -40.58 15.77 -40.40
C GLU E 125 -39.90 16.75 -39.47
N ASN E 126 -40.25 16.74 -38.19
CA ASN E 126 -39.57 17.58 -37.20
C ASN E 126 -38.35 16.89 -36.60
N ALA E 127 -38.27 15.57 -36.69
CA ALA E 127 -37.13 14.82 -36.15
C ALA E 127 -36.01 14.66 -37.18
N ARG E 128 -36.35 14.67 -38.47
CA ARG E 128 -35.32 14.53 -39.50
C ARG E 128 -34.36 15.71 -39.47
N ASN E 129 -34.85 16.89 -39.12
CA ASN E 129 -34.02 18.10 -39.01
C ASN E 129 -33.93 18.48 -37.53
N LYS E 130 -32.78 18.21 -36.93
CA LYS E 130 -32.58 18.48 -35.51
C LYS E 130 -31.09 18.66 -35.24
N ILE E 131 -30.80 19.34 -34.14
CA ILE E 131 -29.43 19.61 -33.71
C ILE E 131 -29.04 18.57 -32.67
N LEU E 132 -27.85 18.00 -32.83
CA LEU E 132 -27.38 16.97 -31.91
C LEU E 132 -27.16 17.55 -30.53
N PHE E 133 -27.16 16.65 -29.53
CA PHE E 133 -26.96 17.10 -28.15
C PHE E 133 -25.54 17.57 -27.90
N GLU E 134 -24.57 17.03 -28.65
CA GLU E 134 -23.18 17.43 -28.48
C GLU E 134 -22.88 18.82 -29.00
N ASN E 135 -23.81 19.43 -29.74
CA ASN E 135 -23.61 20.76 -30.29
C ASN E 135 -24.35 21.85 -29.54
N LEU E 136 -25.22 21.49 -28.59
CA LEU E 136 -25.97 22.49 -27.84
C LEU E 136 -25.05 23.27 -26.92
N THR E 137 -25.29 24.57 -26.82
CA THR E 137 -24.45 25.44 -26.00
C THR E 137 -24.82 25.30 -24.54
N PRO E 138 -23.91 24.88 -23.67
CA PRO E 138 -24.25 24.76 -22.24
C PRO E 138 -24.39 26.12 -21.59
N LEU E 139 -25.11 26.13 -20.46
CA LEU E 139 -25.30 27.35 -19.68
C LEU E 139 -25.50 26.95 -18.22
N HIS E 140 -25.46 27.96 -17.36
CA HIS E 140 -25.70 27.74 -15.93
C HIS E 140 -27.20 27.64 -15.66
N ALA E 141 -27.53 27.21 -14.45
CA ALA E 141 -28.93 27.11 -14.05
C ALA E 141 -29.57 28.48 -14.00
N ASN E 142 -30.58 28.69 -14.85
CA ASN E 142 -31.29 29.96 -14.92
C ASN E 142 -32.67 29.88 -14.28
N SER E 143 -33.49 28.91 -14.69
CA SER E 143 -34.82 28.77 -14.12
C SER E 143 -34.74 28.15 -12.73
N ARG E 144 -35.57 28.67 -11.81
CA ARG E 144 -35.59 28.20 -10.44
C ARG E 144 -36.59 27.05 -10.29
N LEU E 145 -36.10 25.91 -9.81
CA LEU E 145 -36.95 24.75 -9.53
C LEU E 145 -37.16 24.68 -8.02
N ARG E 146 -38.15 25.43 -7.55
CA ARG E 146 -38.43 25.49 -6.12
C ARG E 146 -38.99 24.17 -5.63
N MET E 147 -38.46 23.69 -4.51
CA MET E 147 -38.84 22.40 -3.95
C MET E 147 -39.83 22.52 -2.80
N GLU E 148 -40.15 23.74 -2.36
CA GLU E 148 -41.06 23.93 -1.23
C GLU E 148 -42.49 23.57 -1.64
N ARG E 149 -43.15 22.76 -0.81
CA ARG E 149 -44.53 22.38 -1.09
C ARG E 149 -45.46 23.58 -0.96
N GLY E 150 -45.46 24.22 0.19
CA GLY E 150 -46.35 25.34 0.45
C GLY E 150 -47.66 24.98 1.11
N ASN E 151 -47.93 23.70 1.30
CA ASN E 151 -49.17 23.25 1.93
C ASN E 151 -49.10 23.24 3.46
N GLY E 152 -47.96 23.61 4.03
CA GLY E 152 -47.83 23.62 5.47
C GLY E 152 -47.76 22.26 6.11
N SER E 153 -47.36 21.24 5.36
CA SER E 153 -47.27 19.89 5.89
C SER E 153 -46.00 19.74 6.74
N THR E 154 -46.03 18.74 7.64
CA THR E 154 -44.87 18.50 8.49
C THR E 154 -43.69 17.95 7.69
N GLU E 155 -43.96 17.28 6.56
CA GLU E 155 -42.87 16.77 5.73
C GLU E 155 -42.23 17.85 4.90
N ASP E 156 -42.84 19.03 4.80
CA ASP E 156 -42.28 20.13 4.03
C ASP E 156 -41.04 20.73 4.67
N LEU E 157 -40.74 20.36 5.92
CA LEU E 157 -39.54 20.87 6.58
C LEU E 157 -38.28 20.46 5.84
N THR E 158 -38.24 19.23 5.34
CA THR E 158 -37.08 18.78 4.57
C THR E 158 -36.89 19.61 3.31
N ALA E 159 -37.98 19.87 2.58
CA ALA E 159 -37.87 20.69 1.38
C ALA E 159 -37.46 22.12 1.71
N ARG E 160 -37.96 22.65 2.82
CA ARG E 160 -37.59 24.01 3.22
C ARG E 160 -36.10 24.09 3.57
N VAL E 161 -35.60 23.08 4.30
CA VAL E 161 -34.18 23.06 4.64
C VAL E 161 -33.33 22.90 3.38
N LEU E 162 -33.80 22.10 2.43
CA LEU E 162 -33.06 21.92 1.18
C LEU E 162 -33.01 23.21 0.39
N ASP E 163 -34.13 23.96 0.36
CA ASP E 163 -34.15 25.23 -0.35
C ASP E 163 -33.27 26.26 0.34
N LEU E 164 -33.24 26.25 1.67
CA LEU E 164 -32.37 27.19 2.39
C LEU E 164 -30.89 26.81 2.29
N ALA E 165 -30.60 25.54 2.04
CA ALA E 165 -29.21 25.09 1.98
C ALA E 165 -28.67 25.12 0.56
N SER E 166 -29.43 24.57 -0.40
CA SER E 166 -28.96 24.45 -1.78
C SER E 166 -30.15 24.45 -2.72
N PRO E 167 -30.53 25.62 -3.24
CA PRO E 167 -31.59 25.67 -4.24
C PRO E 167 -31.17 24.97 -5.52
N ILE E 168 -32.13 24.32 -6.17
CA ILE E 168 -31.89 23.51 -7.36
C ILE E 168 -32.60 24.16 -8.54
N GLY E 169 -31.89 24.28 -9.66
CA GLY E 169 -32.43 24.82 -10.88
C GLY E 169 -32.33 23.82 -12.02
N ARG E 170 -32.83 24.25 -13.18
CA ARG E 170 -32.79 23.39 -14.37
C ARG E 170 -31.36 23.26 -14.87
N GLY E 171 -30.96 22.02 -15.17
CA GLY E 171 -29.62 21.76 -15.64
C GLY E 171 -28.58 21.60 -14.55
N GLN E 172 -28.99 21.53 -13.29
CA GLN E 172 -28.05 21.42 -12.19
C GLN E 172 -27.41 20.03 -12.17
N ARG E 173 -26.15 19.98 -11.74
CA ARG E 173 -25.37 18.74 -11.66
C ARG E 173 -24.79 18.68 -10.24
N GLY E 174 -25.56 18.10 -9.32
CA GLY E 174 -25.19 18.05 -7.92
C GLY E 174 -24.83 16.65 -7.44
N LEU E 175 -24.52 16.58 -6.15
CA LEU E 175 -24.14 15.34 -5.50
C LEU E 175 -24.72 15.31 -4.09
N ILE E 176 -25.26 14.16 -3.70
CA ILE E 176 -25.79 13.96 -2.36
C ILE E 176 -24.81 13.04 -1.64
N VAL E 177 -23.87 13.63 -0.93
CA VAL E 177 -22.85 12.87 -0.20
C VAL E 177 -23.39 12.54 1.18
N ALA E 178 -23.39 11.26 1.53
CA ALA E 178 -23.92 10.82 2.81
C ALA E 178 -23.39 9.43 3.12
N PRO E 179 -22.96 9.19 4.35
CA PRO E 179 -22.59 7.83 4.76
C PRO E 179 -23.80 6.92 4.81
N PRO E 180 -23.61 5.61 4.85
CA PRO E 180 -24.76 4.70 4.93
C PRO E 180 -25.53 4.87 6.23
N LYS E 181 -26.79 4.43 6.19
CA LYS E 181 -27.70 4.52 7.33
C LYS E 181 -27.87 5.97 7.80
N ALA E 182 -28.02 6.90 6.85
CA ALA E 182 -28.21 8.30 7.17
C ALA E 182 -29.62 8.80 6.88
N GLY E 183 -30.33 8.18 5.94
CA GLY E 183 -31.65 8.63 5.56
C GLY E 183 -31.75 9.05 4.11
N LYS E 184 -30.90 8.46 3.27
CA LYS E 184 -30.89 8.81 1.85
C LYS E 184 -32.20 8.41 1.17
N THR E 185 -32.79 7.31 1.61
CA THR E 185 -34.02 6.82 0.99
C THR E 185 -35.17 7.80 1.20
N MET E 186 -35.41 8.20 2.46
CA MET E 186 -36.48 9.14 2.75
C MET E 186 -36.23 10.49 2.09
N LEU E 187 -34.97 10.93 2.05
CA LEU E 187 -34.65 12.20 1.41
C LEU E 187 -34.94 12.15 -0.08
N LEU E 188 -34.56 11.05 -0.74
CA LEU E 188 -34.84 10.92 -2.17
C LEU E 188 -36.33 10.82 -2.43
N GLN E 189 -37.06 10.12 -1.56
CA GLN E 189 -38.51 10.04 -1.72
C GLN E 189 -39.14 11.42 -1.60
N ASN E 190 -38.70 12.21 -0.61
CA ASN E 190 -39.24 13.55 -0.43
C ASN E 190 -38.90 14.44 -1.63
N ILE E 191 -37.68 14.33 -2.15
CA ILE E 191 -37.29 15.12 -3.32
C ILE E 191 -38.15 14.76 -4.51
N ALA E 192 -38.36 13.46 -4.74
CA ALA E 192 -39.16 13.03 -5.88
C ALA E 192 -40.62 13.49 -5.74
N GLN E 193 -41.17 13.39 -4.53
CA GLN E 193 -42.55 13.82 -4.33
C GLN E 193 -42.68 15.33 -4.51
N SER E 194 -41.71 16.11 -4.02
CA SER E 194 -41.76 17.56 -4.20
C SER E 194 -41.61 17.94 -5.67
N ILE E 195 -40.78 17.22 -6.42
CA ILE E 195 -40.65 17.49 -7.85
C ILE E 195 -41.95 17.16 -8.58
N ALA E 196 -42.57 16.03 -8.24
CA ALA E 196 -43.81 15.64 -8.91
C ALA E 196 -44.96 16.57 -8.54
N TYR E 197 -44.92 17.18 -7.34
CA TYR E 197 -45.99 18.06 -6.91
C TYR E 197 -45.82 19.47 -7.44
N ASN E 198 -44.62 20.04 -7.32
CA ASN E 198 -44.41 21.43 -7.72
C ASN E 198 -44.26 21.58 -9.22
N HIS E 199 -43.51 20.68 -9.86
CA HIS E 199 -43.24 20.75 -11.30
C HIS E 199 -43.66 19.45 -11.96
N PRO E 200 -44.98 19.27 -12.19
CA PRO E 200 -45.44 18.03 -12.84
C PRO E 200 -45.14 17.98 -14.33
N ASP E 201 -44.75 19.09 -14.95
CA ASP E 201 -44.48 19.12 -16.38
C ASP E 201 -43.14 18.50 -16.74
N CYS E 202 -42.20 18.44 -15.79
CA CYS E 202 -40.88 17.89 -16.07
C CYS E 202 -40.93 16.37 -16.10
N VAL E 203 -40.06 15.78 -16.93
CA VAL E 203 -39.98 14.33 -17.06
C VAL E 203 -39.06 13.81 -15.95
N LEU E 204 -39.64 13.12 -14.98
CA LEU E 204 -38.89 12.58 -13.85
C LEU E 204 -38.51 11.13 -14.12
N MET E 205 -37.23 10.81 -13.94
CA MET E 205 -36.71 9.47 -14.15
C MET E 205 -35.82 9.11 -12.97
N VAL E 206 -36.18 8.04 -12.26
CA VAL E 206 -35.44 7.59 -11.08
C VAL E 206 -34.69 6.33 -11.46
N LEU E 207 -33.36 6.37 -11.37
CA LEU E 207 -32.50 5.25 -11.69
C LEU E 207 -31.95 4.64 -10.41
N LEU E 208 -32.23 3.37 -10.19
CA LEU E 208 -31.78 2.64 -9.01
C LEU E 208 -31.02 1.40 -9.46
N ILE E 209 -29.69 1.46 -9.43
CA ILE E 209 -28.82 0.38 -9.88
C ILE E 209 -28.26 -0.35 -8.67
N ASP E 210 -28.34 -1.68 -8.69
CA ASP E 210 -27.76 -2.53 -7.65
C ASP E 210 -28.38 -2.23 -6.28
N GLU E 211 -29.70 -2.32 -6.21
CA GLU E 211 -30.45 -2.09 -4.98
C GLU E 211 -31.34 -3.30 -4.70
N ARG E 212 -32.02 -3.26 -3.56
CA ARG E 212 -32.85 -4.38 -3.15
C ARG E 212 -34.19 -4.36 -3.89
N PRO E 213 -34.76 -5.52 -4.21
CA PRO E 213 -36.06 -5.53 -4.91
C PRO E 213 -37.17 -4.88 -4.11
N GLU E 214 -37.16 -5.03 -2.78
CA GLU E 214 -38.17 -4.38 -1.95
C GLU E 214 -38.12 -2.87 -2.09
N GLU E 215 -36.93 -2.26 -2.04
CA GLU E 215 -36.82 -0.82 -2.25
C GLU E 215 -37.23 -0.43 -3.65
N VAL E 216 -36.96 -1.28 -4.65
CA VAL E 216 -37.37 -0.97 -6.02
C VAL E 216 -38.88 -0.91 -6.12
N THR E 217 -39.58 -1.93 -5.63
CA THR E 217 -41.02 -1.96 -5.73
C THR E 217 -41.67 -0.92 -4.81
N GLU E 218 -40.94 -0.50 -3.77
CA GLU E 218 -41.43 0.60 -2.94
C GLU E 218 -41.37 1.92 -3.70
N MET E 219 -40.22 2.21 -4.31
CA MET E 219 -40.07 3.46 -5.06
C MET E 219 -41.01 3.48 -6.26
N GLN E 220 -41.26 2.33 -6.88
CA GLN E 220 -42.12 2.29 -8.06
C GLN E 220 -43.57 2.61 -7.70
N ARG E 221 -44.01 2.26 -6.50
CA ARG E 221 -45.37 2.49 -6.06
C ARG E 221 -45.51 3.73 -5.19
N LEU E 222 -44.48 4.57 -5.11
CA LEU E 222 -44.52 5.77 -4.28
C LEU E 222 -44.40 7.06 -5.06
N VAL E 223 -43.51 7.12 -6.04
CA VAL E 223 -43.29 8.34 -6.81
C VAL E 223 -44.22 8.37 -8.00
N LYS E 224 -44.55 9.58 -8.46
CA LYS E 224 -45.41 9.76 -9.62
C LYS E 224 -44.56 10.04 -10.86
N GLY E 225 -43.99 8.96 -11.38
CA GLY E 225 -43.14 9.08 -12.54
C GLY E 225 -42.65 7.74 -13.02
N GLU E 226 -41.61 7.77 -13.84
CA GLU E 226 -41.01 6.57 -14.40
C GLU E 226 -39.90 6.07 -13.49
N VAL E 227 -39.86 4.76 -13.27
CA VAL E 227 -38.86 4.13 -12.40
C VAL E 227 -38.19 3.02 -13.18
N VAL E 228 -36.91 3.21 -13.51
CA VAL E 228 -36.09 2.19 -14.17
C VAL E 228 -35.01 1.77 -13.19
N ALA E 229 -35.06 0.51 -12.77
CA ALA E 229 -34.15 0.00 -11.75
C ALA E 229 -33.56 -1.34 -12.19
N SER E 230 -32.48 -1.72 -11.51
CA SER E 230 -31.78 -2.98 -11.79
C SER E 230 -31.23 -3.49 -10.45
N THR E 231 -31.86 -4.56 -9.94
CA THR E 231 -31.47 -5.11 -8.65
C THR E 231 -30.07 -5.72 -8.72
N PHE E 232 -29.54 -6.04 -7.53
CA PHE E 232 -28.21 -6.63 -7.44
C PHE E 232 -28.13 -8.03 -8.02
N ASP E 233 -29.26 -8.71 -8.22
CA ASP E 233 -29.26 -10.04 -8.81
C ASP E 233 -28.84 -10.05 -10.27
N GLU E 234 -28.72 -8.87 -10.90
CA GLU E 234 -28.32 -8.79 -12.28
C GLU E 234 -26.84 -8.43 -12.39
N PRO E 235 -26.16 -8.90 -13.44
CA PRO E 235 -24.73 -8.59 -13.60
C PRO E 235 -24.52 -7.12 -13.91
N ALA E 236 -23.24 -6.72 -13.86
CA ALA E 236 -22.90 -5.33 -14.12
C ALA E 236 -23.14 -4.95 -15.58
N SER E 237 -23.18 -5.95 -16.47
CA SER E 237 -23.46 -5.66 -17.89
C SER E 237 -24.85 -5.06 -18.06
N ARG E 238 -25.84 -5.61 -17.36
CA ARG E 238 -27.19 -5.05 -17.43
C ARG E 238 -27.22 -3.65 -16.82
N HIS E 239 -26.43 -3.43 -15.77
CA HIS E 239 -26.34 -2.09 -15.18
C HIS E 239 -25.83 -1.09 -16.20
N VAL E 240 -24.75 -1.44 -16.90
CA VAL E 240 -24.18 -0.55 -17.91
C VAL E 240 -25.18 -0.31 -19.03
N GLN E 241 -25.87 -1.38 -19.46
CA GLN E 241 -26.85 -1.25 -20.54
C GLN E 241 -27.99 -0.32 -20.14
N VAL E 242 -28.50 -0.48 -18.92
CA VAL E 242 -29.59 0.36 -18.43
C VAL E 242 -29.14 1.81 -18.34
N ALA E 243 -27.93 2.05 -17.82
CA ALA E 243 -27.43 3.41 -17.72
C ALA E 243 -27.30 4.04 -19.09
N GLU E 244 -26.78 3.29 -20.07
CA GLU E 244 -26.63 3.82 -21.42
C GLU E 244 -27.98 4.13 -22.04
N MET E 245 -28.95 3.21 -21.89
CA MET E 245 -30.28 3.46 -22.46
C MET E 245 -30.93 4.69 -21.81
N VAL E 246 -30.80 4.83 -20.49
CA VAL E 246 -31.41 5.96 -19.82
C VAL E 246 -30.77 7.28 -20.27
N ILE E 247 -29.44 7.31 -20.35
CA ILE E 247 -28.80 8.57 -20.74
C ILE E 247 -29.07 8.89 -22.21
N GLU E 248 -29.19 7.87 -23.06
CA GLU E 248 -29.50 8.12 -24.46
C GLU E 248 -30.93 8.64 -24.62
N LYS E 249 -31.87 8.07 -23.87
CA LYS E 249 -33.24 8.57 -23.90
C LYS E 249 -33.30 9.99 -23.38
N ALA E 250 -32.53 10.30 -22.33
CA ALA E 250 -32.51 11.66 -21.79
C ALA E 250 -31.96 12.63 -22.83
N LYS E 251 -30.89 12.25 -23.52
CA LYS E 251 -30.33 13.12 -24.55
C LYS E 251 -31.32 13.33 -25.69
N ARG E 252 -31.99 12.26 -26.12
CA ARG E 252 -32.97 12.40 -27.20
C ARG E 252 -34.14 13.27 -26.79
N LEU E 253 -34.54 13.21 -25.52
CA LEU E 253 -35.62 14.08 -25.05
C LEU E 253 -35.17 15.53 -24.97
N VAL E 254 -33.95 15.77 -24.47
CA VAL E 254 -33.44 17.13 -24.40
C VAL E 254 -33.28 17.74 -25.79
N GLU E 255 -32.95 16.90 -26.78
CA GLU E 255 -32.85 17.38 -28.15
C GLU E 255 -34.17 17.93 -28.67
N HIS E 256 -35.30 17.52 -28.09
CA HIS E 256 -36.60 18.04 -28.46
C HIS E 256 -37.10 19.09 -27.47
N LYS E 257 -36.17 19.78 -26.79
CA LYS E 257 -36.50 20.85 -25.85
C LYS E 257 -37.40 20.37 -24.72
N LYS E 258 -37.00 19.27 -24.08
CA LYS E 258 -37.72 18.73 -22.94
C LYS E 258 -36.87 18.87 -21.68
N ASP E 259 -37.57 18.98 -20.54
CA ASP E 259 -36.91 19.12 -19.24
C ASP E 259 -36.84 17.74 -18.58
N VAL E 260 -35.67 17.12 -18.64
CA VAL E 260 -35.45 15.79 -18.08
C VAL E 260 -34.80 15.92 -16.72
N ILE E 261 -35.27 15.13 -15.76
CA ILE E 261 -34.74 15.10 -14.41
C ILE E 261 -34.39 13.65 -14.07
N ILE E 262 -33.13 13.41 -13.73
CA ILE E 262 -32.63 12.08 -13.42
C ILE E 262 -32.17 12.08 -11.96
N LEU E 263 -32.81 11.26 -11.14
CA LEU E 263 -32.45 11.13 -9.72
C LEU E 263 -31.67 9.83 -9.57
N LEU E 264 -30.35 9.93 -9.67
CA LEU E 264 -29.48 8.77 -9.55
C LEU E 264 -29.18 8.51 -8.07
N ASP E 265 -29.20 7.24 -7.68
CA ASP E 265 -28.92 6.84 -6.30
C ASP E 265 -27.78 5.84 -6.22
N SER E 266 -27.06 5.61 -7.29
CA SER E 266 -26.06 4.56 -7.34
C SER E 266 -24.81 4.94 -8.14
N ILE E 267 -24.40 6.20 -8.12
CA ILE E 267 -23.22 6.65 -8.86
C ILE E 267 -22.01 5.81 -8.46
N THR E 268 -21.89 5.51 -7.16
CA THR E 268 -20.82 4.64 -6.68
C THR E 268 -20.98 3.23 -7.22
N ARG E 269 -22.21 2.70 -7.19
CA ARG E 269 -22.47 1.37 -7.72
C ARG E 269 -22.26 1.33 -9.24
N LEU E 270 -22.61 2.42 -9.92
CA LEU E 270 -22.37 2.49 -11.36
C LEU E 270 -20.88 2.50 -11.67
N ALA E 271 -20.10 3.24 -10.88
CA ALA E 271 -18.65 3.23 -11.08
C ALA E 271 -18.06 1.86 -10.78
N ARG E 272 -18.57 1.17 -9.77
CA ARG E 272 -18.11 -0.18 -9.49
C ARG E 272 -18.44 -1.12 -10.64
N ALA E 273 -19.64 -0.99 -11.22
CA ALA E 273 -20.02 -1.82 -12.36
C ALA E 273 -19.11 -1.56 -13.55
N TYR E 274 -18.81 -0.28 -13.82
CA TYR E 274 -17.93 0.05 -14.93
C TYR E 274 -16.51 -0.46 -14.69
N ASN E 275 -16.04 -0.39 -13.45
CA ASN E 275 -14.73 -0.93 -13.12
C ASN E 275 -14.71 -2.46 -13.20
N THR E 276 -15.86 -3.11 -13.03
CA THR E 276 -15.93 -4.55 -13.16
C THR E 276 -16.00 -5.00 -14.62
N VAL E 277 -16.70 -4.25 -15.47
CA VAL E 277 -16.87 -4.65 -16.86
C VAL E 277 -15.71 -4.23 -17.75
N VAL E 278 -14.80 -3.41 -17.26
CA VAL E 278 -13.66 -2.97 -18.07
C VAL E 278 -12.59 -4.06 -18.09
N PRO E 279 -12.02 -4.39 -19.25
CA PRO E 279 -10.96 -5.41 -19.27
C PRO E 279 -9.74 -4.96 -18.51
N ALA E 280 -9.08 -5.93 -17.87
CA ALA E 280 -7.88 -5.63 -17.09
C ALA E 280 -6.74 -5.21 -18.01
N SER E 281 -6.03 -4.15 -17.61
CA SER E 281 -4.91 -3.61 -18.38
C SER E 281 -3.58 -3.78 -17.68
N GLY E 282 -3.55 -4.55 -16.58
CA GLY E 282 -2.31 -4.75 -15.85
C GLY E 282 -1.84 -3.57 -15.04
N LYS E 283 -2.66 -2.53 -14.90
CA LYS E 283 -2.31 -1.35 -14.12
C LYS E 283 -3.47 -1.02 -13.20
N VAL E 284 -3.25 -1.12 -11.89
CA VAL E 284 -4.27 -0.87 -10.89
C VAL E 284 -3.82 0.29 -10.02
N LEU E 285 -4.70 1.27 -9.82
CA LEU E 285 -4.39 2.42 -9.00
C LEU E 285 -4.68 2.12 -7.53
N THR E 286 -4.51 3.15 -6.70
CA THR E 286 -4.74 2.99 -5.27
C THR E 286 -6.22 2.76 -4.99
N GLY E 287 -6.51 1.67 -4.27
CA GLY E 287 -7.87 1.32 -3.91
C GLY E 287 -8.53 0.31 -4.82
N GLY E 288 -7.88 -0.10 -5.91
CA GLY E 288 -8.48 -1.05 -6.82
C GLY E 288 -9.29 -0.44 -7.93
N VAL E 289 -8.93 0.75 -8.39
CA VAL E 289 -9.65 1.45 -9.45
C VAL E 289 -8.80 1.44 -10.70
N ASP E 290 -9.41 1.06 -11.83
CA ASP E 290 -8.70 1.06 -13.10
C ASP E 290 -8.53 2.49 -13.61
N ALA E 291 -7.49 2.70 -14.43
CA ALA E 291 -7.21 4.03 -14.94
C ALA E 291 -8.29 4.52 -15.90
N ASN E 292 -8.90 3.60 -16.65
CA ASN E 292 -9.93 3.94 -17.64
C ASN E 292 -11.32 3.50 -17.21
N ALA E 293 -11.52 3.24 -15.92
CA ALA E 293 -12.83 2.79 -15.45
C ALA E 293 -13.75 3.95 -15.11
N LEU E 294 -13.21 5.08 -14.65
CA LEU E 294 -14.01 6.22 -14.24
C LEU E 294 -14.39 7.14 -15.40
N HIS E 295 -13.93 6.84 -16.62
CA HIS E 295 -14.22 7.70 -17.76
C HIS E 295 -15.71 7.65 -18.13
N ARG E 296 -16.27 6.45 -18.18
CA ARG E 296 -17.70 6.32 -18.52
C ARG E 296 -18.60 6.95 -17.46
N PRO E 297 -18.41 6.72 -16.16
CA PRO E 297 -19.23 7.47 -15.18
C PRO E 297 -18.96 8.97 -15.23
N LYS E 298 -17.72 9.38 -15.54
CA LYS E 298 -17.43 10.80 -15.70
C LYS E 298 -18.29 11.41 -16.80
N ARG E 299 -18.36 10.75 -17.96
CA ARG E 299 -19.20 11.26 -19.04
C ARG E 299 -20.68 11.20 -18.70
N PHE E 300 -21.11 10.13 -18.04
CA PHE E 300 -22.51 10.02 -17.64
C PHE E 300 -22.90 11.16 -16.71
N PHE E 301 -22.00 11.54 -15.81
CA PHE E 301 -22.28 12.65 -14.90
C PHE E 301 -22.25 13.98 -15.64
N GLY E 302 -21.22 14.20 -16.46
CA GLY E 302 -21.09 15.44 -17.20
C GLY E 302 -22.11 15.65 -18.30
N ALA E 303 -22.90 14.62 -18.63
CA ALA E 303 -23.93 14.78 -19.64
C ALA E 303 -24.95 15.84 -19.22
N ALA E 304 -25.17 15.99 -17.92
CA ALA E 304 -26.11 16.99 -17.42
C ALA E 304 -25.64 18.40 -17.76
N ARG E 305 -26.53 19.19 -18.35
CA ARG E 305 -26.22 20.55 -18.75
C ARG E 305 -27.51 21.28 -19.07
N ASN E 306 -27.45 22.60 -19.02
CA ASN E 306 -28.59 23.46 -19.37
C ASN E 306 -28.42 23.96 -20.80
N VAL E 307 -29.47 23.83 -21.60
CA VAL E 307 -29.44 24.18 -23.01
C VAL E 307 -30.09 25.55 -23.18
N GLU E 308 -29.44 26.42 -23.95
CA GLU E 308 -29.99 27.74 -24.21
C GLU E 308 -31.11 27.71 -25.24
N GLU E 309 -31.01 26.82 -26.23
CA GLU E 309 -32.05 26.73 -27.26
C GLU E 309 -33.35 26.19 -26.69
N GLY E 310 -33.28 25.37 -25.65
CA GLY E 310 -34.48 24.81 -25.05
C GLY E 310 -34.23 23.51 -24.32
N GLY E 311 -34.93 23.31 -23.20
CA GLY E 311 -34.78 22.10 -22.43
C GLY E 311 -33.60 22.16 -21.48
N SER E 312 -33.48 21.12 -20.66
CA SER E 312 -32.42 21.02 -19.67
C SER E 312 -32.31 19.56 -19.23
N LEU E 313 -31.20 19.24 -18.57
CA LEU E 313 -30.94 17.90 -18.06
C LEU E 313 -30.35 18.02 -16.67
N THR E 314 -31.10 17.56 -15.67
CA THR E 314 -30.68 17.60 -14.28
C THR E 314 -30.38 16.19 -13.79
N ILE E 315 -29.20 16.03 -13.19
CA ILE E 315 -28.75 14.74 -12.66
C ILE E 315 -28.33 14.96 -11.22
N ILE E 316 -29.05 14.33 -10.28
CA ILE E 316 -28.76 14.39 -8.87
C ILE E 316 -28.33 13.00 -8.43
N ALA E 317 -27.03 12.80 -8.24
CA ALA E 317 -26.49 11.51 -7.86
C ALA E 317 -26.12 11.52 -6.37
N THR E 318 -26.34 10.38 -5.72
CA THR E 318 -26.04 10.22 -4.30
C THR E 318 -24.79 9.36 -4.16
N ALA E 319 -23.71 9.96 -3.68
CA ALA E 319 -22.44 9.26 -3.52
C ALA E 319 -22.36 8.63 -2.13
N LEU E 320 -21.64 7.51 -2.04
CA LEU E 320 -21.46 6.78 -0.80
C LEU E 320 -20.06 7.00 -0.25
N ILE E 321 -19.97 7.31 1.04
CA ILE E 321 -18.71 7.52 1.73
C ILE E 321 -18.72 6.71 3.03
N ASP E 322 -17.54 6.50 3.59
CA ASP E 322 -17.38 5.80 4.86
C ASP E 322 -17.98 4.41 4.82
N THR E 323 -17.87 3.76 3.66
CA THR E 323 -18.40 2.41 3.47
C THR E 323 -17.39 1.32 3.80
N GLY E 324 -16.19 1.68 4.28
CA GLY E 324 -15.18 0.71 4.60
C GLY E 324 -14.33 0.26 3.42
N SER E 325 -14.67 0.66 2.20
CA SER E 325 -13.92 0.29 1.01
C SER E 325 -13.18 1.51 0.49
N LYS E 326 -11.88 1.35 0.25
CA LYS E 326 -11.08 2.47 -0.25
C LYS E 326 -11.45 2.83 -1.69
N MET E 327 -12.00 1.88 -2.44
CA MET E 327 -12.39 2.16 -3.82
C MET E 327 -13.49 3.21 -3.88
N ASP E 328 -14.51 3.08 -3.01
CA ASP E 328 -15.56 4.08 -2.96
C ASP E 328 -15.04 5.43 -2.50
N GLU E 329 -14.07 5.44 -1.58
CA GLU E 329 -13.47 6.70 -1.15
C GLU E 329 -12.73 7.38 -2.31
N VAL E 330 -11.99 6.60 -3.09
CA VAL E 330 -11.29 7.18 -4.25
C VAL E 330 -12.30 7.71 -5.27
N ILE E 331 -13.38 6.96 -5.49
CA ILE E 331 -14.40 7.40 -6.44
C ILE E 331 -15.03 8.71 -5.97
N TYR E 332 -15.71 8.58 -4.82
CA TYR E 332 -16.54 9.71 -4.31
C TYR E 332 -15.89 11.04 -4.62
N GLU E 333 -14.80 11.30 -3.93
CA GLU E 333 -14.16 12.62 -4.10
C GLU E 333 -13.60 12.70 -5.52
N GLU E 334 -13.17 11.58 -6.12
CA GLU E 334 -12.72 11.67 -7.53
C GLU E 334 -13.73 12.53 -8.27
N PHE E 335 -15.01 12.36 -7.93
CA PHE E 335 -16.07 13.21 -8.55
C PHE E 335 -16.37 14.40 -7.63
N LYS E 336 -15.73 14.49 -6.45
CA LYS E 336 -16.01 15.68 -5.65
C LYS E 336 -15.71 16.96 -6.41
N GLY E 337 -14.57 16.98 -7.11
CA GLY E 337 -14.25 18.14 -7.96
C GLY E 337 -15.15 18.14 -9.18
N THR E 338 -15.92 17.07 -9.36
CA THR E 338 -16.84 16.95 -10.54
C THR E 338 -18.29 17.09 -10.07
N GLY E 339 -18.69 18.28 -9.65
CA GLY E 339 -20.09 18.52 -9.21
C GLY E 339 -20.21 19.90 -8.59
N ASN E 340 -21.13 20.74 -9.09
CA ASN E 340 -21.20 22.09 -8.58
C ASN E 340 -22.21 22.23 -7.44
N MET E 341 -22.54 21.14 -6.75
CA MET E 341 -23.46 21.19 -5.63
C MET E 341 -23.23 19.98 -4.75
N GLU E 342 -22.97 20.20 -3.47
CA GLU E 342 -22.74 19.13 -2.51
C GLU E 342 -23.68 19.32 -1.33
N LEU E 343 -24.50 18.30 -1.06
CA LEU E 343 -25.42 18.30 0.06
C LEU E 343 -24.99 17.18 1.00
N HIS E 344 -24.16 17.53 1.99
CA HIS E 344 -23.61 16.54 2.90
C HIS E 344 -24.60 16.23 4.01
N LEU E 345 -24.62 14.96 4.43
CA LEU E 345 -25.43 14.50 5.54
C LEU E 345 -24.53 13.95 6.63
N SER E 346 -24.84 14.26 7.89
CA SER E 346 -24.02 13.88 9.01
C SER E 346 -24.58 12.64 9.68
N ARG E 347 -23.71 11.64 9.90
CA ARG E 347 -24.13 10.43 10.60
C ARG E 347 -24.37 10.70 12.08
N LYS E 348 -23.60 11.62 12.66
CA LYS E 348 -23.77 11.94 14.08
C LYS E 348 -25.14 12.52 14.35
N ILE E 349 -25.66 13.33 13.43
CA ILE E 349 -27.00 13.89 13.60
C ILE E 349 -28.06 12.82 13.35
N ALA E 350 -27.79 11.88 12.44
CA ALA E 350 -28.77 10.83 12.18
C ALA E 350 -28.86 9.86 13.35
N GLU E 351 -27.76 9.65 14.07
CA GLU E 351 -27.79 8.78 15.24
C GLU E 351 -28.63 9.36 16.37
N LYS E 352 -28.77 10.69 16.42
CA LYS E 352 -29.61 11.35 17.42
C LYS E 352 -31.08 11.38 17.02
N ARG E 353 -31.44 10.72 15.90
CA ARG E 353 -32.82 10.67 15.41
C ARG E 353 -33.36 12.07 15.15
N VAL E 354 -32.53 12.93 14.60
CA VAL E 354 -32.91 14.30 14.23
C VAL E 354 -33.01 14.34 12.71
N PHE E 355 -34.23 14.22 12.20
CA PHE E 355 -34.48 14.22 10.76
C PHE E 355 -35.02 15.57 10.33
N PRO E 356 -34.50 16.15 9.23
CA PRO E 356 -33.42 15.58 8.44
C PRO E 356 -32.03 15.86 9.03
N ALA E 357 -31.08 14.96 8.79
CA ALA E 357 -29.71 15.10 9.27
C ALA E 357 -28.86 15.66 8.12
N ILE E 358 -28.96 16.96 7.92
CA ILE E 358 -28.29 17.65 6.83
C ILE E 358 -27.17 18.50 7.40
N ASP E 359 -25.97 18.41 6.80
CA ASP E 359 -24.84 19.23 7.20
C ASP E 359 -24.97 20.58 6.49
N TYR E 360 -25.55 21.55 7.18
CA TYR E 360 -25.82 22.85 6.58
C TYR E 360 -24.52 23.61 6.32
N ASN E 361 -23.49 23.34 7.12
CA ASN E 361 -22.25 24.09 6.99
C ASN E 361 -21.54 23.79 5.67
N ARG E 362 -21.35 22.52 5.35
CA ARG E 362 -20.62 22.15 4.14
C ARG E 362 -21.49 22.19 2.90
N SER E 363 -22.80 22.36 3.04
CA SER E 363 -23.67 22.46 1.88
C SER E 363 -23.53 23.83 1.23
N GLY E 364 -24.08 23.96 0.04
CA GLY E 364 -24.02 25.21 -0.70
C GLY E 364 -24.17 24.98 -2.19
N THR E 365 -24.38 26.08 -2.91
CA THR E 365 -24.54 26.05 -4.35
C THR E 365 -23.76 27.21 -4.96
N ARG E 366 -23.01 26.92 -6.03
CA ARG E 366 -22.25 27.94 -6.73
C ARG E 366 -23.17 28.71 -7.67
N LYS E 367 -22.90 30.01 -7.81
CA LYS E 367 -23.72 30.91 -8.63
C LYS E 367 -25.18 30.89 -8.19
N GLU E 368 -25.39 30.91 -6.88
CA GLU E 368 -26.73 30.87 -6.33
C GLU E 368 -27.51 32.16 -6.57
N GLU E 369 -26.82 33.24 -6.93
CA GLU E 369 -27.51 34.51 -7.20
C GLU E 369 -28.34 34.46 -8.47
N LEU E 370 -28.09 33.49 -9.35
CA LEU E 370 -28.87 33.34 -10.57
C LEU E 370 -30.20 32.65 -10.36
N LEU E 371 -30.47 32.13 -9.17
CA LEU E 371 -31.72 31.45 -8.87
C LEU E 371 -32.50 32.11 -7.74
N THR E 372 -31.93 33.11 -7.07
CA THR E 372 -32.60 33.78 -5.97
C THR E 372 -32.49 35.29 -6.17
N THR E 373 -33.41 36.01 -5.54
CA THR E 373 -33.42 37.47 -5.62
C THR E 373 -32.34 38.05 -4.71
N GLN E 374 -32.23 39.38 -4.76
CA GLN E 374 -31.21 40.06 -3.94
C GLN E 374 -31.52 39.95 -2.46
N GLU E 375 -32.75 40.25 -2.07
CA GLU E 375 -33.12 40.18 -0.65
C GLU E 375 -33.09 38.74 -0.15
N GLU E 376 -33.51 37.79 -0.99
CA GLU E 376 -33.45 36.39 -0.58
C GLU E 376 -32.01 35.93 -0.39
N LEU E 377 -31.11 36.33 -1.29
CA LEU E 377 -29.70 35.99 -1.14
C LEU E 377 -29.10 36.62 0.10
N GLN E 378 -29.48 37.87 0.39
CA GLN E 378 -28.97 38.53 1.59
C GLN E 378 -29.46 37.83 2.85
N LYS E 379 -30.74 37.43 2.87
CA LYS E 379 -31.27 36.71 4.02
C LYS E 379 -30.60 35.35 4.19
N MET E 380 -30.34 34.65 3.09
CA MET E 380 -29.63 33.38 3.18
C MET E 380 -28.20 33.57 3.69
N TRP E 381 -27.54 34.64 3.24
CA TRP E 381 -26.19 34.93 3.73
C TRP E 381 -26.20 35.22 5.22
N ILE E 382 -27.18 36.01 5.69
CA ILE E 382 -27.28 36.30 7.11
C ILE E 382 -27.56 35.03 7.91
N LEU E 383 -28.44 34.18 7.39
CA LEU E 383 -28.75 32.92 8.08
C LEU E 383 -27.52 32.03 8.16
N ARG E 384 -26.72 31.98 7.09
CA ARG E 384 -25.50 31.19 7.12
C ARG E 384 -24.49 31.76 8.09
N LYS E 385 -24.37 33.09 8.15
CA LYS E 385 -23.42 33.70 9.07
C LYS E 385 -23.86 33.53 10.52
N ILE E 386 -25.16 33.39 10.76
CA ILE E 386 -25.63 33.14 12.12
C ILE E 386 -25.48 31.67 12.48
N ILE E 387 -25.69 30.77 11.51
CA ILE E 387 -25.64 29.33 11.80
C ILE E 387 -24.20 28.84 11.92
N HIS E 388 -23.27 29.44 11.16
CA HIS E 388 -21.88 28.95 11.12
C HIS E 388 -21.22 28.82 12.50
N PRO E 389 -21.34 29.79 13.42
CA PRO E 389 -20.66 29.61 14.72
C PRO E 389 -21.20 28.44 15.52
N MET E 390 -22.49 28.18 15.46
CA MET E 390 -23.08 27.09 16.25
C MET E 390 -22.66 25.73 15.69
N GLY E 391 -22.72 24.72 16.56
CA GLY E 391 -22.41 23.37 16.15
C GLY E 391 -23.46 22.78 15.23
N GLU E 392 -23.10 21.66 14.61
CA GLU E 392 -23.99 21.03 13.63
C GLU E 392 -25.32 20.63 14.26
N ILE E 393 -25.28 19.86 15.34
CA ILE E 393 -26.51 19.41 15.99
C ILE E 393 -27.29 20.60 16.55
N ASP E 394 -26.58 21.55 17.17
CA ASP E 394 -27.25 22.73 17.71
C ASP E 394 -27.87 23.57 16.60
N ALA E 395 -27.18 23.74 15.48
CA ALA E 395 -27.73 24.52 14.37
C ALA E 395 -28.96 23.82 13.79
N MET E 396 -28.91 22.48 13.67
CA MET E 396 -30.05 21.75 13.15
C MET E 396 -31.25 21.87 14.09
N GLU E 397 -31.02 21.75 15.40
CA GLU E 397 -32.11 21.90 16.35
C GLU E 397 -32.71 23.31 16.30
N PHE E 398 -31.84 24.33 16.21
CA PHE E 398 -32.31 25.70 16.09
C PHE E 398 -33.15 25.89 14.84
N LEU E 399 -32.66 25.39 13.70
CA LEU E 399 -33.39 25.53 12.45
C LEU E 399 -34.74 24.83 12.50
N ILE E 400 -34.78 23.63 13.08
CA ILE E 400 -36.04 22.90 13.17
C ILE E 400 -37.03 23.63 14.09
N ASN E 401 -36.54 24.12 15.24
CA ASN E 401 -37.43 24.81 16.17
C ASN E 401 -37.93 26.13 15.59
N LYS E 402 -37.13 26.76 14.74
CA LYS E 402 -37.56 28.03 14.14
C LYS E 402 -38.46 27.82 12.94
N LEU E 403 -38.30 26.72 12.21
CA LEU E 403 -39.18 26.44 11.07
C LEU E 403 -40.49 25.81 11.51
N ALA E 404 -40.53 25.20 12.69
CA ALA E 404 -41.78 24.64 13.19
C ALA E 404 -42.76 25.72 13.62
N MET E 405 -42.28 26.93 13.89
CA MET E 405 -43.17 27.99 14.36
C MET E 405 -44.05 28.53 13.24
N THR E 406 -43.53 28.58 12.02
CA THR E 406 -44.24 29.15 10.87
C THR E 406 -44.37 28.11 9.76
N LYS E 407 -45.09 28.49 8.71
CA LYS E 407 -45.28 27.62 7.56
C LYS E 407 -44.33 27.94 6.42
N THR E 408 -44.07 29.23 6.17
CA THR E 408 -43.20 29.67 5.08
C THR E 408 -41.90 30.22 5.64
N ASN E 409 -40.84 30.11 4.84
CA ASN E 409 -39.53 30.60 5.27
C ASN E 409 -39.46 32.12 5.23
N ASP E 410 -40.36 32.77 4.49
CA ASP E 410 -40.37 34.22 4.44
C ASP E 410 -40.70 34.82 5.81
N ASP E 411 -41.65 34.20 6.52
CA ASP E 411 -41.96 34.67 7.87
C ASP E 411 -40.78 34.48 8.82
N PHE E 412 -40.06 33.37 8.69
CA PHE E 412 -38.87 33.16 9.51
C PHE E 412 -37.81 34.21 9.21
N PHE E 413 -37.57 34.50 7.93
CA PHE E 413 -36.60 35.53 7.58
C PHE E 413 -37.02 36.91 8.09
N GLU E 414 -38.33 37.21 8.04
CA GLU E 414 -38.79 38.48 8.53
C GLU E 414 -38.69 38.58 10.04
N MET E 415 -38.86 37.46 10.75
CA MET E 415 -38.75 37.47 12.21
C MET E 415 -37.29 37.48 12.66
N MET E 416 -36.38 37.00 11.83
CA MET E 416 -34.97 37.02 12.20
C MET E 416 -34.43 38.44 12.31
N LYS E 417 -34.92 39.35 11.47
CA LYS E 417 -34.49 40.74 11.50
C LYS E 417 -35.10 41.48 12.69
N MET F 1 -11.82 36.35 -50.66
CA MET F 1 -12.16 34.95 -50.41
C MET F 1 -11.28 34.36 -49.32
N ASN F 2 -11.72 34.50 -48.06
CA ASN F 2 -10.99 33.98 -46.91
C ASN F 2 -11.85 32.96 -46.19
N LEU F 3 -11.20 31.96 -45.59
CA LEU F 3 -11.92 30.90 -44.90
C LEU F 3 -12.59 31.41 -43.63
N THR F 4 -11.85 32.18 -42.83
CA THR F 4 -12.41 32.69 -41.58
C THR F 4 -13.57 33.65 -41.82
N GLU F 5 -13.51 34.42 -42.92
CA GLU F 5 -14.61 35.32 -43.24
C GLU F 5 -15.89 34.55 -43.52
N LEU F 6 -15.80 33.43 -44.25
CA LEU F 6 -16.98 32.62 -44.51
C LEU F 6 -17.40 31.85 -43.26
N LYS F 7 -16.46 31.54 -42.37
CA LYS F 7 -16.81 30.88 -41.12
C LYS F 7 -17.54 31.82 -40.16
N ASN F 8 -17.24 33.12 -40.21
CA ASN F 8 -17.91 34.06 -39.32
C ASN F 8 -19.29 34.44 -39.82
N THR F 9 -19.57 34.24 -41.11
CA THR F 9 -20.88 34.57 -41.65
C THR F 9 -21.94 33.64 -41.08
N PRO F 10 -23.18 34.12 -40.92
CA PRO F 10 -24.24 33.26 -40.40
C PRO F 10 -24.69 32.22 -41.41
N VAL F 11 -25.57 31.33 -40.95
CA VAL F 11 -26.02 30.22 -41.80
C VAL F 11 -27.00 30.72 -42.85
N SER F 12 -27.86 31.67 -42.49
CA SER F 12 -28.90 32.14 -43.41
C SER F 12 -28.29 32.84 -44.62
N GLU F 13 -27.32 33.72 -44.39
CA GLU F 13 -26.69 34.42 -45.51
C GLU F 13 -25.91 33.45 -46.40
N LEU F 14 -25.27 32.44 -45.82
CA LEU F 14 -24.56 31.46 -46.63
C LEU F 14 -25.53 30.63 -47.47
N ILE F 15 -26.68 30.25 -46.89
CA ILE F 15 -27.69 29.52 -47.64
C ILE F 15 -28.22 30.38 -48.80
N THR F 16 -28.46 31.66 -48.53
CA THR F 16 -28.94 32.57 -49.56
C THR F 16 -27.92 32.71 -50.68
N LEU F 17 -26.64 32.88 -50.32
CA LEU F 17 -25.59 33.00 -51.32
C LEU F 17 -25.47 31.74 -52.16
N GLY F 18 -25.54 30.57 -51.51
CA GLY F 18 -25.47 29.32 -52.25
C GLY F 18 -26.64 29.12 -53.18
N GLU F 19 -27.85 29.51 -52.75
CA GLU F 19 -29.00 29.42 -53.62
C GLU F 19 -28.90 30.39 -54.79
N ASN F 20 -28.31 31.57 -54.57
CA ASN F 20 -28.09 32.50 -55.67
C ASN F 20 -27.04 31.99 -56.64
N MET F 21 -26.05 31.24 -56.15
CA MET F 21 -25.02 30.71 -57.03
C MET F 21 -25.54 29.57 -57.89
N GLY F 22 -26.71 29.02 -57.56
CA GLY F 22 -27.31 27.96 -58.35
C GLY F 22 -26.70 26.60 -58.11
N LEU F 23 -26.82 26.09 -56.88
CA LEU F 23 -26.29 24.79 -56.51
C LEU F 23 -27.43 23.96 -55.91
N GLU F 24 -27.06 22.79 -55.37
CA GLU F 24 -28.03 21.93 -54.71
C GLU F 24 -28.61 22.61 -53.48
N ASN F 25 -29.79 22.17 -53.07
CA ASN F 25 -30.47 22.72 -51.91
C ASN F 25 -29.59 22.70 -50.68
N LEU F 26 -29.28 23.89 -50.15
CA LEU F 26 -28.39 24.03 -49.01
C LEU F 26 -29.11 24.09 -47.68
N ALA F 27 -30.44 24.11 -47.67
CA ALA F 27 -31.17 24.13 -46.41
C ALA F 27 -30.92 22.86 -45.60
N ARG F 28 -30.96 21.71 -46.27
CA ARG F 28 -30.63 20.43 -45.63
C ARG F 28 -29.16 20.08 -45.82
N MET F 29 -28.28 21.01 -45.46
CA MET F 29 -26.85 20.80 -45.62
C MET F 29 -26.11 21.46 -44.45
N ARG F 30 -24.94 20.92 -44.13
CA ARG F 30 -24.12 21.48 -43.08
C ARG F 30 -23.47 22.77 -43.54
N LYS F 31 -23.16 23.65 -42.58
CA LYS F 31 -22.53 24.93 -42.90
C LYS F 31 -21.18 24.73 -43.55
N GLN F 32 -20.41 23.75 -43.07
CA GLN F 32 -19.10 23.46 -43.66
C GLN F 32 -19.25 22.98 -45.10
N ASP F 33 -20.24 22.13 -45.36
CA ASP F 33 -20.49 21.68 -46.73
C ASP F 33 -20.95 22.83 -47.61
N ILE F 34 -21.74 23.75 -47.05
CA ILE F 34 -22.16 24.94 -47.79
C ILE F 34 -20.96 25.78 -48.19
N ILE F 35 -20.04 26.01 -47.24
CA ILE F 35 -18.85 26.78 -47.52
C ILE F 35 -17.98 26.08 -48.56
N PHE F 36 -17.88 24.76 -48.46
CA PHE F 36 -17.09 23.98 -49.42
C PHE F 36 -17.66 24.11 -50.83
N ALA F 37 -18.99 23.99 -50.95
CA ALA F 37 -19.63 24.11 -52.25
C ALA F 37 -19.48 25.52 -52.82
N ILE F 38 -19.59 26.53 -51.95
CA ILE F 38 -19.43 27.91 -52.40
C ILE F 38 -18.00 28.14 -52.89
N LEU F 39 -17.01 27.60 -52.18
CA LEU F 39 -15.63 27.74 -52.61
C LEU F 39 -15.40 27.03 -53.95
N LYS F 40 -15.97 25.84 -54.11
CA LYS F 40 -15.86 25.12 -55.38
C LYS F 40 -16.45 25.94 -56.52
N GLN F 41 -17.66 26.46 -56.32
CA GLN F 41 -18.34 27.21 -57.38
C GLN F 41 -17.58 28.51 -57.69
N HIS F 42 -16.97 29.12 -56.68
CA HIS F 42 -16.24 30.36 -56.92
C HIS F 42 -14.90 30.09 -57.61
N ALA F 43 -14.29 28.93 -57.33
CA ALA F 43 -13.05 28.58 -58.01
C ALA F 43 -13.28 28.07 -59.42
N LYS F 44 -14.48 27.55 -59.72
CA LYS F 44 -14.79 27.16 -61.09
C LYS F 44 -14.80 28.36 -62.03
N SER F 45 -15.04 29.56 -61.49
CA SER F 45 -15.03 30.77 -62.30
C SER F 45 -13.62 31.28 -62.57
N GLY F 46 -12.61 30.73 -61.90
CA GLY F 46 -11.23 31.15 -62.11
C GLY F 46 -10.65 32.03 -61.03
N GLU F 47 -11.44 32.45 -60.05
CA GLU F 47 -10.94 33.31 -59.00
C GLU F 47 -10.09 32.52 -58.01
N ASP F 48 -9.29 33.24 -57.23
CA ASP F 48 -8.40 32.62 -56.26
C ASP F 48 -9.08 32.53 -54.89
N ILE F 49 -8.66 31.54 -54.11
CA ILE F 49 -9.16 31.31 -52.76
C ILE F 49 -7.99 31.36 -51.79
N PHE F 50 -8.22 32.01 -50.65
CA PHE F 50 -7.20 32.16 -49.63
C PHE F 50 -7.67 31.54 -48.32
N GLY F 51 -6.71 31.04 -47.54
CA GLY F 51 -7.00 30.43 -46.26
C GLY F 51 -5.86 30.65 -45.30
N ASP F 52 -6.05 30.18 -44.07
CA ASP F 52 -5.06 30.33 -43.01
C ASP F 52 -5.33 29.29 -41.94
N GLY F 53 -4.37 29.15 -41.03
CA GLY F 53 -4.50 28.20 -39.95
C GLY F 53 -3.15 27.85 -39.37
N VAL F 54 -3.20 27.12 -38.25
CA VAL F 54 -1.99 26.68 -37.56
C VAL F 54 -1.56 25.33 -38.13
N LEU F 55 -0.27 25.19 -38.42
CA LEU F 55 0.24 23.98 -39.04
C LEU F 55 0.40 22.87 -38.00
N GLU F 56 0.00 21.66 -38.39
CA GLU F 56 0.14 20.45 -37.56
C GLU F 56 0.81 19.38 -38.43
N ILE F 57 2.14 19.30 -38.32
CA ILE F 57 2.88 18.33 -39.12
C ILE F 57 2.64 16.93 -38.57
N LEU F 58 2.22 16.01 -39.44
CA LEU F 58 1.99 14.64 -39.03
C LEU F 58 3.30 13.87 -38.97
N GLN F 59 3.21 12.62 -38.48
CA GLN F 59 4.41 11.80 -38.34
C GLN F 59 4.93 11.33 -39.70
N ASP F 60 4.05 11.20 -40.69
CA ASP F 60 4.49 10.73 -42.01
C ASP F 60 5.31 11.78 -42.73
N GLY F 61 4.94 13.05 -42.59
CA GLY F 61 5.68 14.13 -43.23
C GLY F 61 4.80 15.25 -43.74
N PHE F 62 3.51 14.98 -43.93
CA PHE F 62 2.57 15.98 -44.39
C PHE F 62 1.94 16.68 -43.20
N GLY F 63 0.96 17.54 -43.43
CA GLY F 63 0.32 18.25 -42.34
C GLY F 63 -0.93 18.96 -42.82
N PHE F 64 -1.63 19.55 -41.85
CA PHE F 64 -2.86 20.29 -42.11
C PHE F 64 -2.81 21.62 -41.39
N LEU F 65 -3.76 22.49 -41.74
CA LEU F 65 -3.90 23.82 -41.14
C LEU F 65 -5.17 23.81 -40.28
N ARG F 66 -4.99 23.56 -38.99
CA ARG F 66 -6.13 23.52 -38.08
C ARG F 66 -6.71 24.92 -37.89
N SER F 67 -7.96 24.97 -37.44
CA SER F 67 -8.66 26.22 -37.19
C SER F 67 -8.84 26.42 -35.68
N ALA F 68 -8.85 27.69 -35.27
CA ALA F 68 -8.94 28.00 -33.85
C ALA F 68 -10.38 27.94 -33.33
N ASP F 69 -11.36 28.16 -34.19
CA ASP F 69 -12.75 28.15 -33.75
C ASP F 69 -13.24 26.74 -33.42
N SER F 70 -12.54 25.70 -33.87
CA SER F 70 -12.91 24.33 -33.62
C SER F 70 -11.99 23.65 -32.62
N SER F 71 -11.20 24.43 -31.88
CA SER F 71 -10.27 23.91 -30.88
C SER F 71 -9.28 22.94 -31.49
N TYR F 72 -8.81 23.26 -32.70
CA TYR F 72 -7.82 22.48 -33.43
C TYR F 72 -8.27 21.04 -33.62
N LEU F 73 -9.54 20.88 -33.98
CA LEU F 73 -10.11 19.57 -34.25
C LEU F 73 -10.01 19.24 -35.73
N ALA F 74 -9.85 17.95 -36.04
CA ALA F 74 -9.74 17.50 -37.41
C ALA F 74 -11.01 17.79 -38.19
N GLY F 75 -10.94 18.72 -39.15
CA GLY F 75 -12.08 19.10 -39.93
C GLY F 75 -11.91 18.77 -41.40
N PRO F 76 -13.03 18.68 -42.13
CA PRO F 76 -12.94 18.40 -43.58
C PRO F 76 -12.35 19.56 -44.37
N ASP F 77 -12.40 20.78 -43.84
CA ASP F 77 -11.91 21.96 -44.54
C ASP F 77 -10.45 22.27 -44.20
N ASP F 78 -9.69 21.29 -43.73
CA ASP F 78 -8.29 21.51 -43.44
C ASP F 78 -7.49 21.59 -44.74
N ILE F 79 -6.50 22.49 -44.74
CA ILE F 79 -5.67 22.72 -45.92
C ILE F 79 -4.49 21.77 -45.88
N TYR F 80 -4.36 20.93 -46.90
CA TYR F 80 -3.24 19.99 -46.98
C TYR F 80 -1.95 20.74 -47.29
N VAL F 81 -0.89 20.37 -46.59
CA VAL F 81 0.43 20.96 -46.78
C VAL F 81 1.38 19.84 -47.17
N SER F 82 1.88 19.90 -48.40
CA SER F 82 2.79 18.87 -48.90
C SER F 82 4.12 18.93 -48.15
N PRO F 83 4.78 17.78 -47.98
CA PRO F 83 6.09 17.80 -47.31
C PRO F 83 7.17 18.51 -48.11
N SER F 84 6.98 18.63 -49.43
CA SER F 84 7.94 19.35 -50.26
C SER F 84 8.04 20.82 -49.84
N GLN F 85 6.89 21.47 -49.65
CA GLN F 85 6.91 22.86 -49.20
C GLN F 85 7.44 22.96 -47.77
N ILE F 86 7.16 21.97 -46.93
CA ILE F 86 7.68 21.97 -45.58
C ILE F 86 9.20 21.94 -45.59
N ARG F 87 9.77 21.12 -46.48
CA ARG F 87 11.23 20.93 -46.64
C ARG F 87 11.83 22.15 -47.33
N ARG F 88 11.03 22.88 -48.11
CA ARG F 88 11.51 24.08 -48.88
C ARG F 88 11.51 25.34 -48.00
N PHE F 89 10.58 25.43 -47.05
CA PHE F 89 10.48 26.61 -46.18
C PHE F 89 10.82 26.30 -44.73
N ASN F 90 11.22 25.07 -44.41
CA ASN F 90 11.58 24.66 -43.06
C ASN F 90 10.44 24.95 -42.08
N LEU F 91 9.25 24.49 -42.45
CA LEU F 91 8.07 24.68 -41.61
C LEU F 91 8.04 23.66 -40.47
N ARG F 92 7.50 24.08 -39.34
CA ARG F 92 7.36 23.22 -38.18
C ARG F 92 5.97 23.38 -37.59
N THR F 93 5.63 22.49 -36.67
CA THR F 93 4.32 22.52 -36.02
C THR F 93 4.15 23.81 -35.22
N GLY F 94 3.13 24.59 -35.56
CA GLY F 94 2.84 25.84 -34.89
C GLY F 94 2.98 27.06 -35.76
N ASP F 95 3.65 26.95 -36.91
CA ASP F 95 3.85 28.08 -37.80
C ASP F 95 2.53 28.48 -38.44
N THR F 96 2.13 29.74 -38.25
CA THR F 96 0.92 30.25 -38.88
C THR F 96 1.18 30.51 -40.36
N ILE F 97 0.42 29.84 -41.22
CA ILE F 97 0.60 29.94 -42.67
C ILE F 97 -0.67 30.51 -43.28
N SER F 98 -0.50 31.51 -44.15
CA SER F 98 -1.61 32.15 -44.85
C SER F 98 -1.23 32.30 -46.31
N GLY F 99 -1.92 31.58 -47.19
CA GLY F 99 -1.61 31.64 -48.60
C GLY F 99 -2.78 31.19 -49.44
N LYS F 100 -2.57 31.23 -50.76
CA LYS F 100 -3.61 30.82 -51.70
C LYS F 100 -3.84 29.32 -51.62
N ILE F 101 -5.12 28.93 -51.70
CA ILE F 101 -5.53 27.54 -51.65
C ILE F 101 -6.42 27.25 -52.85
N ARG F 102 -6.60 25.96 -53.12
CA ARG F 102 -7.44 25.49 -54.22
C ARG F 102 -8.30 24.33 -53.74
N PRO F 103 -9.51 24.21 -54.27
CA PRO F 103 -10.38 23.08 -53.90
C PRO F 103 -9.77 21.76 -54.34
N PRO F 104 -10.12 20.67 -53.67
CA PRO F 104 -9.55 19.37 -54.05
C PRO F 104 -10.09 18.88 -55.38
N LYS F 105 -9.19 18.33 -56.20
CA LYS F 105 -9.56 17.80 -57.51
C LYS F 105 -10.15 16.41 -57.34
N GLU F 106 -10.33 15.70 -58.47
CA GLU F 106 -10.87 14.35 -58.42
C GLU F 106 -9.86 13.41 -57.77
N GLY F 107 -10.28 12.76 -56.68
CA GLY F 107 -9.41 11.90 -55.93
C GLY F 107 -8.74 12.53 -54.73
N GLU F 108 -9.05 13.79 -54.44
CA GLU F 108 -8.50 14.49 -53.28
C GLU F 108 -9.63 14.84 -52.33
N ARG F 109 -9.26 15.09 -51.07
CA ARG F 109 -10.24 15.37 -50.02
C ARG F 109 -9.98 16.65 -49.26
N TYR F 110 -8.87 17.34 -49.51
CA TYR F 110 -8.52 18.53 -48.76
C TYR F 110 -7.92 19.57 -49.70
N PHE F 111 -7.98 20.84 -49.27
CA PHE F 111 -7.43 21.93 -50.06
C PHE F 111 -5.91 21.85 -50.09
N ALA F 112 -5.34 22.23 -51.23
CA ALA F 112 -3.89 22.24 -51.41
C ALA F 112 -3.35 23.66 -51.32
N LEU F 113 -2.08 23.77 -50.92
CA LEU F 113 -1.41 25.05 -50.77
C LEU F 113 -0.49 25.27 -51.96
N LEU F 114 -0.70 26.38 -52.68
CA LEU F 114 0.12 26.70 -53.84
C LEU F 114 1.27 27.65 -53.48
N LYS F 115 0.96 28.80 -52.92
CA LYS F 115 1.96 29.81 -52.59
C LYS F 115 1.66 30.38 -51.21
N VAL F 116 2.67 30.41 -50.35
CA VAL F 116 2.53 30.95 -49.00
C VAL F 116 2.82 32.45 -49.05
N ASN F 117 1.92 33.25 -48.47
CA ASN F 117 2.06 34.70 -48.51
C ASN F 117 2.62 35.28 -47.22
N GLU F 118 2.20 34.76 -46.07
CA GLU F 118 2.62 35.31 -44.79
C GLU F 118 2.86 34.16 -43.80
N VAL F 119 3.99 34.23 -43.10
CA VAL F 119 4.38 33.21 -42.14
C VAL F 119 4.46 33.86 -40.75
N ASN F 120 3.70 33.32 -39.80
CA ASN F 120 3.69 33.82 -38.42
C ASN F 120 3.37 35.30 -38.36
N PHE F 121 2.43 35.73 -39.21
CA PHE F 121 2.01 37.13 -39.29
C PHE F 121 3.21 38.05 -39.59
N ASP F 122 4.11 37.55 -40.45
CA ASP F 122 5.31 38.29 -40.81
C ASP F 122 5.80 37.79 -42.15
N LYS F 123 6.81 38.48 -42.68
CA LYS F 123 7.37 38.10 -43.97
C LYS F 123 8.14 36.80 -43.85
N PRO F 124 8.12 35.95 -44.87
CA PRO F 124 8.92 34.71 -44.81
C PRO F 124 10.42 34.97 -44.74
N GLU F 125 10.88 36.12 -45.23
CA GLU F 125 12.30 36.44 -45.16
C GLU F 125 12.76 36.69 -43.73
N ASN F 126 11.83 37.07 -42.84
CA ASN F 126 12.17 37.22 -41.43
C ASN F 126 12.00 35.92 -40.65
N ALA F 127 11.23 34.97 -41.18
CA ALA F 127 11.01 33.69 -40.51
C ALA F 127 12.05 32.65 -40.92
N ARG F 128 12.62 32.78 -42.12
CA ARG F 128 13.64 31.82 -42.54
C ARG F 128 14.88 31.90 -41.66
N ASN F 129 15.20 33.08 -41.15
CA ASN F 129 16.33 33.28 -40.25
C ASN F 129 15.79 33.61 -38.88
N LYS F 130 15.85 32.64 -37.97
CA LYS F 130 15.32 32.81 -36.62
C LYS F 130 16.03 31.86 -35.67
N ILE F 131 16.00 32.21 -34.39
CA ILE F 131 16.62 31.42 -33.34
C ILE F 131 15.55 30.54 -32.71
N LEU F 132 15.88 29.26 -32.52
CA LEU F 132 14.93 28.32 -31.94
C LEU F 132 14.62 28.68 -30.49
N PHE F 133 13.48 28.18 -30.01
CA PHE F 133 13.07 28.47 -28.63
C PHE F 133 13.96 27.75 -27.62
N GLU F 134 14.53 26.61 -28.01
CA GLU F 134 15.39 25.85 -27.10
C GLU F 134 16.74 26.52 -26.87
N ASN F 135 17.09 27.54 -27.67
CA ASN F 135 18.37 28.22 -27.54
C ASN F 135 18.26 29.57 -26.86
N LEU F 136 17.06 30.06 -26.59
CA LEU F 136 16.90 31.36 -25.95
C LEU F 136 17.34 31.29 -24.49
N THR F 137 18.01 32.34 -24.03
CA THR F 137 18.53 32.37 -22.67
C THR F 137 17.42 32.70 -21.69
N PRO F 138 17.11 31.83 -20.74
CA PRO F 138 16.05 32.14 -19.76
C PRO F 138 16.49 33.23 -18.80
N LEU F 139 15.50 33.87 -18.19
CA LEU F 139 15.73 34.89 -17.18
C LEU F 139 14.55 34.94 -16.23
N HIS F 140 14.73 35.65 -15.13
CA HIS F 140 13.66 35.83 -14.16
C HIS F 140 12.68 36.91 -14.64
N ALA F 141 11.55 36.99 -13.95
CA ALA F 141 10.54 37.99 -14.28
C ALA F 141 11.08 39.39 -14.02
N ASN F 142 11.19 40.18 -15.08
CA ASN F 142 11.70 41.54 -14.99
C ASN F 142 10.58 42.57 -15.11
N SER F 143 9.76 42.50 -16.15
CA SER F 143 8.67 43.44 -16.34
C SER F 143 7.53 43.12 -15.39
N ARG F 144 6.92 44.16 -14.82
CA ARG F 144 5.83 44.01 -13.89
C ARG F 144 4.49 43.99 -14.63
N LEU F 145 3.73 42.91 -14.46
CA LEU F 145 2.39 42.81 -15.03
C LEU F 145 1.37 43.07 -13.91
N ARG F 146 1.09 44.34 -13.69
CA ARG F 146 0.18 44.74 -12.63
C ARG F 146 -1.24 44.31 -12.97
N MET F 147 -1.93 43.72 -11.99
CA MET F 147 -3.27 43.20 -12.18
C MET F 147 -4.36 44.13 -11.64
N GLU F 148 -3.97 45.22 -10.97
CA GLU F 148 -4.95 46.13 -10.39
C GLU F 148 -5.67 46.91 -11.47
N ARG F 149 -7.00 46.93 -11.40
CA ARG F 149 -7.79 47.68 -12.37
C ARG F 149 -7.55 49.18 -12.25
N GLY F 150 -7.80 49.72 -11.06
CA GLY F 150 -7.67 51.15 -10.83
C GLY F 150 -8.93 51.95 -11.00
N ASN F 151 -10.03 51.32 -11.45
CA ASN F 151 -11.29 52.01 -11.65
C ASN F 151 -12.13 52.09 -10.38
N GLY F 152 -11.64 51.56 -9.25
CA GLY F 152 -12.39 51.61 -8.02
C GLY F 152 -13.61 50.72 -7.97
N SER F 153 -13.63 49.67 -8.80
CA SER F 153 -14.77 48.75 -8.82
C SER F 153 -14.70 47.80 -7.63
N THR F 154 -15.87 47.24 -7.27
CA THR F 154 -15.93 46.30 -6.16
C THR F 154 -15.23 45.00 -6.48
N GLU F 155 -15.17 44.63 -7.76
CA GLU F 155 -14.48 43.40 -8.16
C GLU F 155 -12.96 43.57 -8.16
N ASP F 156 -12.46 44.80 -8.07
CA ASP F 156 -11.03 45.03 -8.04
C ASP F 156 -10.38 44.57 -6.74
N LEU F 157 -11.18 44.22 -5.73
CA LEU F 157 -10.62 43.75 -4.47
C LEU F 157 -9.82 42.46 -4.66
N THR F 158 -10.31 41.57 -5.52
CA THR F 158 -9.58 40.34 -5.79
C THR F 158 -8.23 40.62 -6.42
N ALA F 159 -8.19 41.53 -7.40
CA ALA F 159 -6.92 41.87 -8.04
C ALA F 159 -5.98 42.55 -7.06
N ARG F 160 -6.52 43.39 -6.18
CA ARG F 160 -5.68 44.05 -5.17
C ARG F 160 -5.08 43.04 -4.21
N VAL F 161 -5.89 42.08 -3.76
CA VAL F 161 -5.37 41.04 -2.86
C VAL F 161 -4.33 40.19 -3.57
N LEU F 162 -4.56 39.90 -4.86
CA LEU F 162 -3.59 39.12 -5.62
C LEU F 162 -2.26 39.86 -5.76
N ASP F 163 -2.34 41.17 -6.01
CA ASP F 163 -1.12 41.96 -6.12
C ASP F 163 -0.40 42.07 -4.78
N LEU F 164 -1.14 42.18 -3.68
CA LEU F 164 -0.51 42.23 -2.36
C LEU F 164 0.05 40.87 -1.94
N ALA F 165 -0.48 39.78 -2.49
CA ALA F 165 -0.03 38.46 -2.09
C ALA F 165 1.07 37.92 -3.00
N SER F 166 0.88 38.03 -4.32
CA SER F 166 1.82 37.46 -5.27
C SER F 166 1.76 38.25 -6.57
N PRO F 167 2.62 39.26 -6.72
CA PRO F 167 2.69 39.98 -8.00
C PRO F 167 3.17 39.07 -9.12
N ILE F 168 2.63 39.30 -10.31
CA ILE F 168 2.90 38.46 -11.47
C ILE F 168 3.64 39.28 -12.51
N GLY F 169 4.71 38.73 -13.06
CA GLY F 169 5.48 39.38 -14.10
C GLY F 169 5.53 38.52 -15.36
N ARG F 170 6.22 39.06 -16.37
CA ARG F 170 6.36 38.35 -17.63
C ARG F 170 7.28 37.14 -17.47
N GLY F 171 6.86 36.00 -17.98
CA GLY F 171 7.63 34.78 -17.87
C GLY F 171 7.43 34.02 -16.58
N GLN F 172 6.47 34.40 -15.76
CA GLN F 172 6.24 33.74 -14.49
C GLN F 172 5.65 32.35 -14.71
N ARG F 173 6.02 31.43 -13.81
CA ARG F 173 5.55 30.03 -13.86
C ARG F 173 5.00 29.69 -12.47
N GLY F 174 3.71 29.97 -12.27
CA GLY F 174 3.07 29.82 -11.00
C GLY F 174 2.07 28.65 -10.96
N LEU F 175 1.44 28.51 -9.79
CA LEU F 175 0.47 27.47 -9.55
C LEU F 175 -0.65 28.01 -8.68
N ILE F 176 -1.89 27.69 -9.02
CA ILE F 176 -3.05 28.10 -8.23
C ILE F 176 -3.56 26.82 -7.56
N VAL F 177 -3.11 26.58 -6.34
CA VAL F 177 -3.49 25.41 -5.58
C VAL F 177 -4.76 25.72 -4.81
N ALA F 178 -5.80 24.89 -5.00
CA ALA F 178 -7.08 25.13 -4.36
C ALA F 178 -7.89 23.84 -4.38
N PRO F 179 -8.54 23.49 -3.28
CA PRO F 179 -9.45 22.34 -3.28
C PRO F 179 -10.68 22.65 -4.12
N PRO F 180 -11.47 21.64 -4.48
CA PRO F 180 -12.67 21.90 -5.27
C PRO F 180 -13.69 22.71 -4.48
N LYS F 181 -14.60 23.34 -5.23
CA LYS F 181 -15.65 24.19 -4.67
C LYS F 181 -15.07 25.33 -3.83
N ALA F 182 -14.00 25.95 -4.33
CA ALA F 182 -13.36 27.06 -3.63
C ALA F 182 -13.59 28.40 -4.31
N GLY F 183 -13.80 28.43 -5.62
CA GLY F 183 -13.98 29.67 -6.34
C GLY F 183 -12.93 29.88 -7.41
N LYS F 184 -12.41 28.77 -7.95
CA LYS F 184 -11.36 28.86 -8.97
C LYS F 184 -11.90 29.49 -10.24
N THR F 185 -13.18 29.24 -10.57
CA THR F 185 -13.75 29.77 -11.81
C THR F 185 -13.82 31.30 -11.77
N MET F 186 -14.39 31.85 -10.70
CA MET F 186 -14.49 33.30 -10.59
C MET F 186 -13.11 33.95 -10.53
N LEU F 187 -12.17 33.31 -9.83
CA LEU F 187 -10.82 33.86 -9.74
C LEU F 187 -10.15 33.89 -11.10
N LEU F 188 -10.30 32.81 -11.88
CA LEU F 188 -9.71 32.77 -13.21
C LEU F 188 -10.37 33.79 -14.13
N GLN F 189 -11.69 33.95 -14.01
CA GLN F 189 -12.38 34.97 -14.81
C GLN F 189 -11.88 36.36 -14.47
N ASN F 190 -11.71 36.65 -13.18
CA ASN F 190 -11.20 37.96 -12.77
C ASN F 190 -9.78 38.19 -13.27
N ILE F 191 -8.94 37.15 -13.19
CA ILE F 191 -7.57 37.28 -13.68
C ILE F 191 -7.56 37.55 -15.17
N ALA F 192 -8.37 36.82 -15.93
CA ALA F 192 -8.40 37.02 -17.38
C ALA F 192 -8.93 38.40 -17.74
N GLN F 193 -9.97 38.87 -17.04
CA GLN F 193 -10.49 40.20 -17.32
C GLN F 193 -9.47 41.28 -16.97
N SER F 194 -8.77 41.13 -15.85
CA SER F 194 -7.75 42.11 -15.48
C SER F 194 -6.58 42.11 -16.47
N ILE F 195 -6.21 40.93 -16.99
CA ILE F 195 -5.15 40.89 -17.98
C ILE F 195 -5.60 41.55 -19.27
N ALA F 196 -6.84 41.30 -19.70
CA ALA F 196 -7.34 41.89 -20.93
C ALA F 196 -7.53 43.40 -20.79
N TYR F 197 -7.80 43.89 -19.59
CA TYR F 197 -8.03 45.31 -19.37
C TYR F 197 -6.72 46.07 -19.21
N ASN F 198 -5.81 45.57 -18.37
CA ASN F 198 -4.57 46.30 -18.08
C ASN F 198 -3.55 46.14 -19.19
N HIS F 199 -3.38 44.92 -19.72
CA HIS F 199 -2.38 44.62 -20.74
C HIS F 199 -3.07 44.00 -21.96
N PRO F 200 -3.72 44.83 -22.79
CA PRO F 200 -4.38 44.30 -23.99
C PRO F 200 -3.41 43.89 -25.09
N ASP F 201 -2.14 44.29 -25.01
CA ASP F 201 -1.18 43.95 -26.05
C ASP F 201 -0.69 42.51 -25.97
N CYS F 202 -0.79 41.87 -24.80
CA CYS F 202 -0.32 40.50 -24.65
C CYS F 202 -1.32 39.52 -25.26
N VAL F 203 -0.79 38.41 -25.77
CA VAL F 203 -1.61 37.37 -26.37
C VAL F 203 -2.12 36.45 -25.27
N LEU F 204 -3.42 36.52 -24.99
CA LEU F 204 -4.03 35.73 -23.93
C LEU F 204 -4.62 34.45 -24.53
N MET F 205 -4.27 33.31 -23.92
CA MET F 205 -4.77 32.01 -24.36
C MET F 205 -5.23 31.24 -23.14
N VAL F 206 -6.50 30.85 -23.11
CA VAL F 206 -7.09 30.13 -22.00
C VAL F 206 -7.32 28.69 -22.44
N LEU F 207 -6.67 27.75 -21.76
CA LEU F 207 -6.78 26.33 -22.06
C LEU F 207 -7.62 25.65 -20.99
N LEU F 208 -8.72 25.03 -21.41
CA LEU F 208 -9.63 24.32 -20.51
C LEU F 208 -9.79 22.89 -21.02
N ILE F 209 -9.10 21.96 -20.37
CA ILE F 209 -9.10 20.55 -20.76
C ILE F 209 -9.98 19.78 -19.79
N ASP F 210 -10.87 18.95 -20.33
CA ASP F 210 -11.72 18.05 -19.53
C ASP F 210 -12.62 18.85 -18.59
N GLU F 211 -13.39 19.78 -19.15
CA GLU F 211 -14.32 20.60 -18.39
C GLU F 211 -15.71 20.48 -19.01
N ARG F 212 -16.68 21.13 -18.37
CA ARG F 212 -18.06 21.04 -18.82
C ARG F 212 -18.29 21.98 -20.00
N PRO F 213 -19.16 21.59 -20.95
CA PRO F 213 -19.41 22.47 -22.10
C PRO F 213 -20.02 23.81 -21.70
N GLU F 214 -20.87 23.83 -20.66
CA GLU F 214 -21.43 25.10 -20.20
C GLU F 214 -20.34 26.06 -19.72
N GLU F 215 -19.38 25.58 -18.93
CA GLU F 215 -18.27 26.43 -18.52
C GLU F 215 -17.43 26.86 -19.70
N VAL F 216 -17.27 26.00 -20.70
CA VAL F 216 -16.50 26.36 -21.89
C VAL F 216 -17.17 27.52 -22.63
N THR F 217 -18.47 27.39 -22.90
CA THR F 217 -19.16 28.44 -23.65
C THR F 217 -19.34 29.69 -22.79
N GLU F 218 -19.28 29.55 -21.47
CA GLU F 218 -19.29 30.72 -20.60
C GLU F 218 -17.97 31.49 -20.70
N MET F 219 -16.85 30.76 -20.57
CA MET F 219 -15.54 31.41 -20.66
C MET F 219 -15.31 32.00 -22.05
N GLN F 220 -15.83 31.35 -23.09
CA GLN F 220 -15.63 31.84 -24.45
C GLN F 220 -16.35 33.16 -24.69
N ARG F 221 -17.49 33.38 -24.02
CA ARG F 221 -18.28 34.58 -24.19
C ARG F 221 -18.05 35.60 -23.08
N LEU F 222 -17.02 35.41 -22.25
CA LEU F 222 -16.74 36.30 -21.14
C LEU F 222 -15.40 37.00 -21.25
N VAL F 223 -14.35 36.29 -21.62
CA VAL F 223 -13.01 36.86 -21.70
C VAL F 223 -12.79 37.46 -23.08
N LYS F 224 -11.89 38.44 -23.15
CA LYS F 224 -11.56 39.10 -24.42
C LYS F 224 -10.25 38.52 -24.94
N GLY F 225 -10.35 37.34 -25.51
CA GLY F 225 -9.18 36.67 -26.05
C GLY F 225 -9.54 35.37 -26.72
N GLU F 226 -8.52 34.53 -26.91
CA GLU F 226 -8.68 33.23 -27.55
C GLU F 226 -8.96 32.17 -26.49
N VAL F 227 -9.92 31.29 -26.78
CA VAL F 227 -10.31 30.22 -25.86
C VAL F 227 -10.24 28.91 -26.62
N VAL F 228 -9.29 28.06 -26.25
CA VAL F 228 -9.16 26.71 -26.81
C VAL F 228 -9.45 25.72 -25.69
N ALA F 229 -10.52 24.96 -25.83
CA ALA F 229 -10.97 24.05 -24.79
C ALA F 229 -11.30 22.68 -25.37
N SER F 230 -11.39 21.69 -24.48
CA SER F 230 -11.70 20.32 -24.87
C SER F 230 -12.51 19.70 -23.73
N THR F 231 -13.80 19.51 -23.98
CA THR F 231 -14.70 18.98 -22.96
C THR F 231 -14.35 17.54 -22.62
N PHE F 232 -14.96 17.04 -21.54
CA PHE F 232 -14.73 15.67 -21.09
C PHE F 232 -15.26 14.63 -22.05
N ASP F 233 -16.15 15.00 -22.97
CA ASP F 233 -16.69 14.05 -23.94
C ASP F 233 -15.64 13.60 -24.94
N GLU F 234 -14.48 14.22 -24.98
CA GLU F 234 -13.42 13.85 -25.90
C GLU F 234 -12.39 12.97 -25.19
N PRO F 235 -11.75 12.05 -25.92
CA PRO F 235 -10.74 11.19 -25.31
C PRO F 235 -9.49 11.98 -24.93
N ALA F 236 -8.62 11.32 -24.17
CA ALA F 236 -7.39 11.95 -23.71
C ALA F 236 -6.44 12.23 -24.87
N SER F 237 -6.59 11.51 -25.98
CA SER F 237 -5.75 11.77 -27.15
C SER F 237 -5.97 13.18 -27.69
N ARG F 238 -7.23 13.61 -27.76
CA ARG F 238 -7.49 14.98 -28.21
C ARG F 238 -6.96 15.99 -27.20
N HIS F 239 -7.01 15.66 -25.92
CA HIS F 239 -6.43 16.54 -24.90
C HIS F 239 -4.94 16.73 -25.13
N VAL F 240 -4.22 15.62 -25.35
CA VAL F 240 -2.79 15.69 -25.59
C VAL F 240 -2.51 16.48 -26.87
N GLN F 241 -3.30 16.24 -27.92
CA GLN F 241 -3.09 16.94 -29.18
C GLN F 241 -3.30 18.45 -29.03
N VAL F 242 -4.35 18.84 -28.30
CA VAL F 242 -4.63 20.26 -28.09
C VAL F 242 -3.53 20.90 -27.27
N ALA F 243 -3.06 20.21 -26.22
CA ALA F 243 -1.97 20.76 -25.41
C ALA F 243 -0.71 20.94 -26.24
N GLU F 244 -0.38 19.95 -27.08
CA GLU F 244 0.80 20.06 -27.92
C GLU F 244 0.67 21.21 -28.93
N MET F 245 -0.49 21.33 -29.56
CA MET F 245 -0.69 22.42 -30.52
C MET F 245 -0.58 23.78 -29.83
N VAL F 246 -1.18 23.92 -28.65
CA VAL F 246 -1.14 25.19 -27.94
C VAL F 246 0.29 25.54 -27.54
N ILE F 247 1.03 24.58 -27.00
CA ILE F 247 2.40 24.89 -26.56
C ILE F 247 3.30 25.16 -27.76
N GLU F 248 3.08 24.48 -28.89
CA GLU F 248 3.88 24.75 -30.08
C GLU F 248 3.58 26.13 -30.65
N LYS F 249 2.31 26.53 -30.67
CA LYS F 249 1.96 27.86 -31.11
C LYS F 249 2.55 28.92 -30.19
N ALA F 250 2.53 28.66 -28.88
CA ALA F 250 3.12 29.59 -27.92
C ALA F 250 4.62 29.74 -28.16
N LYS F 251 5.31 28.62 -28.40
CA LYS F 251 6.75 28.68 -28.67
C LYS F 251 7.03 29.43 -29.96
N ARG F 252 6.23 29.18 -31.01
CA ARG F 252 6.45 29.88 -32.27
C ARG F 252 6.19 31.37 -32.13
N LEU F 253 5.22 31.76 -31.29
CA LEU F 253 4.97 33.18 -31.06
C LEU F 253 6.10 33.82 -30.26
N VAL F 254 6.58 33.13 -29.23
CA VAL F 254 7.69 33.67 -28.43
C VAL F 254 8.94 33.81 -29.27
N GLU F 255 9.14 32.91 -30.24
CA GLU F 255 10.28 33.01 -31.14
C GLU F 255 10.27 34.30 -31.95
N HIS F 256 9.10 34.92 -32.13
CA HIS F 256 8.98 36.21 -32.82
C HIS F 256 8.86 37.37 -31.84
N LYS F 257 9.37 37.21 -30.62
CA LYS F 257 9.38 38.26 -29.59
C LYS F 257 7.96 38.71 -29.24
N LYS F 258 7.10 37.76 -28.96
CA LYS F 258 5.72 38.04 -28.54
C LYS F 258 5.52 37.63 -27.09
N ASP F 259 4.60 38.32 -26.42
CA ASP F 259 4.27 38.06 -25.02
C ASP F 259 3.05 37.17 -24.97
N VAL F 260 3.27 35.88 -24.73
CA VAL F 260 2.20 34.88 -24.66
C VAL F 260 1.84 34.63 -23.21
N ILE F 261 0.54 34.55 -22.94
CA ILE F 261 0.02 34.27 -21.61
C ILE F 261 -0.92 33.08 -21.71
N ILE F 262 -0.64 32.02 -20.97
CA ILE F 262 -1.43 30.79 -20.99
C ILE F 262 -2.02 30.60 -19.59
N LEU F 263 -3.35 30.61 -19.50
CA LEU F 263 -4.06 30.40 -18.25
C LEU F 263 -4.60 28.98 -18.25
N LEU F 264 -3.80 28.05 -17.72
CA LEU F 264 -4.19 26.65 -17.67
C LEU F 264 -5.04 26.40 -16.42
N ASP F 265 -6.10 25.62 -16.58
CA ASP F 265 -7.00 25.28 -15.49
C ASP F 265 -7.13 23.77 -15.28
N SER F 266 -6.29 22.98 -15.93
CA SER F 266 -6.44 21.53 -15.91
C SER F 266 -5.11 20.79 -15.87
N ILE F 267 -4.09 21.32 -15.19
CA ILE F 267 -2.79 20.67 -15.11
C ILE F 267 -2.95 19.26 -14.56
N THR F 268 -3.82 19.10 -13.56
CA THR F 268 -4.12 17.78 -13.02
C THR F 268 -4.81 16.90 -14.06
N ARG F 269 -5.79 17.47 -14.76
CA ARG F 269 -6.48 16.72 -15.81
C ARG F 269 -5.53 16.39 -16.96
N LEU F 270 -4.62 17.31 -17.28
CA LEU F 270 -3.63 17.03 -18.32
C LEU F 270 -2.69 15.90 -17.91
N ALA F 271 -2.27 15.89 -16.65
CA ALA F 271 -1.42 14.80 -16.16
C ALA F 271 -2.18 13.48 -16.17
N ARG F 272 -3.48 13.50 -15.82
CA ARG F 272 -4.28 12.29 -15.90
C ARG F 272 -4.39 11.79 -17.34
N ALA F 273 -4.58 12.72 -18.29
CA ALA F 273 -4.67 12.33 -19.69
C ALA F 273 -3.35 11.71 -20.16
N TYR F 274 -2.23 12.31 -19.77
CA TYR F 274 -0.93 11.77 -20.17
C TYR F 274 -0.68 10.40 -19.54
N ASN F 275 -1.11 10.22 -18.29
CA ASN F 275 -0.99 8.92 -17.65
C ASN F 275 -1.91 7.88 -18.27
N THR F 276 -3.01 8.33 -18.88
CA THR F 276 -3.91 7.40 -19.55
C THR F 276 -3.41 7.00 -20.93
N VAL F 277 -2.79 7.94 -21.67
CA VAL F 277 -2.35 7.67 -23.03
C VAL F 277 -0.99 6.99 -23.08
N VAL F 278 -0.26 6.91 -21.97
CA VAL F 278 1.06 6.29 -21.97
C VAL F 278 0.89 4.77 -21.91
N PRO F 279 1.63 4.01 -22.72
CA PRO F 279 1.53 2.55 -22.66
C PRO F 279 2.00 2.01 -21.32
N ALA F 280 1.34 0.94 -20.86
CA ALA F 280 1.70 0.33 -19.59
C ALA F 280 3.07 -0.32 -19.68
N SER F 281 3.89 -0.10 -18.65
CA SER F 281 5.24 -0.64 -18.59
C SER F 281 5.40 -1.67 -17.47
N GLY F 282 4.30 -2.11 -16.85
CA GLY F 282 4.38 -3.09 -15.79
C GLY F 282 4.92 -2.57 -14.47
N LYS F 283 5.09 -1.26 -14.33
CA LYS F 283 5.59 -0.65 -13.11
C LYS F 283 4.70 0.52 -12.74
N VAL F 284 4.00 0.42 -11.63
CA VAL F 284 3.07 1.45 -11.16
C VAL F 284 3.56 1.97 -9.82
N LEU F 285 3.64 3.30 -9.69
CA LEU F 285 4.07 3.91 -8.45
C LEU F 285 2.90 4.06 -7.49
N THR F 286 3.18 4.71 -6.36
CA THR F 286 2.15 4.93 -5.35
C THR F 286 1.08 5.89 -5.87
N GLY F 287 -0.17 5.46 -5.81
CA GLY F 287 -1.30 6.26 -6.25
C GLY F 287 -1.77 5.98 -7.66
N GLY F 288 -1.08 5.12 -8.41
CA GLY F 288 -1.49 4.84 -9.77
C GLY F 288 -0.87 5.75 -10.82
N VAL F 289 0.35 6.22 -10.59
CA VAL F 289 1.04 7.11 -11.51
C VAL F 289 2.18 6.35 -12.17
N ASP F 290 2.26 6.44 -13.49
CA ASP F 290 3.35 5.78 -14.22
C ASP F 290 4.64 6.55 -14.02
N ALA F 291 5.77 5.86 -14.16
CA ALA F 291 7.08 6.48 -13.95
C ALA F 291 7.38 7.50 -15.04
N ASN F 292 6.90 7.27 -16.26
CA ASN F 292 7.17 8.16 -17.38
C ASN F 292 5.94 8.94 -17.83
N ALA F 293 4.94 9.05 -16.95
CA ALA F 293 3.71 9.76 -17.31
C ALA F 293 3.81 11.26 -17.03
N LEU F 294 4.56 11.63 -15.99
CA LEU F 294 4.66 13.04 -15.58
C LEU F 294 5.71 13.81 -16.36
N HIS F 295 6.45 13.15 -17.25
CA HIS F 295 7.51 13.83 -18.00
C HIS F 295 6.94 14.85 -18.97
N ARG F 296 5.90 14.47 -19.71
CA ARG F 296 5.28 15.40 -20.66
C ARG F 296 4.64 16.60 -19.98
N PRO F 297 3.84 16.44 -18.91
CA PRO F 297 3.37 17.64 -18.19
C PRO F 297 4.49 18.42 -17.56
N LYS F 298 5.56 17.75 -17.12
CA LYS F 298 6.72 18.47 -16.59
C LYS F 298 7.31 19.40 -17.64
N ARG F 299 7.51 18.90 -18.86
CA ARG F 299 8.04 19.74 -19.93
C ARG F 299 7.05 20.84 -20.32
N PHE F 300 5.75 20.51 -20.38
CA PHE F 300 4.75 21.52 -20.72
C PHE F 300 4.77 22.66 -19.71
N PHE F 301 4.96 22.33 -18.42
CA PHE F 301 5.01 23.37 -17.39
C PHE F 301 6.32 24.16 -17.49
N GLY F 302 7.44 23.45 -17.64
CA GLY F 302 8.73 24.11 -17.71
C GLY F 302 8.98 24.89 -18.98
N ALA F 303 8.10 24.76 -19.98
CA ALA F 303 8.26 25.54 -21.21
C ALA F 303 8.19 27.04 -20.93
N ALA F 304 7.45 27.43 -19.90
CA ALA F 304 7.33 28.83 -19.54
C ALA F 304 8.68 29.39 -19.08
N ARG F 305 9.07 30.52 -19.67
CA ARG F 305 10.34 31.15 -19.36
C ARG F 305 10.33 32.56 -19.92
N ASN F 306 11.20 33.40 -19.36
CA ASN F 306 11.37 34.77 -19.83
C ASN F 306 12.59 34.85 -20.73
N VAL F 307 12.43 35.45 -21.90
CA VAL F 307 13.48 35.53 -22.91
C VAL F 307 14.14 36.90 -22.83
N GLU F 308 15.47 36.92 -22.84
CA GLU F 308 16.21 38.18 -22.81
C GLU F 308 16.19 38.88 -24.17
N GLU F 309 16.25 38.12 -25.25
CA GLU F 309 16.24 38.73 -26.59
C GLU F 309 14.90 39.39 -26.90
N GLY F 310 13.82 38.90 -26.32
CA GLY F 310 12.50 39.47 -26.57
C GLY F 310 11.37 38.50 -26.35
N GLY F 311 10.26 38.99 -25.82
CA GLY F 311 9.11 38.15 -25.58
C GLY F 311 9.19 37.42 -24.25
N SER F 312 8.11 36.72 -23.92
CA SER F 312 8.03 35.96 -22.68
C SER F 312 6.89 34.96 -22.82
N LEU F 313 6.87 33.99 -21.90
CA LEU F 313 5.85 32.95 -21.87
C LEU F 313 5.42 32.73 -20.43
N THR F 314 4.17 33.09 -20.12
CA THR F 314 3.62 32.95 -18.78
C THR F 314 2.59 31.83 -18.76
N ILE F 315 2.73 30.91 -17.81
CA ILE F 315 1.82 29.77 -17.67
C ILE F 315 1.35 29.75 -16.22
N ILE F 316 0.05 29.95 -16.02
CA ILE F 316 -0.56 29.92 -14.69
C ILE F 316 -1.51 28.72 -14.67
N ALA F 317 -1.08 27.65 -14.02
CA ALA F 317 -1.86 26.42 -13.94
C ALA F 317 -2.52 26.31 -12.57
N THR F 318 -3.73 25.78 -12.55
CA THR F 318 -4.49 25.59 -11.32
C THR F 318 -4.50 24.10 -10.97
N ALA F 319 -3.84 23.75 -9.88
CA ALA F 319 -3.75 22.36 -9.44
C ALA F 319 -4.90 22.02 -8.50
N LEU F 320 -5.31 20.76 -8.53
CA LEU F 320 -6.41 20.26 -7.71
C LEU F 320 -5.86 19.42 -6.56
N ILE F 321 -6.35 19.69 -5.35
CA ILE F 321 -5.98 18.96 -4.16
C ILE F 321 -7.24 18.58 -3.40
N ASP F 322 -7.09 17.61 -2.49
CA ASP F 322 -8.19 17.15 -1.63
C ASP F 322 -9.37 16.67 -2.47
N THR F 323 -9.08 16.03 -3.59
CA THR F 323 -10.11 15.52 -4.48
C THR F 323 -10.51 14.08 -4.18
N GLY F 324 -9.94 13.48 -3.13
CA GLY F 324 -10.23 12.11 -2.77
C GLY F 324 -9.43 11.07 -3.53
N SER F 325 -8.64 11.46 -4.52
CA SER F 325 -7.83 10.54 -5.30
C SER F 325 -6.37 10.76 -4.94
N LYS F 326 -5.67 9.66 -4.62
CA LYS F 326 -4.26 9.77 -4.27
C LYS F 326 -3.39 10.14 -5.45
N MET F 327 -3.86 9.84 -6.67
CA MET F 327 -3.09 10.17 -7.88
C MET F 327 -2.93 11.68 -8.01
N ASP F 328 -4.02 12.43 -7.81
CA ASP F 328 -3.94 13.88 -7.86
C ASP F 328 -3.06 14.43 -6.75
N GLU F 329 -3.08 13.81 -5.57
CA GLU F 329 -2.22 14.25 -4.49
C GLU F 329 -0.74 14.04 -4.84
N VAL F 330 -0.42 12.90 -5.45
CA VAL F 330 0.96 12.66 -5.87
C VAL F 330 1.38 13.64 -6.95
N ILE F 331 0.47 13.93 -7.89
CA ILE F 331 0.78 14.89 -8.95
C ILE F 331 1.04 16.28 -8.37
N TYR F 332 0.21 16.69 -7.40
CA TYR F 332 0.41 17.99 -6.77
C TYR F 332 1.71 18.04 -5.98
N GLU F 333 2.00 16.95 -5.26
CA GLU F 333 3.25 16.88 -4.46
C GLU F 333 4.44 17.00 -5.41
N GLU F 334 4.37 16.36 -6.58
CA GLU F 334 5.49 16.38 -7.51
C GLU F 334 5.65 17.74 -8.17
N PHE F 335 4.53 18.38 -8.54
CA PHE F 335 4.59 19.67 -9.20
C PHE F 335 4.80 20.83 -8.23
N LYS F 336 4.72 20.58 -6.92
CA LYS F 336 4.88 21.66 -5.95
C LYS F 336 6.30 22.22 -5.97
N GLY F 337 7.30 21.32 -5.97
CA GLY F 337 8.69 21.75 -5.98
C GLY F 337 9.21 22.20 -7.33
N THR F 338 8.34 22.44 -8.30
CA THR F 338 8.75 22.81 -9.66
C THR F 338 8.56 24.30 -9.94
N GLY F 339 7.39 24.84 -9.68
CA GLY F 339 7.12 26.24 -9.96
C GLY F 339 7.75 27.17 -8.94
N ASN F 340 7.53 28.47 -9.15
CA ASN F 340 8.08 29.47 -8.25
C ASN F 340 7.02 30.43 -7.73
N MET F 341 5.75 30.01 -7.71
CA MET F 341 4.67 30.85 -7.19
C MET F 341 3.51 29.94 -6.82
N GLU F 342 3.05 30.04 -5.57
CA GLU F 342 1.93 29.25 -5.08
C GLU F 342 0.90 30.18 -4.46
N LEU F 343 -0.31 30.14 -4.99
CA LEU F 343 -1.44 30.93 -4.48
C LEU F 343 -2.47 29.97 -3.94
N HIS F 344 -2.39 29.69 -2.64
CA HIS F 344 -3.27 28.71 -2.02
C HIS F 344 -4.60 29.34 -1.66
N LEU F 345 -5.68 28.56 -1.81
CA LEU F 345 -7.02 28.97 -1.43
C LEU F 345 -7.54 28.03 -0.35
N SER F 346 -8.21 28.61 0.64
CA SER F 346 -8.68 27.85 1.81
C SER F 346 -10.15 27.51 1.64
N ARG F 347 -10.48 26.22 1.83
CA ARG F 347 -11.87 25.80 1.76
C ARG F 347 -12.67 26.30 2.97
N LYS F 348 -12.01 26.40 4.12
CA LYS F 348 -12.70 26.87 5.33
C LYS F 348 -13.17 28.32 5.15
N ILE F 349 -12.38 29.14 4.48
CA ILE F 349 -12.79 30.52 4.23
C ILE F 349 -13.88 30.58 3.17
N ALA F 350 -13.84 29.67 2.19
CA ALA F 350 -14.87 29.65 1.15
C ALA F 350 -16.20 29.20 1.71
N GLU F 351 -16.19 28.31 2.70
CA GLU F 351 -17.43 27.88 3.33
C GLU F 351 -18.12 29.01 4.08
N LYS F 352 -17.38 29.99 4.56
CA LYS F 352 -17.94 31.15 5.25
C LYS F 352 -18.43 32.22 4.28
N ARG F 353 -18.41 31.94 2.97
CA ARG F 353 -18.85 32.87 1.93
C ARG F 353 -18.08 34.18 2.01
N VAL F 354 -16.77 34.08 2.24
CA VAL F 354 -15.87 35.23 2.28
C VAL F 354 -15.03 35.19 1.01
N PHE F 355 -15.44 35.95 0.01
CA PHE F 355 -14.75 35.99 -1.27
C PHE F 355 -13.90 37.25 -1.38
N PRO F 356 -12.64 37.14 -1.83
CA PRO F 356 -12.00 35.88 -2.20
C PRO F 356 -11.45 35.10 -1.00
N ALA F 357 -11.43 33.78 -1.12
CA ALA F 357 -10.91 32.90 -0.06
C ALA F 357 -9.47 32.53 -0.41
N ILE F 358 -8.56 33.46 -0.14
CA ILE F 358 -7.15 33.31 -0.48
C ILE F 358 -6.36 33.09 0.81
N ASP F 359 -5.48 32.09 0.81
CA ASP F 359 -4.59 31.83 1.94
C ASP F 359 -3.39 32.76 1.80
N TYR F 360 -3.45 33.91 2.47
CA TYR F 360 -2.38 34.90 2.35
C TYR F 360 -1.09 34.43 2.99
N ASN F 361 -1.20 33.56 4.00
CA ASN F 361 -0.01 33.13 4.73
C ASN F 361 0.90 32.28 3.85
N ARG F 362 0.35 31.25 3.20
CA ARG F 362 1.17 30.34 2.40
C ARG F 362 1.47 30.89 1.02
N SER F 363 0.84 31.99 0.61
CA SER F 363 1.12 32.59 -0.68
C SER F 363 2.45 33.34 -0.64
N GLY F 364 2.94 33.71 -1.81
CA GLY F 364 4.19 34.42 -1.93
C GLY F 364 4.81 34.23 -3.29
N THR F 365 5.83 35.04 -3.56
CA THR F 365 6.56 35.01 -4.81
C THR F 365 8.05 35.13 -4.53
N ARG F 366 8.84 34.28 -5.18
CA ARG F 366 10.29 34.33 -5.05
C ARG F 366 10.86 35.43 -5.94
N LYS F 367 11.91 36.08 -5.44
CA LYS F 367 12.56 37.19 -6.15
C LYS F 367 11.55 38.31 -6.44
N GLU F 368 10.71 38.61 -5.45
CA GLU F 368 9.69 39.64 -5.61
C GLU F 368 10.28 41.04 -5.69
N GLU F 369 11.54 41.22 -5.26
CA GLU F 369 12.16 42.53 -5.32
C GLU F 369 12.44 43.00 -6.74
N LEU F 370 12.42 42.08 -7.72
CA LEU F 370 12.63 42.43 -9.11
C LEU F 370 11.40 42.99 -9.79
N LEU F 371 10.23 42.94 -9.12
CA LEU F 371 8.99 43.45 -9.69
C LEU F 371 8.39 44.59 -8.87
N THR F 372 8.94 44.89 -7.70
CA THR F 372 8.41 45.94 -6.84
C THR F 372 9.55 46.85 -6.40
N THR F 373 9.20 48.07 -6.02
CA THR F 373 10.19 49.03 -5.55
C THR F 373 10.60 48.72 -4.11
N GLN F 374 11.54 49.51 -3.60
CA GLN F 374 12.03 49.29 -2.25
C GLN F 374 10.95 49.59 -1.21
N GLU F 375 10.30 50.75 -1.33
CA GLU F 375 9.26 51.11 -0.36
C GLU F 375 8.06 50.19 -0.46
N GLU F 376 7.70 49.77 -1.68
CA GLU F 376 6.60 48.84 -1.86
C GLU F 376 6.92 47.49 -1.22
N LEU F 377 8.15 47.01 -1.42
CA LEU F 377 8.56 45.75 -0.81
C LEU F 377 8.57 45.85 0.71
N GLN F 378 9.02 46.99 1.25
CA GLN F 378 9.02 47.17 2.70
C GLN F 378 7.60 47.19 3.26
N LYS F 379 6.69 47.88 2.55
CA LYS F 379 5.29 47.91 2.99
C LYS F 379 4.66 46.52 2.92
N MET F 380 4.96 45.75 1.88
CA MET F 380 4.44 44.38 1.79
C MET F 380 5.00 43.51 2.91
N TRP F 381 6.29 43.69 3.24
CA TRP F 381 6.87 42.93 4.33
C TRP F 381 6.21 43.28 5.67
N ILE F 382 5.95 44.57 5.90
CA ILE F 382 5.29 44.98 7.13
C ILE F 382 3.87 44.44 7.18
N LEU F 383 3.16 44.46 6.05
CA LEU F 383 1.80 43.92 6.02
C LEU F 383 1.80 42.42 6.28
N ARG F 384 2.78 41.70 5.76
CA ARG F 384 2.87 40.27 6.02
C ARG F 384 3.20 39.99 7.47
N LYS F 385 4.09 40.79 8.07
CA LYS F 385 4.43 40.59 9.47
C LYS F 385 3.28 40.94 10.39
N ILE F 386 2.39 41.85 9.96
CA ILE F 386 1.21 42.17 10.77
C ILE F 386 0.13 41.10 10.58
N ILE F 387 -0.01 40.57 9.38
CA ILE F 387 -1.06 39.60 9.08
C ILE F 387 -0.73 38.23 9.65
N HIS F 388 0.55 37.85 9.67
CA HIS F 388 0.97 36.51 10.06
C HIS F 388 0.44 36.07 11.43
N PRO F 389 0.48 36.88 12.49
CA PRO F 389 -0.03 36.40 13.78
C PRO F 389 -1.52 36.09 13.77
N MET F 390 -2.32 36.87 13.04
CA MET F 390 -3.76 36.67 13.02
C MET F 390 -4.12 35.39 12.25
N GLY F 391 -5.29 34.85 12.55
CA GLY F 391 -5.77 33.68 11.87
C GLY F 391 -6.16 33.98 10.43
N GLU F 392 -6.37 32.90 9.66
CA GLU F 392 -6.66 33.05 8.24
C GLU F 392 -7.94 33.83 8.00
N ILE F 393 -9.04 33.39 8.63
CA ILE F 393 -10.32 34.07 8.45
C ILE F 393 -10.27 35.49 9.00
N ASP F 394 -9.65 35.66 10.17
CA ASP F 394 -9.53 36.99 10.75
C ASP F 394 -8.67 37.91 9.88
N ALA F 395 -7.57 37.39 9.34
CA ALA F 395 -6.72 38.20 8.47
C ALA F 395 -7.46 38.59 7.20
N MET F 396 -8.23 37.66 6.64
CA MET F 396 -8.99 37.97 5.43
C MET F 396 -10.05 39.03 5.70
N GLU F 397 -10.76 38.90 6.82
CA GLU F 397 -11.75 39.91 7.18
C GLU F 397 -11.11 41.28 7.39
N PHE F 398 -9.96 41.30 8.08
CA PHE F 398 -9.25 42.55 8.30
C PHE F 398 -8.83 43.19 6.97
N LEU F 399 -8.26 42.37 6.07
CA LEU F 399 -7.83 42.89 4.78
C LEU F 399 -9.00 43.42 3.97
N ILE F 400 -10.13 42.71 3.97
CA ILE F 400 -11.29 43.16 3.22
C ILE F 400 -11.82 44.47 3.80
N ASN F 401 -11.92 44.55 5.13
CA ASN F 401 -12.45 45.77 5.75
C ASN F 401 -11.52 46.95 5.55
N LYS F 402 -10.21 46.70 5.44
CA LYS F 402 -9.28 47.80 5.24
C LYS F 402 -9.18 48.20 3.77
N LEU F 403 -9.40 47.27 2.85
CA LEU F 403 -9.37 47.63 1.43
C LEU F 403 -10.69 48.23 0.97
N ALA F 404 -11.79 47.96 1.68
CA ALA F 404 -13.06 48.57 1.32
C ALA F 404 -13.11 50.06 1.65
N MET F 405 -12.24 50.53 2.53
CA MET F 405 -12.26 51.94 2.91
C MET F 405 -11.71 52.84 1.81
N THR F 406 -10.73 52.37 1.06
CA THR F 406 -10.08 53.16 0.02
C THR F 406 -10.18 52.45 -1.32
N LYS F 407 -9.69 53.13 -2.36
CA LYS F 407 -9.70 52.58 -3.71
C LYS F 407 -8.35 51.98 -4.11
N THR F 408 -7.25 52.62 -3.71
CA THR F 408 -5.92 52.15 -4.05
C THR F 408 -5.21 51.62 -2.81
N ASN F 409 -4.29 50.67 -3.03
CA ASN F 409 -3.56 50.09 -1.92
C ASN F 409 -2.52 51.03 -1.36
N ASP F 410 -2.13 52.05 -2.12
CA ASP F 410 -1.17 53.04 -1.63
C ASP F 410 -1.73 53.80 -0.43
N ASP F 411 -3.00 54.18 -0.49
CA ASP F 411 -3.63 54.84 0.64
C ASP F 411 -3.70 53.94 1.86
N PHE F 412 -3.97 52.66 1.66
CA PHE F 412 -3.98 51.71 2.78
C PHE F 412 -2.59 51.60 3.40
N PHE F 413 -1.55 51.49 2.57
CA PHE F 413 -0.19 51.42 3.09
C PHE F 413 0.20 52.69 3.83
N GLU F 414 -0.24 53.85 3.32
CA GLU F 414 0.07 55.11 3.99
C GLU F 414 -0.68 55.23 5.31
N MET F 415 -1.89 54.70 5.39
CA MET F 415 -2.65 54.77 6.64
C MET F 415 -2.18 53.73 7.66
N MET F 416 -1.54 52.65 7.20
CA MET F 416 -1.03 51.66 8.14
C MET F 416 0.10 52.22 8.99
N LYS F 417 0.92 53.10 8.42
CA LYS F 417 2.02 53.71 9.17
C LYS F 417 1.51 54.77 10.13
N MET G 1 17.12 -56.15 24.15
CA MET G 1 17.63 -55.43 22.98
C MET G 1 16.63 -54.40 22.48
N ASN G 2 16.70 -53.20 23.04
CA ASN G 2 15.82 -52.09 22.67
C ASN G 2 16.63 -50.94 22.10
N LEU G 3 16.03 -50.21 21.16
CA LEU G 3 16.74 -49.11 20.50
C LEU G 3 16.97 -47.96 21.47
N THR G 4 15.92 -47.57 22.22
CA THR G 4 16.04 -46.46 23.14
C THR G 4 17.04 -46.76 24.26
N GLU G 5 17.13 -48.01 24.69
CA GLU G 5 18.09 -48.37 25.73
C GLU G 5 19.52 -48.16 25.25
N LEU G 6 19.81 -48.52 23.99
CA LEU G 6 21.14 -48.30 23.45
C LEU G 6 21.37 -46.82 23.14
N LYS G 7 20.30 -46.07 22.84
CA LYS G 7 20.44 -44.64 22.62
C LYS G 7 20.72 -43.88 23.92
N ASN G 8 20.22 -44.37 25.05
CA ASN G 8 20.46 -43.70 26.32
C ASN G 8 21.84 -44.02 26.89
N THR G 9 22.46 -45.10 26.45
CA THR G 9 23.78 -45.46 26.95
C THR G 9 24.82 -44.44 26.47
N PRO G 10 25.87 -44.21 27.26
CA PRO G 10 26.90 -43.25 26.84
C PRO G 10 27.77 -43.80 25.73
N VAL G 11 28.64 -42.94 25.22
CA VAL G 11 29.48 -43.30 24.08
C VAL G 11 30.59 -44.26 24.52
N SER G 12 31.16 -44.04 25.72
CA SER G 12 32.28 -44.83 26.17
C SER G 12 31.89 -46.30 26.37
N GLU G 13 30.75 -46.54 27.01
CA GLU G 13 30.31 -47.90 27.23
C GLU G 13 29.97 -48.60 25.92
N LEU G 14 29.38 -47.87 24.96
CA LEU G 14 29.10 -48.48 23.66
C LEU G 14 30.38 -48.82 22.91
N ILE G 15 31.38 -47.95 22.98
CA ILE G 15 32.67 -48.24 22.36
C ILE G 15 33.31 -49.47 23.00
N THR G 16 33.24 -49.56 24.33
CA THR G 16 33.80 -50.71 25.03
C THR G 16 33.09 -52.00 24.64
N LEU G 17 31.75 -51.95 24.57
CA LEU G 17 30.99 -53.13 24.19
C LEU G 17 31.31 -53.55 22.76
N GLY G 18 31.41 -52.59 21.85
CA GLY G 18 31.76 -52.91 20.48
C GLY G 18 33.15 -53.49 20.34
N GLU G 19 34.11 -52.98 21.11
CA GLU G 19 35.45 -53.55 21.07
C GLU G 19 35.47 -54.95 21.66
N ASN G 20 34.65 -55.21 22.69
CA ASN G 20 34.54 -56.56 23.23
C ASN G 20 33.88 -57.51 22.26
N MET G 21 32.94 -57.02 21.44
CA MET G 21 32.29 -57.88 20.46
C MET G 21 33.21 -58.25 19.30
N GLY G 22 34.33 -57.54 19.17
CA GLY G 22 35.28 -57.85 18.12
C GLY G 22 34.88 -57.34 16.75
N LEU G 23 34.79 -56.01 16.62
CA LEU G 23 34.42 -55.37 15.35
C LEU G 23 35.50 -54.34 15.00
N GLU G 24 35.22 -53.56 13.97
CA GLU G 24 36.14 -52.52 13.55
C GLU G 24 36.24 -51.44 14.63
N ASN G 25 37.35 -50.70 14.62
CA ASN G 25 37.61 -49.65 15.59
C ASN G 25 36.45 -48.66 15.67
N LEU G 26 35.83 -48.58 16.83
CA LEU G 26 34.66 -47.74 17.04
C LEU G 26 34.99 -46.37 17.61
N ALA G 27 36.26 -46.12 17.95
CA ALA G 27 36.64 -44.81 18.47
C ALA G 27 36.42 -43.72 17.42
N ARG G 28 36.83 -43.99 16.18
CA ARG G 28 36.60 -43.07 15.06
C ARG G 28 35.30 -43.43 14.33
N MET G 29 34.20 -43.53 15.06
CA MET G 29 32.92 -43.90 14.49
C MET G 29 31.81 -43.14 15.22
N ARG G 30 30.71 -42.90 14.51
CA ARG G 30 29.55 -42.25 15.10
C ARG G 30 28.83 -43.20 16.04
N LYS G 31 28.14 -42.62 17.03
CA LYS G 31 27.39 -43.42 17.99
C LYS G 31 26.30 -44.22 17.32
N GLN G 32 25.63 -43.62 16.33
CA GLN G 32 24.59 -44.35 15.60
C GLN G 32 25.17 -45.52 14.82
N ASP G 33 26.33 -45.32 14.19
CA ASP G 33 26.99 -46.41 13.49
C ASP G 33 27.44 -47.49 14.46
N ILE G 34 27.89 -47.10 15.65
CA ILE G 34 28.27 -48.07 16.68
C ILE G 34 27.08 -48.92 17.07
N ILE G 35 25.93 -48.27 17.30
CA ILE G 35 24.72 -49.01 17.68
C ILE G 35 24.29 -49.93 16.55
N PHE G 36 24.40 -49.45 15.30
CA PHE G 36 24.03 -50.26 14.15
C PHE G 36 24.91 -51.51 14.05
N ALA G 37 26.22 -51.34 14.23
CA ALA G 37 27.13 -52.48 14.17
C ALA G 37 26.89 -53.44 15.31
N ILE G 38 26.59 -52.93 16.51
CA ILE G 38 26.30 -53.79 17.65
C ILE G 38 25.03 -54.60 17.40
N LEU G 39 24.00 -53.95 16.82
CA LEU G 39 22.77 -54.67 16.51
C LEU G 39 23.02 -55.73 15.45
N LYS G 40 23.82 -55.42 14.44
CA LYS G 40 24.16 -56.41 13.42
C LYS G 40 24.86 -57.61 14.04
N GLN G 41 25.88 -57.35 14.87
CA GLN G 41 26.64 -58.44 15.48
C GLN G 41 25.78 -59.26 16.42
N HIS G 42 24.83 -58.61 17.11
CA HIS G 42 23.97 -59.35 18.04
C HIS G 42 22.92 -60.17 17.29
N ALA G 43 22.47 -59.68 16.12
CA ALA G 43 21.53 -60.45 15.32
C ALA G 43 22.20 -61.57 14.53
N LYS G 44 23.50 -61.47 14.28
CA LYS G 44 24.21 -62.57 13.63
C LYS G 44 24.25 -63.80 14.53
N SER G 45 24.13 -63.62 15.85
CA SER G 45 24.10 -64.75 16.77
C SER G 45 22.74 -65.42 16.85
N GLY G 46 21.71 -64.82 16.25
CA GLY G 46 20.38 -65.40 16.25
C GLY G 46 19.39 -64.76 17.21
N GLU G 47 19.83 -63.83 18.05
CA GLU G 47 18.93 -63.20 18.99
C GLU G 47 18.01 -62.20 18.29
N ASP G 48 16.93 -61.85 18.97
CA ASP G 48 15.95 -60.91 18.42
C ASP G 48 16.27 -59.49 18.83
N ILE G 49 15.84 -58.54 18.00
CA ILE G 49 16.02 -57.12 18.25
C ILE G 49 14.66 -56.44 18.25
N PHE G 50 14.47 -55.53 19.21
CA PHE G 50 13.21 -54.82 19.36
C PHE G 50 13.45 -53.32 19.22
N GLY G 51 12.42 -52.62 18.72
CA GLY G 51 12.49 -51.19 18.53
C GLY G 51 11.11 -50.56 18.71
N ASP G 52 11.08 -49.25 18.62
CA ASP G 52 9.84 -48.50 18.79
C ASP G 52 10.01 -47.12 18.14
N GLY G 53 8.89 -46.41 18.02
CA GLY G 53 8.90 -45.09 17.43
C GLY G 53 7.54 -44.72 16.92
N VAL G 54 7.43 -43.44 16.52
CA VAL G 54 6.20 -42.90 15.98
C VAL G 54 6.18 -43.10 14.48
N LEU G 55 5.04 -43.57 13.96
CA LEU G 55 4.92 -43.88 12.55
C LEU G 55 4.72 -42.62 11.72
N GLU G 56 5.41 -42.54 10.58
CA GLU G 56 5.29 -41.44 9.64
C GLU G 56 5.06 -42.04 8.26
N ILE G 57 3.78 -42.18 7.87
CA ILE G 57 3.46 -42.77 6.59
C ILE G 57 3.78 -41.78 5.47
N LEU G 58 4.56 -42.25 4.50
CA LEU G 58 4.94 -41.41 3.37
C LEU G 58 3.81 -41.38 2.34
N GLN G 59 3.99 -40.53 1.33
CA GLN G 59 2.97 -40.38 0.29
C GLN G 59 2.90 -41.61 -0.61
N ASP G 60 4.01 -42.33 -0.78
CA ASP G 60 4.00 -43.50 -1.65
C ASP G 60 3.22 -44.65 -1.03
N GLY G 61 3.30 -44.83 0.28
CA GLY G 61 2.58 -45.88 0.94
C GLY G 61 3.34 -46.53 2.08
N PHE G 62 4.66 -46.39 2.09
CA PHE G 62 5.50 -46.94 3.14
C PHE G 62 5.66 -45.90 4.25
N GLY G 63 6.51 -46.20 5.23
CA GLY G 63 6.71 -45.27 6.34
C GLY G 63 7.90 -45.68 7.17
N PHE G 64 8.21 -44.82 8.14
CA PHE G 64 9.31 -45.05 9.06
C PHE G 64 8.85 -44.79 10.49
N LEU G 65 9.68 -45.20 11.45
CA LEU G 65 9.42 -45.01 12.87
C LEU G 65 10.41 -43.97 13.38
N ARG G 66 9.97 -42.71 13.43
CA ARG G 66 10.83 -41.64 13.91
C ARG G 66 11.07 -41.76 15.41
N SER G 67 12.15 -41.11 15.87
CA SER G 67 12.53 -41.12 17.27
C SER G 67 12.28 -39.74 17.87
N ALA G 68 11.97 -39.74 19.17
CA ALA G 68 11.63 -38.48 19.85
C ALA G 68 12.88 -37.71 20.27
N ASP G 69 14.00 -38.39 20.51
CA ASP G 69 15.21 -37.71 20.93
C ASP G 69 15.84 -36.89 19.82
N SER G 70 15.47 -37.14 18.56
CA SER G 70 16.01 -36.42 17.42
C SER G 70 14.99 -35.45 16.82
N SER G 71 13.93 -35.15 17.55
CA SER G 71 12.88 -34.22 17.09
C SER G 71 12.26 -34.70 15.77
N TYR G 72 12.07 -36.02 15.67
CA TYR G 72 11.45 -36.65 14.51
C TYR G 72 12.19 -36.30 13.21
N LEU G 73 13.51 -36.35 13.29
CA LEU G 73 14.36 -36.10 12.12
C LEU G 73 14.69 -37.42 11.42
N ALA G 74 14.85 -37.34 10.11
CA ALA G 74 15.17 -38.51 9.31
C ALA G 74 16.53 -39.09 9.70
N GLY G 75 16.52 -40.27 10.30
CA GLY G 75 17.75 -40.91 10.74
C GLY G 75 18.01 -42.21 10.02
N PRO G 76 19.28 -42.65 10.02
CA PRO G 76 19.60 -43.93 9.38
C PRO G 76 19.03 -45.12 10.11
N ASP G 77 18.73 -45.00 11.41
CA ASP G 77 18.23 -46.10 12.22
C ASP G 77 16.71 -46.15 12.25
N ASP G 78 16.05 -45.56 11.26
CA ASP G 78 14.59 -45.62 11.19
C ASP G 78 14.14 -47.02 10.76
N ILE G 79 13.04 -47.48 11.35
CA ILE G 79 12.52 -48.80 11.07
C ILE G 79 11.55 -48.71 9.90
N TYR G 80 11.84 -49.43 8.83
CA TYR G 80 10.96 -49.44 7.66
C TYR G 80 9.68 -50.21 7.97
N VAL G 81 8.55 -49.65 7.53
CA VAL G 81 7.24 -50.25 7.72
C VAL G 81 6.63 -50.47 6.34
N SER G 82 6.46 -51.73 5.98
CA SER G 82 5.91 -52.05 4.66
C SER G 82 4.44 -51.63 4.58
N PRO G 83 3.97 -51.26 3.39
CA PRO G 83 2.56 -50.88 3.26
C PRO G 83 1.61 -52.06 3.46
N SER G 84 2.09 -53.28 3.29
CA SER G 84 1.26 -54.45 3.52
C SER G 84 0.80 -54.52 4.97
N GLN G 85 1.73 -54.33 5.91
CA GLN G 85 1.36 -54.32 7.32
C GLN G 85 0.47 -53.13 7.65
N ILE G 86 0.70 -51.99 7.00
CA ILE G 86 -0.14 -50.82 7.21
C ILE G 86 -1.59 -51.11 6.81
N ARG G 87 -1.73 -51.80 5.68
CA ARG G 87 -3.06 -52.18 5.11
C ARG G 87 -3.68 -53.31 5.94
N ARG G 88 -2.85 -54.11 6.62
CA ARG G 88 -3.31 -55.27 7.43
C ARG G 88 -3.77 -54.83 8.83
N PHE G 89 -3.14 -53.79 9.39
CA PHE G 89 -3.48 -53.31 10.72
C PHE G 89 -4.11 -51.92 10.72
N ASN G 90 -4.36 -51.34 9.55
CA ASN G 90 -4.96 -50.01 9.43
C ASN G 90 -4.17 -48.97 10.21
N LEU G 91 -2.87 -48.95 9.97
CA LEU G 91 -2.00 -47.99 10.66
C LEU G 91 -2.08 -46.63 9.99
N ARG G 92 -1.91 -45.59 10.81
CA ARG G 92 -1.93 -44.21 10.32
C ARG G 92 -0.78 -43.45 10.97
N THR G 93 -0.53 -42.26 10.44
CA THR G 93 0.54 -41.42 10.95
C THR G 93 0.27 -41.02 12.39
N GLY G 94 1.19 -41.37 13.29
CA GLY G 94 1.08 -41.07 14.70
C GLY G 94 0.95 -42.28 15.59
N ASP G 95 0.62 -43.44 15.04
CA ASP G 95 0.46 -44.66 15.83
C ASP G 95 1.80 -45.12 16.36
N THR G 96 1.91 -45.25 17.68
CA THR G 96 3.12 -45.76 18.30
C THR G 96 3.20 -47.26 18.11
N ILE G 97 4.26 -47.73 17.45
CA ILE G 97 4.44 -49.13 17.13
C ILE G 97 5.70 -49.64 17.82
N SER G 98 5.58 -50.78 18.49
CA SER G 98 6.70 -51.41 19.19
C SER G 98 6.67 -52.89 18.88
N GLY G 99 7.68 -53.38 18.14
CA GLY G 99 7.73 -54.78 17.77
C GLY G 99 9.14 -55.20 17.43
N LYS G 100 9.26 -56.48 17.08
CA LYS G 100 10.56 -57.04 16.71
C LYS G 100 11.04 -56.46 15.39
N ILE G 101 12.34 -56.18 15.31
CA ILE G 101 12.96 -55.63 14.11
C ILE G 101 14.16 -56.50 13.75
N ARG G 102 14.64 -56.33 12.52
CA ARG G 102 15.79 -57.06 12.01
C ARG G 102 16.69 -56.10 11.25
N PRO G 103 18.00 -56.32 11.30
CA PRO G 103 18.93 -55.47 10.54
C PRO G 103 18.70 -55.60 9.05
N PRO G 104 19.07 -54.58 8.27
CA PRO G 104 18.85 -54.65 6.83
C PRO G 104 19.79 -55.65 6.17
N LYS G 105 19.24 -56.42 5.23
CA LYS G 105 20.01 -57.41 4.49
C LYS G 105 20.79 -56.73 3.37
N GLU G 106 21.36 -57.53 2.48
CA GLU G 106 22.11 -56.98 1.34
C GLU G 106 21.16 -56.28 0.39
N GLY G 107 21.39 -54.99 0.15
CA GLY G 107 20.53 -54.20 -0.68
C GLY G 107 19.47 -53.39 0.05
N GLU G 108 19.47 -53.44 1.38
CA GLU G 108 18.53 -52.67 2.20
C GLU G 108 19.31 -51.67 3.05
N ARG G 109 18.60 -50.64 3.50
CA ARG G 109 19.21 -49.56 4.26
C ARG G 109 18.53 -49.28 5.59
N TYR G 110 17.42 -49.94 5.90
CA TYR G 110 16.68 -49.67 7.13
C TYR G 110 16.16 -50.97 7.72
N PHE G 111 15.89 -50.93 9.02
CA PHE G 111 15.37 -52.10 9.72
C PHE G 111 13.95 -52.41 9.27
N ALA G 112 13.62 -53.69 9.20
CA ALA G 112 12.29 -54.13 8.81
C ALA G 112 11.50 -54.58 10.03
N LEU G 113 10.17 -54.48 9.93
CA LEU G 113 9.27 -54.85 11.00
C LEU G 113 8.65 -56.21 10.69
N LEU G 114 8.84 -57.17 11.59
CA LEU G 114 8.29 -58.52 11.41
C LEU G 114 6.94 -58.68 12.10
N LYS G 115 6.89 -58.45 13.41
CA LYS G 115 5.67 -58.63 14.18
C LYS G 115 5.51 -57.46 15.15
N VAL G 116 4.33 -56.85 15.14
CA VAL G 116 4.02 -55.73 16.02
C VAL G 116 3.48 -56.28 17.33
N ASN G 117 4.05 -55.81 18.46
CA ASN G 117 3.68 -56.30 19.76
C ASN G 117 2.71 -55.38 20.51
N GLU G 118 2.91 -54.08 20.40
CA GLU G 118 2.10 -53.11 21.14
C GLU G 118 1.82 -51.90 20.26
N VAL G 119 0.56 -51.49 20.22
CA VAL G 119 0.12 -50.35 19.41
C VAL G 119 -0.41 -49.27 20.35
N ASN G 120 0.16 -48.07 20.27
CA ASN G 120 -0.27 -46.92 21.07
C ASN G 120 -0.23 -47.26 22.56
N PHE G 121 0.79 -47.99 22.98
CA PHE G 121 0.95 -48.41 24.38
C PHE G 121 -0.26 -49.19 24.86
N ASP G 122 -0.82 -50.01 23.97
CA ASP G 122 -2.01 -50.80 24.28
C ASP G 122 -2.05 -52.01 23.35
N LYS G 123 -2.99 -52.90 23.63
CA LYS G 123 -3.13 -54.11 22.81
C LYS G 123 -3.67 -53.74 21.43
N PRO G 124 -3.24 -54.43 20.37
CA PRO G 124 -3.79 -54.16 19.04
C PRO G 124 -5.28 -54.46 18.94
N GLU G 125 -5.80 -55.35 19.79
CA GLU G 125 -7.23 -55.66 19.77
C GLU G 125 -8.06 -54.48 20.23
N ASN G 126 -7.47 -53.59 21.04
CA ASN G 126 -8.18 -52.38 21.46
C ASN G 126 -7.98 -51.24 20.48
N ALA G 127 -6.94 -51.29 19.64
CA ALA G 127 -6.68 -50.25 18.66
C ALA G 127 -7.37 -50.51 17.33
N ARG G 128 -7.65 -51.77 17.01
CA ARG G 128 -8.34 -52.09 15.76
C ARG G 128 -9.75 -51.52 15.75
N ASN G 129 -10.39 -51.46 16.91
CA ASN G 129 -11.73 -50.90 17.05
C ASN G 129 -11.62 -49.60 17.84
N LYS G 130 -11.74 -48.47 17.13
CA LYS G 130 -11.60 -47.17 17.77
C LYS G 130 -12.35 -46.14 16.94
N ILE G 131 -12.70 -45.04 17.59
CA ILE G 131 -13.41 -43.93 16.97
C ILE G 131 -12.40 -42.87 16.56
N LEU G 132 -12.53 -42.37 15.33
CA LEU G 132 -11.60 -41.37 14.82
C LEU G 132 -11.75 -40.07 15.60
N PHE G 133 -10.68 -39.25 15.54
CA PHE G 133 -10.70 -37.97 16.25
C PHE G 133 -11.67 -36.99 15.62
N GLU G 134 -11.91 -37.10 14.31
CA GLU G 134 -12.83 -36.20 13.62
C GLU G 134 -14.29 -36.45 13.98
N ASN G 135 -14.60 -37.56 14.64
CA ASN G 135 -15.97 -37.89 15.00
C ASN G 135 -16.29 -37.63 16.46
N LEU G 136 -15.29 -37.31 17.28
CA LEU G 136 -15.53 -37.05 18.70
C LEU G 136 -16.31 -35.76 18.90
N THR G 137 -17.25 -35.78 19.83
CA THR G 137 -18.10 -34.62 20.08
C THR G 137 -17.35 -33.59 20.91
N PRO G 138 -17.13 -32.38 20.41
CA PRO G 138 -16.42 -31.36 21.19
C PRO G 138 -17.28 -30.86 22.35
N LEU G 139 -16.61 -30.29 23.34
CA LEU G 139 -17.27 -29.71 24.50
C LEU G 139 -16.39 -28.60 25.07
N HIS G 140 -16.97 -27.83 25.98
CA HIS G 140 -16.23 -26.77 26.64
C HIS G 140 -15.36 -27.35 27.77
N ALA G 141 -14.47 -26.51 28.30
CA ALA G 141 -13.61 -26.93 29.39
C ALA G 141 -14.44 -27.20 30.63
N ASN G 142 -14.42 -28.47 31.09
CA ASN G 142 -15.17 -28.89 32.26
C ASN G 142 -14.26 -29.09 33.47
N SER G 143 -13.21 -29.89 33.33
CA SER G 143 -12.30 -30.14 34.44
C SER G 143 -11.38 -28.93 34.65
N ARG G 144 -11.14 -28.60 35.91
CA ARG G 144 -10.31 -27.46 36.26
C ARG G 144 -8.85 -27.90 36.39
N LEU G 145 -7.98 -27.26 35.62
CA LEU G 145 -6.53 -27.51 35.70
C LEU G 145 -5.90 -26.35 36.47
N ARG G 146 -5.92 -26.47 37.79
CA ARG G 146 -5.38 -25.42 38.64
C ARG G 146 -3.88 -25.34 38.51
N MET G 147 -3.36 -24.12 38.37
CA MET G 147 -1.94 -23.89 38.15
C MET G 147 -1.21 -23.45 39.43
N GLU G 148 -1.93 -23.23 40.52
CA GLU G 148 -1.32 -22.76 41.76
C GLU G 148 -0.50 -23.88 42.39
N ARG G 149 0.74 -23.57 42.75
CA ARG G 149 1.60 -24.54 43.40
C ARG G 149 1.08 -24.93 44.78
N GLY G 150 0.91 -23.94 45.65
CA GLY G 150 0.47 -24.16 47.01
C GLY G 150 1.58 -24.33 48.02
N ASN G 151 2.84 -24.34 47.58
CA ASN G 151 3.98 -24.50 48.48
C ASN G 151 4.44 -23.17 49.08
N GLY G 152 3.78 -22.06 48.75
CA GLY G 152 4.18 -20.77 49.29
C GLY G 152 5.48 -20.23 48.76
N SER G 153 5.90 -20.68 47.58
CA SER G 153 7.15 -20.20 46.98
C SER G 153 6.97 -18.82 46.38
N THR G 154 8.08 -18.10 46.23
CA THR G 154 8.02 -16.77 45.65
C THR G 154 7.68 -16.81 44.17
N GLU G 155 7.99 -17.91 43.49
CA GLU G 155 7.66 -18.05 42.08
C GLU G 155 6.19 -18.38 41.86
N ASP G 156 5.48 -18.77 42.92
CA ASP G 156 4.06 -19.09 42.79
C ASP G 156 3.20 -17.85 42.53
N LEU G 157 3.76 -16.65 42.65
CA LEU G 157 3.00 -15.44 42.39
C LEU G 157 2.52 -15.38 40.95
N THR G 158 3.36 -15.83 40.01
CA THR G 158 2.96 -15.85 38.61
C THR G 158 1.77 -16.79 38.39
N ALA G 159 1.83 -17.99 38.98
CA ALA G 159 0.72 -18.92 38.84
C ALA G 159 -0.55 -18.39 39.49
N ARG G 160 -0.41 -17.70 40.64
CA ARG G 160 -1.58 -17.14 41.30
C ARG G 160 -2.21 -16.05 40.45
N VAL G 161 -1.38 -15.18 39.85
CA VAL G 161 -1.91 -14.13 38.99
C VAL G 161 -2.56 -14.73 37.75
N LEU G 162 -1.98 -15.81 37.22
CA LEU G 162 -2.56 -16.46 36.05
C LEU G 162 -3.91 -17.08 36.39
N ASP G 163 -4.02 -17.69 37.58
CA ASP G 163 -5.30 -18.26 38.00
C ASP G 163 -6.34 -17.18 38.25
N LEU G 164 -5.93 -16.04 38.81
CA LEU G 164 -6.88 -14.95 39.04
C LEU G 164 -7.27 -14.26 37.74
N ALA G 165 -6.43 -14.34 36.71
CA ALA G 165 -6.72 -13.64 35.46
C ALA G 165 -7.44 -14.55 34.47
N SER G 166 -6.95 -15.78 34.28
CA SER G 166 -7.51 -16.69 33.27
C SER G 166 -7.25 -18.12 33.72
N PRO G 167 -8.22 -18.73 34.40
CA PRO G 167 -8.09 -20.15 34.75
C PRO G 167 -8.10 -21.02 33.49
N ILE G 168 -7.33 -22.09 33.53
CA ILE G 168 -7.13 -22.98 32.39
C ILE G 168 -7.73 -24.35 32.73
N GLY G 169 -8.51 -24.90 31.81
CA GLY G 169 -9.10 -26.20 31.96
C GLY G 169 -8.68 -27.15 30.83
N ARG G 170 -9.17 -28.38 30.92
CA ARG G 170 -8.86 -29.38 29.90
C ARG G 170 -9.57 -29.03 28.59
N GLY G 171 -8.82 -29.10 27.49
CA GLY G 171 -9.37 -28.76 26.19
C GLY G 171 -9.38 -27.29 25.85
N GLN G 172 -8.73 -26.46 26.66
CA GLN G 172 -8.71 -25.02 26.39
C GLN G 172 -7.85 -24.70 25.19
N ARG G 173 -8.26 -23.66 24.46
CA ARG G 173 -7.57 -23.20 23.26
C ARG G 173 -7.33 -21.70 23.42
N GLY G 174 -6.19 -21.34 24.04
CA GLY G 174 -5.88 -19.97 24.37
C GLY G 174 -4.74 -19.41 23.54
N LEU G 175 -4.41 -18.15 23.84
CA LEU G 175 -3.34 -17.42 23.17
C LEU G 175 -2.61 -16.55 24.17
N ILE G 176 -1.29 -16.54 24.08
CA ILE G 176 -0.44 -15.71 24.93
C ILE G 176 0.10 -14.60 24.04
N VAL G 177 -0.61 -13.47 24.01
CA VAL G 177 -0.22 -12.33 23.20
C VAL G 177 0.74 -11.46 23.99
N ALA G 178 1.92 -11.19 23.42
CA ALA G 178 2.94 -10.42 24.11
C ALA G 178 3.95 -9.91 23.10
N PRO G 179 4.34 -8.64 23.20
CA PRO G 179 5.43 -8.13 22.35
C PRO G 179 6.75 -8.76 22.73
N PRO G 180 7.76 -8.66 21.88
CA PRO G 180 9.07 -9.24 22.21
C PRO G 180 9.69 -8.54 23.41
N LYS G 181 10.62 -9.27 24.05
CA LYS G 181 11.34 -8.79 25.24
C LYS G 181 10.36 -8.47 26.37
N ALA G 182 9.37 -9.32 26.57
CA ALA G 182 8.38 -9.12 27.63
C ALA G 182 8.53 -10.11 28.77
N GLY G 183 9.06 -11.31 28.52
CA GLY G 183 9.18 -12.32 29.54
C GLY G 183 8.43 -13.58 29.21
N LYS G 184 8.25 -13.85 27.91
CA LYS G 184 7.50 -15.03 27.49
C LYS G 184 8.22 -16.31 27.89
N THR G 185 9.56 -16.29 27.89
CA THR G 185 10.33 -17.49 28.21
C THR G 185 10.11 -17.91 29.65
N MET G 186 10.28 -16.96 30.59
CA MET G 186 10.10 -17.28 32.01
C MET G 186 8.65 -17.68 32.29
N LEU G 187 7.69 -17.02 31.64
CA LEU G 187 6.30 -17.35 31.85
C LEU G 187 5.99 -18.76 31.36
N LEU G 188 6.52 -19.14 30.19
CA LEU G 188 6.31 -20.49 29.69
C LEU G 188 6.98 -21.53 30.57
N GLN G 189 8.18 -21.21 31.07
CA GLN G 189 8.86 -22.12 31.99
C GLN G 189 8.04 -22.33 33.26
N ASN G 190 7.50 -21.24 33.82
CA ASN G 190 6.69 -21.35 35.02
C ASN G 190 5.43 -22.15 34.77
N ILE G 191 4.79 -21.94 33.61
CA ILE G 191 3.58 -22.68 33.27
C ILE G 191 3.90 -24.17 33.15
N ALA G 192 4.99 -24.50 32.48
CA ALA G 192 5.35 -25.91 32.30
C ALA G 192 5.69 -26.56 33.64
N GLN G 193 6.42 -25.85 34.50
CA GLN G 193 6.75 -26.41 35.81
C GLN G 193 5.51 -26.60 36.66
N SER G 194 4.57 -25.64 36.63
CA SER G 194 3.35 -25.79 37.39
C SER G 194 2.48 -26.93 36.86
N ILE G 195 2.47 -27.14 35.54
CA ILE G 195 1.72 -28.25 34.98
C ILE G 195 2.36 -29.58 35.39
N ALA G 196 3.69 -29.66 35.35
CA ALA G 196 4.37 -30.89 35.72
C ALA G 196 4.24 -31.18 37.21
N TYR G 197 4.11 -30.14 38.04
CA TYR G 197 4.02 -30.33 39.48
C TYR G 197 2.59 -30.65 39.93
N ASN G 198 1.61 -29.90 39.43
CA ASN G 198 0.23 -30.08 39.89
C ASN G 198 -0.43 -31.27 39.21
N HIS G 199 -0.25 -31.43 37.91
CA HIS G 199 -0.89 -32.48 37.12
C HIS G 199 0.19 -33.30 36.41
N PRO G 200 0.86 -34.20 37.12
CA PRO G 200 1.88 -35.04 36.49
C PRO G 200 1.33 -36.13 35.59
N ASP G 201 0.03 -36.41 35.68
CA ASP G 201 -0.56 -37.47 34.86
C ASP G 201 -0.79 -37.06 33.42
N CYS G 202 -0.87 -35.76 33.13
CA CYS G 202 -1.11 -35.30 31.78
C CYS G 202 0.16 -35.38 30.95
N VAL G 203 -0.01 -35.62 29.65
CA VAL G 203 1.10 -35.72 28.73
C VAL G 203 1.47 -34.32 28.26
N LEU G 204 2.62 -33.82 28.71
CA LEU G 204 3.08 -32.47 28.38
C LEU G 204 4.02 -32.54 27.18
N MET G 205 3.74 -31.70 26.18
CA MET G 205 4.56 -31.62 24.98
C MET G 205 4.82 -30.15 24.67
N VAL G 206 6.09 -29.78 24.62
CA VAL G 206 6.50 -28.40 24.37
C VAL G 206 7.09 -28.34 22.96
N LEU G 207 6.47 -27.55 22.10
CA LEU G 207 6.90 -27.39 20.72
C LEU G 207 7.56 -26.03 20.56
N LEU G 208 8.81 -26.01 20.13
CA LEU G 208 9.58 -24.79 19.92
C LEU G 208 10.11 -24.80 18.49
N ILE G 209 9.46 -24.04 17.60
CA ILE G 209 9.81 -23.99 16.20
C ILE G 209 10.54 -22.69 15.93
N ASP G 210 11.68 -22.77 15.23
CA ASP G 210 12.44 -21.60 14.80
C ASP G 210 12.91 -20.77 15.99
N GLU G 211 13.62 -21.43 16.91
CA GLU G 211 14.17 -20.80 18.10
C GLU G 211 15.67 -21.07 18.17
N ARG G 212 16.31 -20.47 19.17
CA ARG G 212 17.75 -20.61 19.31
C ARG G 212 18.11 -21.95 19.94
N PRO G 213 19.24 -22.55 19.56
CA PRO G 213 19.62 -23.84 20.16
C PRO G 213 19.85 -23.75 21.66
N GLU G 214 20.39 -22.63 22.14
CA GLU G 214 20.58 -22.47 23.59
C GLU G 214 19.26 -22.51 24.34
N GLU G 215 18.23 -21.82 23.86
CA GLU G 215 16.92 -21.90 24.49
C GLU G 215 16.33 -23.30 24.39
N VAL G 216 16.60 -24.01 23.30
CA VAL G 216 16.09 -25.38 23.15
C VAL G 216 16.71 -26.28 24.21
N THR G 217 18.03 -26.25 24.34
CA THR G 217 18.70 -27.13 25.30
C THR G 217 18.42 -26.68 26.73
N GLU G 218 18.06 -25.41 26.92
CA GLU G 218 17.64 -24.94 28.24
C GLU G 218 16.28 -25.51 28.60
N MET G 219 15.32 -25.40 27.69
CA MET G 219 13.97 -25.93 27.95
C MET G 219 14.00 -27.44 28.10
N GLN G 220 14.87 -28.12 27.36
CA GLN G 220 14.94 -29.58 27.43
C GLN G 220 15.44 -30.05 28.79
N ARG G 221 16.32 -29.28 29.42
CA ARG G 221 16.90 -29.65 30.71
C ARG G 221 16.21 -28.97 31.89
N LEU G 222 15.07 -28.33 31.66
CA LEU G 222 14.36 -27.61 32.71
C LEU G 222 12.98 -28.17 33.01
N VAL G 223 12.21 -28.52 32.00
CA VAL G 223 10.84 -29.01 32.19
C VAL G 223 10.88 -30.53 32.34
N LYS G 224 9.89 -31.06 33.04
CA LYS G 224 9.75 -32.50 33.25
C LYS G 224 8.75 -33.07 32.26
N GLY G 225 9.21 -33.22 31.02
CA GLY G 225 8.35 -33.75 29.98
C GLY G 225 9.08 -33.92 28.69
N GLU G 226 8.31 -34.05 27.61
CA GLU G 226 8.86 -34.22 26.27
C GLU G 226 9.05 -32.86 25.61
N VAL G 227 10.19 -32.69 24.95
CA VAL G 227 10.52 -31.43 24.27
C VAL G 227 10.89 -31.75 22.83
N VAL G 228 10.05 -31.34 21.89
CA VAL G 228 10.30 -31.48 20.47
C VAL G 228 10.46 -30.08 19.89
N ALA G 229 11.66 -29.77 19.40
CA ALA G 229 11.99 -28.44 18.92
C ALA G 229 12.68 -28.52 17.57
N SER G 230 12.72 -27.37 16.88
CA SER G 230 13.36 -27.26 15.57
C SER G 230 13.96 -25.86 15.47
N THR G 231 15.29 -25.78 15.55
CA THR G 231 15.98 -24.50 15.53
C THR G 231 15.81 -23.81 14.18
N PHE G 232 16.22 -22.54 14.13
CA PHE G 232 16.12 -21.76 12.91
C PHE G 232 17.06 -22.24 11.81
N ASP G 233 18.08 -23.04 12.15
CA ASP G 233 18.99 -23.56 11.14
C ASP G 233 18.34 -24.56 10.21
N GLU G 234 17.12 -25.00 10.50
CA GLU G 234 16.41 -25.94 9.67
C GLU G 234 15.41 -25.23 8.77
N PRO G 235 15.15 -25.75 7.58
CA PRO G 235 14.19 -25.11 6.68
C PRO G 235 12.77 -25.23 7.21
N ALA G 236 11.86 -24.49 6.56
CA ALA G 236 10.47 -24.49 6.98
C ALA G 236 9.80 -25.84 6.72
N SER G 237 10.36 -26.64 5.80
CA SER G 237 9.81 -27.96 5.55
C SER G 237 9.90 -28.84 6.78
N ARG G 238 11.04 -28.81 7.48
CA ARG G 238 11.16 -29.58 8.71
C ARG G 238 10.21 -29.06 9.78
N HIS G 239 10.01 -27.74 9.81
CA HIS G 239 9.05 -27.17 10.75
C HIS G 239 7.65 -27.73 10.50
N VAL G 240 7.21 -27.74 9.24
CA VAL G 240 5.89 -28.26 8.90
C VAL G 240 5.81 -29.74 9.25
N GLN G 241 6.87 -30.49 8.95
CA GLN G 241 6.87 -31.92 9.24
C GLN G 241 6.76 -32.19 10.74
N VAL G 242 7.51 -31.43 11.54
CA VAL G 242 7.47 -31.61 12.99
C VAL G 242 6.09 -31.25 13.53
N ALA G 243 5.51 -30.15 13.04
CA ALA G 243 4.17 -29.76 13.49
C ALA G 243 3.15 -30.84 13.15
N GLU G 244 3.22 -31.39 11.93
CA GLU G 244 2.29 -32.43 11.53
C GLU G 244 2.46 -33.69 12.38
N MET G 245 3.71 -34.10 12.63
CA MET G 245 3.94 -35.28 13.46
C MET G 245 3.42 -35.07 14.87
N VAL G 246 3.67 -33.89 15.44
CA VAL G 246 3.22 -33.61 16.81
C VAL G 246 1.70 -33.63 16.89
N ILE G 247 1.03 -32.97 15.94
CA ILE G 247 -0.43 -32.92 16.01
C ILE G 247 -1.04 -34.29 15.74
N GLU G 248 -0.42 -35.10 14.88
CA GLU G 248 -0.93 -36.45 14.64
C GLU G 248 -0.75 -37.33 15.86
N LYS G 249 0.41 -37.22 16.53
CA LYS G 249 0.60 -37.98 17.77
C LYS G 249 -0.38 -37.54 18.83
N ALA G 250 -0.65 -36.24 18.92
CA ALA G 250 -1.62 -35.74 19.89
C ALA G 250 -3.01 -36.29 19.60
N LYS G 251 -3.41 -36.30 18.34
CA LYS G 251 -4.71 -36.85 17.98
C LYS G 251 -4.79 -38.34 18.29
N ARG G 252 -3.73 -39.09 17.98
CA ARG G 252 -3.73 -40.53 18.27
C ARG G 252 -3.79 -40.79 19.76
N LEU G 253 -3.15 -39.94 20.57
CA LEU G 253 -3.23 -40.10 22.02
C LEU G 253 -4.61 -39.76 22.55
N VAL G 254 -5.21 -38.68 22.04
CA VAL G 254 -6.56 -38.30 22.48
C VAL G 254 -7.56 -39.38 22.10
N GLU G 255 -7.35 -40.06 20.96
CA GLU G 255 -8.23 -41.14 20.56
C GLU G 255 -8.24 -42.29 21.57
N HIS G 256 -7.19 -42.41 22.39
CA HIS G 256 -7.13 -43.42 23.44
C HIS G 256 -7.47 -42.82 24.81
N LYS G 257 -8.25 -41.73 24.84
CA LYS G 257 -8.70 -41.10 26.08
C LYS G 257 -7.51 -40.64 26.94
N LYS G 258 -6.59 -39.91 26.33
CA LYS G 258 -5.44 -39.35 27.03
C LYS G 258 -5.54 -37.83 27.06
N ASP G 259 -4.97 -37.24 28.10
CA ASP G 259 -4.97 -35.79 28.28
C ASP G 259 -3.65 -35.24 27.76
N VAL G 260 -3.70 -34.67 26.55
CA VAL G 260 -2.52 -34.11 25.90
C VAL G 260 -2.49 -32.60 26.12
N ILE G 261 -1.31 -32.08 26.43
CA ILE G 261 -1.10 -30.65 26.61
C ILE G 261 0.04 -30.20 25.71
N ILE G 262 -0.23 -29.25 24.83
CA ILE G 262 0.75 -28.74 23.88
C ILE G 262 0.99 -27.27 24.18
N LEU G 263 2.23 -26.94 24.54
CA LEU G 263 2.63 -25.57 24.83
C LEU G 263 3.39 -25.03 23.62
N LEU G 264 2.67 -24.41 22.70
CA LEU G 264 3.27 -23.86 21.49
C LEU G 264 3.81 -22.47 21.78
N ASP G 265 5.00 -22.17 21.26
CA ASP G 265 5.64 -20.88 21.44
C ASP G 265 5.98 -20.21 20.11
N SER G 266 5.49 -20.74 19.00
CA SER G 266 5.88 -20.26 17.68
C SER G 266 4.75 -20.26 16.67
N ILE G 267 3.51 -19.98 17.10
CA ILE G 267 2.37 -19.96 16.19
C ILE G 267 2.63 -18.98 15.05
N THR G 268 3.24 -17.83 15.36
CA THR G 268 3.61 -16.88 14.34
C THR G 268 4.69 -17.46 13.41
N ARG G 269 5.70 -18.09 14.01
CA ARG G 269 6.75 -18.72 13.21
C ARG G 269 6.21 -19.87 12.38
N LEU G 270 5.25 -20.62 12.94
CA LEU G 270 4.62 -21.70 12.18
C LEU G 270 3.83 -21.15 10.99
N ALA G 271 3.11 -20.05 11.20
CA ALA G 271 2.39 -19.43 10.09
C ALA G 271 3.35 -18.90 9.03
N ARG G 272 4.48 -18.34 9.46
CA ARG G 272 5.48 -17.89 8.50
C ARG G 272 6.04 -19.06 7.70
N ALA G 273 6.29 -20.19 8.38
CA ALA G 273 6.80 -21.37 7.67
C ALA G 273 5.78 -21.88 6.67
N TYR G 274 4.50 -21.90 7.05
CA TYR G 274 3.46 -22.37 6.12
C TYR G 274 3.31 -21.41 4.94
N ASN G 275 3.44 -20.11 5.19
CA ASN G 275 3.39 -19.14 4.11
C ASN G 275 4.61 -19.23 3.21
N THR G 276 5.73 -19.73 3.73
CA THR G 276 6.93 -19.91 2.91
C THR G 276 6.87 -21.18 2.08
N VAL G 277 6.29 -22.26 2.62
CA VAL G 277 6.26 -23.54 1.91
C VAL G 277 5.11 -23.65 0.93
N VAL G 278 4.16 -22.72 0.96
CA VAL G 278 3.01 -22.79 0.05
C VAL G 278 3.42 -22.24 -1.31
N PRO G 279 3.05 -22.91 -2.40
CA PRO G 279 3.41 -22.40 -3.73
C PRO G 279 2.72 -21.07 -4.01
N ALA G 280 3.42 -20.19 -4.74
CA ALA G 280 2.87 -18.89 -5.09
C ALA G 280 1.70 -19.04 -6.05
N SER G 281 0.62 -18.30 -5.78
CA SER G 281 -0.58 -18.34 -6.61
C SER G 281 -0.83 -17.03 -7.33
N GLY G 282 0.13 -16.11 -7.31
CA GLY G 282 -0.05 -14.83 -7.98
C GLY G 282 -0.97 -13.86 -7.29
N LYS G 283 -1.41 -14.16 -6.07
CA LYS G 283 -2.30 -13.28 -5.33
C LYS G 283 -1.76 -13.13 -3.91
N VAL G 284 -1.36 -11.91 -3.56
CA VAL G 284 -0.78 -11.61 -2.26
C VAL G 284 -1.67 -10.61 -1.54
N LEU G 285 -2.01 -10.91 -0.30
CA LEU G 285 -2.85 -10.01 0.49
C LEU G 285 -2.00 -8.94 1.17
N THR G 286 -2.66 -8.13 1.99
CA THR G 286 -1.98 -7.05 2.70
C THR G 286 -1.01 -7.62 3.72
N GLY G 287 0.26 -7.20 3.64
CA GLY G 287 1.28 -7.64 4.56
C GLY G 287 2.14 -8.78 4.06
N GLY G 288 1.83 -9.36 2.90
CA GLY G 288 2.61 -10.47 2.38
C GLY G 288 2.12 -11.83 2.82
N VAL G 289 0.82 -11.99 3.02
CA VAL G 289 0.23 -13.25 3.47
C VAL G 289 -0.54 -13.86 2.31
N ASP G 290 -0.31 -15.14 2.04
CA ASP G 290 -1.03 -15.82 0.99
C ASP G 290 -2.46 -16.13 1.44
N ALA G 291 -3.37 -16.25 0.47
CA ALA G 291 -4.77 -16.50 0.79
C ALA G 291 -4.98 -17.88 1.40
N ASN G 292 -4.16 -18.87 1.00
CA ASN G 292 -4.31 -20.23 1.48
C ASN G 292 -3.15 -20.64 2.40
N ALA G 293 -2.44 -19.67 2.96
CA ALA G 293 -1.32 -19.99 3.84
C ALA G 293 -1.74 -20.18 5.29
N LEU G 294 -2.78 -19.47 5.73
CA LEU G 294 -3.24 -19.53 7.11
C LEU G 294 -4.18 -20.70 7.38
N HIS G 295 -4.53 -21.48 6.36
CA HIS G 295 -5.48 -22.57 6.56
C HIS G 295 -4.87 -23.68 7.41
N ARG G 296 -3.63 -24.06 7.11
CA ARG G 296 -2.97 -25.11 7.90
C ARG G 296 -2.75 -24.70 9.35
N PRO G 297 -2.22 -23.50 9.66
CA PRO G 297 -2.17 -23.10 11.08
C PRO G 297 -3.55 -22.97 11.70
N LYS G 298 -4.55 -22.56 10.92
CA LYS G 298 -5.91 -22.50 11.45
C LYS G 298 -6.38 -23.87 11.92
N ARG G 299 -6.17 -24.90 11.10
CA ARG G 299 -6.56 -26.25 11.49
C ARG G 299 -5.71 -26.76 12.65
N PHE G 300 -4.40 -26.47 12.65
CA PHE G 300 -3.55 -26.90 13.74
C PHE G 300 -4.01 -26.28 15.07
N PHE G 301 -4.46 -25.03 15.03
CA PHE G 301 -4.96 -24.39 16.24
C PHE G 301 -6.32 -24.97 16.64
N GLY G 302 -7.23 -25.11 15.68
CA GLY G 302 -8.55 -25.63 15.97
C GLY G 302 -8.61 -27.10 16.31
N ALA G 303 -7.49 -27.82 16.16
CA ALA G 303 -7.47 -29.23 16.54
C ALA G 303 -7.75 -29.40 18.02
N ALA G 304 -7.36 -28.41 18.84
CA ALA G 304 -7.60 -28.48 20.27
C ALA G 304 -9.09 -28.49 20.58
N ARG G 305 -9.53 -29.44 21.39
CA ARG G 305 -10.92 -29.59 21.75
C ARG G 305 -11.03 -30.53 22.94
N ASN G 306 -12.14 -30.44 23.65
CA ASN G 306 -12.44 -31.31 24.78
C ASN G 306 -13.38 -32.41 24.33
N VAL G 307 -13.04 -33.65 24.64
CA VAL G 307 -13.80 -34.82 24.20
C VAL G 307 -14.68 -35.29 25.35
N GLU G 308 -15.95 -35.56 25.04
CA GLU G 308 -16.88 -36.04 26.05
C GLU G 308 -16.66 -37.52 26.37
N GLU G 309 -16.29 -38.32 25.37
CA GLU G 309 -16.06 -39.74 25.61
C GLU G 309 -14.84 -39.98 26.48
N GLY G 310 -13.85 -39.08 26.42
CA GLY G 310 -12.65 -39.24 27.22
C GLY G 310 -11.45 -38.52 26.63
N GLY G 311 -10.61 -37.96 27.50
CA GLY G 311 -9.43 -37.25 27.05
C GLY G 311 -9.72 -35.82 26.67
N SER G 312 -8.65 -35.10 26.36
CA SER G 312 -8.74 -33.69 26.00
C SER G 312 -7.45 -33.30 25.30
N LEU G 313 -7.49 -32.14 24.62
CA LEU G 313 -6.33 -31.61 23.90
C LEU G 313 -6.25 -30.11 24.16
N THR G 314 -5.21 -29.70 24.87
CA THR G 314 -5.00 -28.29 25.21
C THR G 314 -3.82 -27.75 24.41
N ILE G 315 -4.03 -26.60 23.77
CA ILE G 315 -3.01 -25.95 22.96
C ILE G 315 -2.91 -24.51 23.41
N ILE G 316 -1.77 -24.12 23.97
CA ILE G 316 -1.51 -22.77 24.43
C ILE G 316 -0.41 -22.20 23.54
N ALA G 317 -0.79 -21.36 22.59
CA ALA G 317 0.15 -20.76 21.65
C ALA G 317 0.46 -19.33 22.04
N THR G 318 1.71 -18.91 21.85
CA THR G 318 2.15 -17.56 22.17
C THR G 318 2.33 -16.79 20.86
N ALA G 319 1.49 -15.78 20.65
CA ALA G 319 1.54 -14.98 19.44
C ALA G 319 2.47 -13.78 19.63
N LEU G 320 3.09 -13.35 18.53
CA LEU G 320 4.01 -12.22 18.55
C LEU G 320 3.35 -11.00 17.92
N ILE G 321 3.47 -9.86 18.60
CA ILE G 321 2.93 -8.59 18.12
C ILE G 321 4.01 -7.53 18.26
N ASP G 322 3.82 -6.41 17.54
CA ASP G 322 4.73 -5.27 17.58
C ASP G 322 6.15 -5.67 17.22
N THR G 323 6.28 -6.59 16.27
CA THR G 323 7.57 -7.08 15.81
C THR G 323 8.12 -6.28 14.63
N GLY G 324 7.42 -5.23 14.21
CA GLY G 324 7.86 -4.43 13.08
C GLY G 324 7.47 -4.97 11.72
N SER G 325 6.90 -6.17 11.64
CA SER G 325 6.49 -6.78 10.39
C SER G 325 4.96 -6.79 10.32
N LYS G 326 4.42 -6.30 9.21
CA LYS G 326 2.97 -6.26 9.05
C LYS G 326 2.39 -7.66 8.89
N MET G 327 3.19 -8.62 8.42
CA MET G 327 2.70 -9.98 8.25
C MET G 327 2.31 -10.59 9.59
N ASP G 328 3.16 -10.42 10.60
CA ASP G 328 2.85 -10.92 11.94
C ASP G 328 1.63 -10.22 12.52
N GLU G 329 1.46 -8.92 12.24
CA GLU G 329 0.28 -8.20 12.70
C GLU G 329 -0.98 -8.76 12.07
N VAL G 330 -0.87 -9.23 10.83
CA VAL G 330 -2.03 -9.91 10.20
C VAL G 330 -2.00 -11.39 10.64
N ILE G 331 -0.81 -12.00 10.69
CA ILE G 331 -0.67 -13.46 11.03
C ILE G 331 -1.01 -13.68 12.50
N TYR G 332 -0.30 -13.02 13.43
CA TYR G 332 -0.67 -13.15 14.86
C TYR G 332 -2.16 -12.87 14.98
N GLU G 333 -2.62 -11.77 14.35
CA GLU G 333 -4.08 -11.50 14.36
C GLU G 333 -4.73 -12.45 13.37
N GLU G 334 -5.93 -12.16 12.88
CA GLU G 334 -6.65 -13.16 12.07
C GLU G 334 -6.82 -14.34 13.02
N PHE G 335 -5.84 -14.53 13.92
CA PHE G 335 -5.97 -15.55 14.96
C PHE G 335 -6.62 -15.03 16.23
N LYS G 336 -6.82 -13.71 16.34
CA LYS G 336 -7.42 -13.17 17.56
C LYS G 336 -8.86 -13.61 17.73
N GLY G 337 -9.65 -13.54 16.65
CA GLY G 337 -11.05 -13.95 16.70
C GLY G 337 -11.29 -15.43 16.66
N THR G 338 -10.25 -16.25 16.86
CA THR G 338 -10.37 -17.70 16.77
C THR G 338 -10.39 -18.38 18.13
N GLY G 339 -9.42 -18.08 19.00
CA GLY G 339 -9.35 -18.71 20.30
C GLY G 339 -10.38 -18.15 21.26
N ASN G 340 -10.35 -18.71 22.49
CA ASN G 340 -11.28 -18.27 23.52
C ASN G 340 -10.56 -17.87 24.81
N MET G 341 -9.30 -17.48 24.73
CA MET G 341 -8.55 -17.03 25.91
C MET G 341 -7.38 -16.19 25.44
N GLU G 342 -7.27 -14.97 25.94
CA GLU G 342 -6.19 -14.06 25.60
C GLU G 342 -5.53 -13.57 26.88
N LEU G 343 -4.23 -13.81 27.01
CA LEU G 343 -3.43 -13.37 28.16
C LEU G 343 -2.41 -12.37 27.63
N HIS G 344 -2.78 -11.08 27.67
CA HIS G 344 -1.92 -10.04 27.14
C HIS G 344 -0.85 -9.64 28.14
N LEU G 345 0.34 -9.34 27.63
CA LEU G 345 1.45 -8.86 28.43
C LEU G 345 1.85 -7.46 27.96
N SER G 346 2.12 -6.58 28.90
CA SER G 346 2.41 -5.18 28.61
C SER G 346 3.92 -4.95 28.60
N ARG G 347 4.41 -4.32 27.52
CA ARG G 347 5.84 -3.98 27.44
C ARG G 347 6.19 -2.86 28.41
N LYS G 348 5.25 -1.93 28.64
CA LYS G 348 5.52 -0.82 29.54
C LYS G 348 5.75 -1.32 30.97
N ILE G 349 5.03 -2.36 31.38
CA ILE G 349 5.24 -2.92 32.71
C ILE G 349 6.53 -3.73 32.76
N ALA G 350 6.89 -4.37 31.65
CA ALA G 350 8.14 -5.14 31.62
C ALA G 350 9.36 -4.23 31.66
N GLU G 351 9.25 -3.03 31.08
CA GLU G 351 10.35 -2.09 31.13
C GLU G 351 10.62 -1.58 32.55
N LYS G 352 9.60 -1.58 33.40
CA LYS G 352 9.76 -1.18 34.80
C LYS G 352 10.28 -2.31 35.67
N ARG G 353 10.64 -3.44 35.08
CA ARG G 353 11.16 -4.61 35.80
C ARG G 353 10.16 -5.09 36.86
N VAL G 354 8.88 -5.10 36.51
CA VAL G 354 7.82 -5.56 37.38
C VAL G 354 7.34 -6.91 36.82
N PHE G 355 7.85 -7.99 37.39
CA PHE G 355 7.50 -9.33 36.93
C PHE G 355 6.50 -9.97 37.87
N PRO G 356 5.43 -10.59 37.35
CA PRO G 356 5.16 -10.69 35.92
C PRO G 356 4.46 -9.45 35.35
N ALA G 357 4.70 -9.15 34.08
CA ALA G 357 4.10 -8.01 33.40
C ALA G 357 2.89 -8.50 32.62
N ILE G 358 1.78 -8.70 33.34
CA ILE G 358 0.56 -9.23 32.77
C ILE G 358 -0.48 -8.13 32.70
N ASP G 359 -1.13 -7.99 31.55
CA ASP G 359 -2.22 -7.02 31.37
C ASP G 359 -3.49 -7.67 31.91
N TYR G 360 -3.81 -7.38 33.18
CA TYR G 360 -4.97 -8.00 33.81
C TYR G 360 -6.28 -7.50 33.22
N ASN G 361 -6.28 -6.27 32.69
CA ASN G 361 -7.51 -5.69 32.17
C ASN G 361 -8.00 -6.43 30.93
N ARG G 362 -7.13 -6.62 29.94
CA ARG G 362 -7.55 -7.25 28.70
C ARG G 362 -7.58 -8.77 28.79
N SER G 363 -7.07 -9.36 29.87
CA SER G 363 -7.13 -10.80 30.03
C SER G 363 -8.54 -11.23 30.42
N GLY G 364 -8.77 -12.53 30.36
CA GLY G 364 -10.06 -13.09 30.70
C GLY G 364 -10.27 -14.43 30.02
N THR G 365 -11.31 -15.12 30.47
CA THR G 365 -11.68 -16.42 29.95
C THR G 365 -13.20 -16.49 29.77
N ARG G 366 -13.63 -17.00 28.61
CA ARG G 366 -15.05 -17.16 28.35
C ARG G 366 -15.57 -18.42 29.01
N LYS G 367 -16.81 -18.36 29.49
CA LYS G 367 -17.44 -19.48 30.21
C LYS G 367 -16.61 -19.89 31.41
N GLU G 368 -16.12 -18.90 32.16
CA GLU G 368 -15.28 -19.17 33.32
C GLU G 368 -16.08 -19.77 34.47
N GLU G 369 -17.41 -19.67 34.45
CA GLU G 369 -18.23 -20.22 35.51
C GLU G 369 -18.21 -21.75 35.52
N LEU G 370 -17.79 -22.37 34.42
CA LEU G 370 -17.71 -23.83 34.35
C LEU G 370 -16.45 -24.40 34.99
N LEU G 371 -15.52 -23.53 35.41
CA LEU G 371 -14.28 -23.98 36.04
C LEU G 371 -14.12 -23.43 37.46
N THR G 372 -14.99 -22.54 37.91
CA THR G 372 -14.89 -21.96 39.24
C THR G 372 -16.26 -22.03 39.92
N THR G 373 -16.23 -21.99 41.24
CA THR G 373 -17.46 -22.03 42.02
C THR G 373 -18.15 -20.67 41.99
N GLN G 374 -19.32 -20.60 42.63
CA GLN G 374 -20.09 -19.36 42.65
C GLN G 374 -19.38 -18.28 43.45
N GLU G 375 -18.94 -18.61 44.66
CA GLU G 375 -18.26 -17.62 45.50
C GLU G 375 -16.93 -17.21 44.89
N GLU G 376 -16.21 -18.16 44.28
CA GLU G 376 -14.95 -17.83 43.64
C GLU G 376 -15.17 -16.89 42.45
N LEU G 377 -16.21 -17.16 41.65
CA LEU G 377 -16.52 -16.29 40.53
C LEU G 377 -16.93 -14.90 41.01
N GLN G 378 -17.70 -14.82 42.09
CA GLN G 378 -18.10 -13.53 42.63
C GLN G 378 -16.89 -12.75 43.13
N LYS G 379 -15.96 -13.43 43.82
CA LYS G 379 -14.76 -12.77 44.29
C LYS G 379 -13.89 -12.29 43.14
N MET G 380 -13.78 -13.10 42.07
CA MET G 380 -13.02 -12.67 40.91
C MET G 380 -13.67 -11.47 40.23
N TRP G 381 -15.01 -11.46 40.16
CA TRP G 381 -15.71 -10.32 39.59
C TRP G 381 -15.48 -9.05 40.41
N ILE G 382 -15.53 -9.17 41.74
CA ILE G 382 -15.27 -8.02 42.60
C ILE G 382 -13.84 -7.53 42.43
N LEU G 383 -12.88 -8.46 42.36
CA LEU G 383 -11.49 -8.08 42.18
C LEU G 383 -11.29 -7.37 40.84
N ARG G 384 -11.96 -7.84 39.79
CA ARG G 384 -11.85 -7.18 38.49
C ARG G 384 -12.48 -5.79 38.52
N LYS G 385 -13.63 -5.65 39.20
CA LYS G 385 -14.27 -4.34 39.28
C LYS G 385 -13.46 -3.37 40.12
N ILE G 386 -12.68 -3.88 41.07
CA ILE G 386 -11.81 -2.99 41.86
C ILE G 386 -10.55 -2.64 41.08
N ILE G 387 -10.02 -3.59 40.31
CA ILE G 387 -8.76 -3.36 39.60
C ILE G 387 -8.98 -2.48 38.36
N HIS G 388 -10.13 -2.60 37.70
CA HIS G 388 -10.39 -1.90 36.45
C HIS G 388 -10.15 -0.40 36.50
N PRO G 389 -10.61 0.34 37.53
CA PRO G 389 -10.36 1.80 37.52
C PRO G 389 -8.88 2.16 37.58
N MET G 390 -8.08 1.40 38.33
CA MET G 390 -6.67 1.72 38.48
C MET G 390 -5.91 1.45 37.18
N GLY G 391 -4.77 2.12 37.03
CA GLY G 391 -3.93 1.92 35.88
C GLY G 391 -3.25 0.55 35.90
N GLU G 392 -2.66 0.21 34.75
CA GLU G 392 -2.07 -1.11 34.60
C GLU G 392 -0.91 -1.31 35.59
N ILE G 393 0.04 -0.39 35.59
CA ILE G 393 1.20 -0.52 36.49
C ILE G 393 0.74 -0.44 37.95
N ASP G 394 -0.17 0.49 38.25
CA ASP G 394 -0.68 0.61 39.61
C ASP G 394 -1.43 -0.64 40.05
N ALA G 395 -2.25 -1.21 39.16
CA ALA G 395 -2.99 -2.43 39.50
C ALA G 395 -2.03 -3.60 39.72
N MET G 396 -0.99 -3.69 38.89
CA MET G 396 -0.02 -4.77 39.06
C MET G 396 0.74 -4.63 40.38
N GLU G 397 1.14 -3.41 40.73
CA GLU G 397 1.82 -3.19 42.00
C GLU G 397 0.92 -3.52 43.17
N PHE G 398 -0.36 -3.10 43.10
CA PHE G 398 -1.31 -3.41 44.15
C PHE G 398 -1.48 -4.93 44.30
N LEU G 399 -1.65 -5.62 43.18
CA LEU G 399 -1.84 -7.08 43.23
C LEU G 399 -0.62 -7.77 43.81
N ILE G 400 0.59 -7.34 43.41
CA ILE G 400 1.80 -7.95 43.94
C ILE G 400 1.93 -7.70 45.43
N ASN G 401 1.67 -6.46 45.88
CA ASN G 401 1.81 -6.14 47.29
C ASN G 401 0.76 -6.86 48.13
N LYS G 402 -0.41 -7.13 47.55
CA LYS G 402 -1.44 -7.84 48.29
C LYS G 402 -1.24 -9.35 48.29
N LEU G 403 -0.63 -9.90 47.23
CA LEU G 403 -0.37 -11.33 47.21
C LEU G 403 0.90 -11.69 47.97
N ALA G 404 1.81 -10.73 48.17
CA ALA G 404 3.01 -11.00 48.96
C ALA G 404 2.70 -11.14 50.43
N MET G 405 1.55 -10.62 50.89
CA MET G 405 1.23 -10.69 52.32
C MET G 405 0.83 -12.09 52.75
N THR G 406 0.17 -12.84 51.88
CA THR G 406 -0.33 -14.18 52.21
C THR G 406 0.24 -15.20 51.23
N LYS G 407 -0.10 -16.47 51.49
CA LYS G 407 0.35 -17.55 50.63
C LYS G 407 -0.72 -18.00 49.64
N THR G 408 -1.98 -18.03 50.07
CA THR G 408 -3.08 -18.47 49.23
C THR G 408 -3.97 -17.28 48.87
N ASN G 409 -4.61 -17.39 47.71
CA ASN G 409 -5.49 -16.30 47.25
C ASN G 409 -6.79 -16.27 48.03
N ASP G 410 -7.15 -17.37 48.71
CA ASP G 410 -8.38 -17.38 49.51
C ASP G 410 -8.27 -16.38 50.66
N ASP G 411 -7.10 -16.31 51.30
CA ASP G 411 -6.92 -15.33 52.37
C ASP G 411 -7.00 -13.91 51.85
N PHE G 412 -6.46 -13.65 50.66
CA PHE G 412 -6.57 -12.33 50.06
C PHE G 412 -8.03 -11.98 49.77
N PHE G 413 -8.78 -12.92 49.21
CA PHE G 413 -10.20 -12.67 48.94
C PHE G 413 -10.98 -12.44 50.23
N GLU G 414 -10.65 -13.17 51.29
CA GLU G 414 -11.33 -12.99 52.56
C GLU G 414 -10.98 -11.65 53.20
N MET G 415 -9.75 -11.17 53.01
CA MET G 415 -9.35 -9.89 53.57
C MET G 415 -9.87 -8.72 52.75
N MET G 416 -10.17 -8.94 51.46
CA MET G 416 -10.71 -7.86 50.64
C MET G 416 -12.10 -7.45 51.12
N LYS G 417 -12.89 -8.40 51.59
CA LYS G 417 -14.24 -8.11 52.08
C LYS G 417 -14.18 -7.43 53.45
#